data_8CXT
#
_entry.id   8CXT
#
_cell.length_a   82.213
_cell.length_b   161.667
_cell.length_c   230.797
_cell.angle_alpha   90.000
_cell.angle_beta   90.000
_cell.angle_gamma   90.000
#
_symmetry.space_group_name_H-M   'P 21 21 21'
#
loop_
_entity.id
_entity.type
_entity.pdbx_description
1 polymer 'Site-specific DNA-methyltransferase (adenine-specific)'
2 polymer 'DNA Strand 1'
3 polymer 'DNA Strand 2'
4 non-polymer 'POTASSIUM ION'
5 non-polymer N-benzyladenosine
6 non-polymer 1,2-ETHANEDIOL
7 water water
#
loop_
_entity_poly.entity_id
_entity_poly.type
_entity_poly.pdbx_seq_one_letter_code
_entity_poly.pdbx_strand_id
1 'polypeptide(L)'
;HMDDISQDNFLLSKEYENSLDVDTKKASGIYYTPKIIVDYIVKKTLKNHDIIKNPYPRILDISCGCGNFLLEVYDILYDL
FEENIYELKKKYDENYWTVDNIHRHILNYCIYGADIDEKAISILKDSLTNKKVVNDLDESDIKINLFCCDSLKKKWRYKF
DYIVGNPPYIGHKKLEKKYKKFLLEKYSEVYKDKADLYFCFYKKIIDILKQGGIGSVITPRYFLESLSGKDLREYIKSNV
NVQEIVDFLGANIFKNIGVSSCILTFDKKKTKETYIDVFKIKNEDICINKFETLEELLKSSKFEHFNINQRLLSDEWILV
NKDDETFYNKIQEKCKYSLEDIAISFQGIITGCDKAFILSKDDVKLNLVDDKFLKCWIKSKNINKYIVDKSEYRLIYSND
IDNENTNKRILDEIIGLYKTKLENRRECKSGIRKWYELQWGREKLFFERKKIMYPYKSNENRFAIDYDNNFSSADVYSFF
IKEEYLDKFSYEYLVGILNSSVYDKYFKITAKKMSKNIYDYYPNKVMKIRIFRDNNYEEIENLSKQIISILLNKSIDKGK
VEKLQIKMDNLIMDSLGI
;
A,B,C
2 'polydeoxyribonucleotide' (DT)(DT)(DC)(DA)(DA)(DA)(DA)(DA)(DG)(DT)(DC)(DC)(DC)(DA) D,F,H
3 'polydeoxyribonucleotide' (DA)(DT)(DG)(DG)(DG)(DA)(DC)(DT)(DT)(DT)(DT)(DT)(DG)(DA) E,G,I
#
# COMPACT_ATOMS: atom_id res chain seq x y z
N SER A 28 36.13 20.91 28.02
CA SER A 28 37.29 21.41 27.29
C SER A 28 37.11 21.25 25.79
N GLY A 29 38.19 20.90 25.10
CA GLY A 29 38.13 20.71 23.67
C GLY A 29 39.29 21.31 22.90
N ILE A 30 40.28 21.85 23.62
CA ILE A 30 41.46 22.45 23.01
C ILE A 30 42.67 21.63 23.43
N TYR A 31 43.42 21.13 22.44
CA TYR A 31 44.56 20.26 22.66
C TYR A 31 45.83 20.95 22.19
N TYR A 32 46.87 20.90 23.02
CA TYR A 32 48.15 21.53 22.71
C TYR A 32 49.03 20.55 21.95
N THR A 33 49.50 20.98 20.78
CA THR A 33 50.45 20.22 19.95
C THR A 33 51.87 20.52 20.39
N PRO A 34 52.72 19.49 20.54
CA PRO A 34 54.11 19.73 20.94
C PRO A 34 54.83 20.68 20.00
N LYS A 35 55.67 21.54 20.58
CA LYS A 35 56.30 22.61 19.81
C LYS A 35 57.16 22.06 18.67
N ILE A 36 57.78 20.90 18.88
CA ILE A 36 58.60 20.31 17.82
C ILE A 36 57.75 20.04 16.59
N ILE A 37 56.56 19.47 16.78
CA ILE A 37 55.66 19.17 15.67
C ILE A 37 55.23 20.45 14.96
N VAL A 38 54.85 21.47 15.75
CA VAL A 38 54.39 22.73 15.16
C VAL A 38 55.49 23.36 14.31
N ASP A 39 56.70 23.41 14.85
CA ASP A 39 57.82 23.97 14.11
C ASP A 39 58.08 23.18 12.84
N TYR A 40 58.05 21.85 12.92
CA TYR A 40 58.29 21.04 11.72
C TYR A 40 57.24 21.33 10.66
N ILE A 41 55.97 21.42 11.05
CA ILE A 41 54.89 21.59 10.07
C ILE A 41 54.98 22.96 9.41
N VAL A 42 55.16 24.01 10.21
CA VAL A 42 55.25 25.35 9.66
C VAL A 42 56.47 25.46 8.74
N LYS A 43 57.62 24.94 9.18
CA LYS A 43 58.83 24.97 8.37
C LYS A 43 58.64 24.20 7.07
N LYS A 44 57.96 23.05 7.15
CA LYS A 44 57.74 22.25 5.95
C LYS A 44 56.91 23.01 4.94
N THR A 45 55.89 23.75 5.39
CA THR A 45 55.08 24.48 4.44
C THR A 45 55.76 25.75 3.91
N LEU A 46 56.61 26.41 4.72
CA LEU A 46 57.13 27.72 4.36
C LEU A 46 58.63 27.73 4.08
N LYS A 47 59.27 26.58 3.98
CA LYS A 47 60.73 26.53 3.88
C LYS A 47 61.23 27.23 2.61
N ASN A 48 60.61 26.95 1.47
CA ASN A 48 61.09 27.39 0.17
C ASN A 48 60.08 28.30 -0.51
N HIS A 49 59.47 29.21 0.24
CA HIS A 49 58.55 30.17 -0.34
C HIS A 49 59.33 31.33 -0.94
N ASP A 50 58.96 31.72 -2.17
CA ASP A 50 59.61 32.84 -2.87
C ASP A 50 58.85 34.11 -2.51
N ILE A 51 59.28 34.76 -1.43
CA ILE A 51 58.57 35.93 -0.95
C ILE A 51 58.69 37.10 -1.92
N ILE A 52 59.75 37.15 -2.72
CA ILE A 52 59.90 38.23 -3.70
C ILE A 52 58.88 38.08 -4.82
N LYS A 53 58.70 36.86 -5.32
CA LYS A 53 57.74 36.62 -6.40
C LYS A 53 56.31 36.71 -5.91
N ASN A 54 56.06 36.36 -4.64
CA ASN A 54 54.73 36.48 -4.05
C ASN A 54 54.87 36.95 -2.61
N PRO A 55 54.79 38.26 -2.38
CA PRO A 55 54.78 38.80 -1.01
C PRO A 55 53.42 38.83 -0.34
N TYR A 56 52.41 38.13 -0.89
CA TYR A 56 51.06 38.09 -0.29
C TYR A 56 50.56 36.65 -0.10
N PRO A 57 51.34 35.80 0.57
CA PRO A 57 50.85 34.42 0.78
C PRO A 57 49.74 34.41 1.82
N ARG A 58 48.74 33.57 1.58
CA ARG A 58 47.63 33.40 2.51
C ARG A 58 47.80 32.07 3.24
N ILE A 59 47.87 32.13 4.57
CA ILE A 59 48.24 30.99 5.41
C ILE A 59 47.14 30.79 6.42
N LEU A 60 46.49 29.62 6.39
CA LEU A 60 45.26 29.38 7.12
C LEU A 60 45.39 28.22 8.09
N ASP A 61 44.79 28.38 9.28
CA ASP A 61 44.55 27.29 10.22
C ASP A 61 43.07 27.30 10.57
N ILE A 62 42.37 26.20 10.28
CA ILE A 62 40.92 26.17 10.49
C ILE A 62 40.58 25.50 11.80
N SER A 63 41.59 25.22 12.62
CA SER A 63 41.41 24.77 13.99
C SER A 63 42.40 25.46 14.91
N CYS A 64 42.58 26.78 14.71
CA CYS A 64 43.72 27.48 15.30
C CYS A 64 43.72 27.43 16.82
N GLY A 65 42.55 27.37 17.44
CA GLY A 65 42.50 27.34 18.90
C GLY A 65 43.14 28.58 19.49
N CYS A 66 44.11 28.38 20.37
CA CYS A 66 44.87 29.49 20.93
C CYS A 66 45.94 30.01 19.97
N GLY A 67 46.16 29.34 18.85
CA GLY A 67 47.10 29.82 17.86
C GLY A 67 48.49 29.26 18.00
N ASN A 68 48.58 27.97 18.35
CA ASN A 68 49.89 27.32 18.43
C ASN A 68 50.63 27.44 17.10
N PHE A 69 49.92 27.19 15.99
CA PHE A 69 50.54 27.26 14.68
C PHE A 69 50.69 28.70 14.19
N LEU A 70 49.68 29.54 14.42
CA LEU A 70 49.63 30.84 13.76
C LEU A 70 50.68 31.80 14.33
N LEU A 71 50.97 31.74 15.63
CA LEU A 71 52.02 32.59 16.18
C LEU A 71 53.38 32.25 15.59
N GLU A 72 53.67 30.96 15.45
CA GLU A 72 54.91 30.55 14.80
C GLU A 72 54.92 30.97 13.33
N VAL A 73 53.77 30.92 12.67
CA VAL A 73 53.69 31.41 11.30
C VAL A 73 54.03 32.90 11.26
N TYR A 74 53.57 33.66 12.26
CA TYR A 74 53.90 35.07 12.34
C TYR A 74 55.41 35.26 12.45
N ASP A 75 56.05 34.49 13.33
CA ASP A 75 57.50 34.63 13.50
C ASP A 75 58.25 34.30 12.21
N ILE A 76 57.88 33.20 11.57
CA ILE A 76 58.53 32.78 10.33
C ILE A 76 58.34 33.85 9.24
N LEU A 77 57.12 34.36 9.11
CA LEU A 77 56.84 35.38 8.09
C LEU A 77 57.59 36.67 8.38
N TYR A 78 57.71 37.05 9.66
CA TYR A 78 58.44 38.26 9.99
C TYR A 78 59.89 38.16 9.59
N ASP A 79 60.53 37.02 9.89
CA ASP A 79 61.91 36.83 9.44
C ASP A 79 61.99 36.84 7.92
N LEU A 80 61.03 36.20 7.25
CA LEU A 80 61.03 36.14 5.79
C LEU A 80 60.96 37.53 5.18
N PHE A 81 60.07 38.39 5.69
CA PHE A 81 59.90 39.71 5.13
C PHE A 81 61.08 40.62 5.47
N GLU A 82 61.54 40.60 6.72
CA GLU A 82 62.65 41.47 7.09
C GLU A 82 63.93 41.10 6.37
N GLU A 83 64.12 39.82 6.06
CA GLU A 83 65.34 39.40 5.37
C GLU A 83 65.43 39.98 3.96
N ASN A 84 64.29 40.29 3.33
CA ASN A 84 64.27 40.79 1.96
C ASN A 84 63.59 42.15 1.85
N ILE A 85 63.74 43.01 2.86
CA ILE A 85 62.96 44.23 2.89
C ILE A 85 63.41 45.21 1.79
N TYR A 86 64.71 45.30 1.53
CA TYR A 86 65.19 46.23 0.51
C TYR A 86 64.95 45.72 -0.90
N GLU A 87 65.04 44.39 -1.11
CA GLU A 87 64.66 43.83 -2.39
C GLU A 87 63.19 44.11 -2.70
N LEU A 88 62.32 43.93 -1.71
CA LEU A 88 60.90 44.24 -1.90
C LEU A 88 60.68 45.73 -2.12
N LYS A 89 61.42 46.57 -1.39
CA LYS A 89 61.32 48.01 -1.57
C LYS A 89 61.68 48.41 -3.00
N LYS A 90 62.72 47.78 -3.56
CA LYS A 90 63.14 48.12 -4.91
C LYS A 90 62.16 47.59 -5.96
N LYS A 91 61.70 46.35 -5.81
CA LYS A 91 60.86 45.76 -6.84
C LYS A 91 59.43 46.31 -6.81
N TYR A 92 58.97 46.77 -5.65
CA TYR A 92 57.58 47.20 -5.49
C TYR A 92 57.53 48.61 -4.93
N ASP A 93 56.35 49.03 -4.48
CA ASP A 93 56.18 50.37 -3.91
C ASP A 93 57.17 50.59 -2.77
N GLU A 94 58.08 51.54 -2.96
CA GLU A 94 59.16 51.76 -2.01
C GLU A 94 58.69 52.36 -0.69
N ASN A 95 57.53 53.03 -0.67
CA ASN A 95 57.01 53.56 0.57
C ASN A 95 56.25 52.51 1.38
N TYR A 96 55.73 51.47 0.73
CA TYR A 96 54.95 50.45 1.42
C TYR A 96 55.84 49.48 2.19
N TRP A 97 57.00 49.13 1.64
CA TRP A 97 57.83 48.07 2.20
C TRP A 97 58.85 48.68 3.14
N THR A 98 58.45 48.80 4.40
CA THR A 98 59.32 49.25 5.48
C THR A 98 59.25 48.22 6.60
N VAL A 99 60.34 48.09 7.35
CA VAL A 99 60.32 47.19 8.50
C VAL A 99 59.21 47.60 9.46
N ASP A 100 59.05 48.89 9.69
CA ASP A 100 57.99 49.39 10.56
C ASP A 100 56.60 49.02 10.05
N ASN A 101 56.48 48.64 8.78
CA ASN A 101 55.20 48.25 8.20
C ASN A 101 55.02 46.74 8.11
N ILE A 102 56.00 45.94 8.53
CA ILE A 102 55.90 44.48 8.33
C ILE A 102 54.74 43.91 9.13
N HIS A 103 54.71 44.19 10.43
CA HIS A 103 53.67 43.68 11.33
C HIS A 103 52.28 43.84 10.72
N ARG A 104 51.88 45.08 10.46
CA ARG A 104 50.57 45.35 9.88
C ARG A 104 50.33 44.50 8.64
N HIS A 105 51.29 44.49 7.72
CA HIS A 105 51.11 43.73 6.49
C HIS A 105 50.78 42.28 6.79
N ILE A 106 51.56 41.67 7.68
CA ILE A 106 51.34 40.26 8.03
C ILE A 106 49.92 40.05 8.51
N LEU A 107 49.42 40.96 9.35
CA LEU A 107 48.10 40.76 9.94
C LEU A 107 46.97 41.09 8.97
N ASN A 108 47.25 41.73 7.84
CA ASN A 108 46.19 42.12 6.93
C ASN A 108 45.98 41.14 5.79
N TYR A 109 47.06 40.59 5.23
CA TYR A 109 46.98 39.80 4.02
C TYR A 109 47.45 38.36 4.16
N CYS A 110 48.06 37.98 5.28
CA CYS A 110 48.80 36.72 5.35
C CYS A 110 48.23 35.68 6.28
N ILE A 111 47.77 36.05 7.47
CA ILE A 111 47.43 35.11 8.52
C ILE A 111 45.90 34.99 8.63
N TYR A 112 45.40 33.75 8.58
CA TYR A 112 43.97 33.47 8.67
C TYR A 112 43.75 32.31 9.63
N GLY A 113 42.77 32.45 10.52
CA GLY A 113 42.46 31.42 11.49
C GLY A 113 40.98 31.35 11.75
N ALA A 114 40.50 30.13 12.01
CA ALA A 114 39.10 29.89 12.29
C ALA A 114 38.96 28.87 13.42
N ASP A 115 38.05 29.14 14.35
CA ASP A 115 37.79 28.21 15.45
C ASP A 115 36.39 28.47 15.98
N ILE A 116 35.84 27.45 16.66
CA ILE A 116 34.47 27.52 17.18
C ILE A 116 34.41 28.17 18.56
N ASP A 117 35.54 28.35 19.24
CA ASP A 117 35.57 28.81 20.61
C ASP A 117 35.89 30.31 20.64
N GLU A 118 34.99 31.10 21.24
CA GLU A 118 35.17 32.55 21.30
C GLU A 118 36.38 32.93 22.14
N LYS A 119 36.55 32.29 23.29
CA LYS A 119 37.66 32.64 24.19
C LYS A 119 39.00 32.40 23.51
N ALA A 120 39.13 31.28 22.81
CA ALA A 120 40.39 30.98 22.12
C ALA A 120 40.70 32.04 21.06
N ILE A 121 39.69 32.46 20.31
CA ILE A 121 39.88 33.49 19.30
C ILE A 121 40.29 34.81 19.93
N SER A 122 39.65 35.18 21.05
CA SER A 122 40.02 36.42 21.73
C SER A 122 41.46 36.38 22.21
N ILE A 123 41.87 35.25 22.80
CA ILE A 123 43.25 35.12 23.28
C ILE A 123 44.23 35.21 22.13
N LEU A 124 43.95 34.52 21.03
CA LEU A 124 44.84 34.56 19.87
C LEU A 124 44.93 35.97 19.30
N LYS A 125 43.81 36.68 19.24
CA LYS A 125 43.82 38.06 18.77
C LYS A 125 44.68 38.94 19.66
N ASP A 126 44.56 38.76 20.99
CA ASP A 126 45.40 39.54 21.90
C ASP A 126 46.87 39.24 21.68
N SER A 127 47.23 37.97 21.50
CA SER A 127 48.63 37.63 21.28
C SER A 127 49.17 38.23 19.99
N LEU A 128 48.40 38.11 18.90
CA LEU A 128 48.83 38.67 17.63
C LEU A 128 48.97 40.18 17.69
N THR A 129 48.07 40.85 18.42
CA THR A 129 48.22 42.28 18.64
C THR A 129 49.48 42.61 19.43
N ASN A 130 49.75 41.83 20.49
CA ASN A 130 50.91 42.08 21.34
C ASN A 130 52.23 41.71 20.68
N LYS A 131 52.20 41.07 19.51
CA LYS A 131 53.44 40.82 18.78
C LYS A 131 54.22 42.10 18.52
N LYS A 132 53.54 43.22 18.34
CA LYS A 132 54.22 44.50 18.08
C LYS A 132 54.89 45.03 19.33
N ILE A 142 44.10 47.74 13.06
CA ILE A 142 44.44 46.67 12.14
C ILE A 142 43.40 45.56 12.23
N LYS A 143 42.94 45.08 11.07
CA LYS A 143 41.94 44.02 11.02
C LYS A 143 42.64 42.67 10.95
N ILE A 144 42.37 41.81 11.93
CA ILE A 144 42.94 40.47 11.99
C ILE A 144 41.91 39.48 11.47
N ASN A 145 42.32 38.63 10.53
CA ASN A 145 41.41 37.72 9.85
C ASN A 145 41.20 36.46 10.68
N LEU A 146 40.51 36.65 11.81
CA LEU A 146 40.15 35.56 12.72
C LEU A 146 38.64 35.40 12.73
N PHE A 147 38.17 34.17 12.53
CA PHE A 147 36.75 33.87 12.45
C PHE A 147 36.35 32.93 13.58
N CYS A 148 35.23 33.24 14.23
CA CYS A 148 34.61 32.33 15.18
C CYS A 148 33.41 31.70 14.48
N CYS A 149 33.57 30.45 14.06
CA CYS A 149 32.57 29.78 13.25
C CYS A 149 32.83 28.28 13.26
N ASP A 150 31.96 27.55 12.56
CA ASP A 150 32.14 26.13 12.26
C ASP A 150 32.79 26.03 10.89
N SER A 151 34.05 25.60 10.85
CA SER A 151 34.80 25.60 9.60
C SER A 151 34.17 24.71 8.54
N LEU A 152 33.39 23.70 8.93
CA LEU A 152 32.75 22.81 7.98
C LEU A 152 31.47 23.38 7.39
N LYS A 153 30.97 24.50 7.92
CA LYS A 153 29.81 25.16 7.36
C LYS A 153 30.10 26.54 6.79
N LYS A 154 31.24 27.14 7.15
CA LYS A 154 31.57 28.48 6.67
C LYS A 154 31.70 28.50 5.16
N LYS A 155 31.08 29.49 4.53
CA LYS A 155 31.25 29.73 3.10
C LYS A 155 32.57 30.46 2.90
N TRP A 156 33.58 29.74 2.41
CA TRP A 156 34.90 30.33 2.22
C TRP A 156 34.95 31.08 0.90
N ARG A 157 35.40 32.33 0.95
CA ARG A 157 35.31 33.23 -0.18
C ARG A 157 36.56 33.25 -1.06
N TYR A 158 37.61 32.50 -0.71
CA TYR A 158 38.80 32.43 -1.55
C TYR A 158 39.66 31.27 -1.05
N LYS A 159 40.54 30.81 -1.93
CA LYS A 159 41.42 29.69 -1.63
C LYS A 159 42.71 30.20 -0.98
N PHE A 160 43.57 29.27 -0.58
CA PHE A 160 44.72 29.61 0.25
C PHE A 160 45.98 28.97 -0.30
N ASP A 161 47.11 29.66 -0.09
CA ASP A 161 48.42 29.15 -0.48
C ASP A 161 48.89 28.04 0.44
N TYR A 162 48.69 28.18 1.74
CA TYR A 162 49.20 27.22 2.71
C TYR A 162 48.16 26.99 3.81
N ILE A 163 48.01 25.73 4.21
CA ILE A 163 47.08 25.34 5.27
C ILE A 163 47.79 24.38 6.21
N VAL A 164 47.79 24.72 7.51
CA VAL A 164 48.43 23.90 8.54
C VAL A 164 47.48 23.82 9.74
N GLY A 165 47.70 22.83 10.59
CA GLY A 165 47.05 22.79 11.87
C GLY A 165 46.72 21.39 12.33
N ASN A 166 45.97 21.33 13.43
CA ASN A 166 45.58 20.08 14.09
C ASN A 166 44.06 20.07 14.21
N PRO A 167 43.36 19.33 13.35
CA PRO A 167 41.89 19.37 13.35
C PRO A 167 41.32 18.59 14.53
N PRO A 168 40.02 18.73 14.79
CA PRO A 168 39.39 17.92 15.85
C PRO A 168 39.12 16.50 15.41
N TYR A 169 39.34 15.55 16.33
CA TYR A 169 39.05 14.14 16.10
C TYR A 169 37.82 13.78 16.93
N ILE A 170 36.71 13.45 16.27
CA ILE A 170 35.51 12.98 16.96
C ILE A 170 34.96 11.77 16.24
N GLY A 171 34.82 10.64 16.95
CA GLY A 171 34.33 9.41 16.36
C GLY A 171 32.81 9.32 16.32
N HIS A 172 32.33 8.17 15.86
CA HIS A 172 30.90 8.01 15.59
C HIS A 172 30.07 7.94 16.87
N LYS A 173 30.67 7.58 18.01
CA LYS A 173 29.92 7.54 19.26
C LYS A 173 29.80 8.91 19.92
N LYS A 174 30.78 9.78 19.74
CA LYS A 174 30.84 11.05 20.46
C LYS A 174 30.37 12.23 19.61
N LEU A 175 29.71 11.98 18.48
CA LEU A 175 29.24 13.02 17.59
C LEU A 175 27.72 13.11 17.68
N GLU A 176 27.20 14.33 17.85
CA GLU A 176 25.76 14.52 17.93
C GLU A 176 25.10 14.12 16.61
N LYS A 177 23.91 13.53 16.71
CA LYS A 177 23.33 12.84 15.55
C LYS A 177 22.80 13.82 14.50
N LYS A 178 22.30 14.99 14.91
CA LYS A 178 21.90 15.99 13.91
C LYS A 178 23.10 16.45 13.09
N TYR A 179 24.23 16.69 13.76
CA TYR A 179 25.44 17.06 13.04
C TYR A 179 25.91 15.92 12.13
N LYS A 180 25.72 14.68 12.58
CA LYS A 180 26.04 13.53 11.72
C LYS A 180 25.15 13.50 10.49
N LYS A 181 23.87 13.85 10.65
CA LYS A 181 23.00 13.96 9.48
C LYS A 181 23.53 15.01 8.51
N PHE A 182 23.96 16.15 9.04
CA PHE A 182 24.56 17.19 8.19
C PHE A 182 25.76 16.65 7.44
N LEU A 183 26.68 15.99 8.15
CA LEU A 183 27.90 15.49 7.52
C LEU A 183 27.59 14.45 6.46
N LEU A 184 26.67 13.52 6.77
CA LEU A 184 26.30 12.49 5.81
C LEU A 184 25.67 13.08 4.57
N GLU A 185 24.91 14.18 4.72
CA GLU A 185 24.32 14.82 3.54
C GLU A 185 25.37 15.54 2.70
N LYS A 186 26.24 16.32 3.35
CA LYS A 186 27.09 17.26 2.62
C LYS A 186 28.50 16.76 2.35
N TYR A 187 29.05 15.88 3.21
CA TYR A 187 30.41 15.38 3.06
C TYR A 187 30.44 13.91 2.68
N SER A 188 29.51 13.50 1.81
CA SER A 188 29.30 12.09 1.51
C SER A 188 30.50 11.44 0.83
N GLU A 189 31.35 12.21 0.15
CA GLU A 189 32.49 11.61 -0.56
C GLU A 189 33.54 11.05 0.39
N VAL A 190 33.61 11.55 1.63
CA VAL A 190 34.58 11.04 2.60
C VAL A 190 33.96 10.59 3.90
N TYR A 191 32.73 11.00 4.23
CA TYR A 191 32.11 10.68 5.51
C TYR A 191 30.93 9.75 5.27
N LYS A 192 30.99 8.57 5.89
CA LYS A 192 30.02 7.51 5.64
C LYS A 192 30.23 6.42 6.69
N ASP A 193 29.13 5.90 7.23
CA ASP A 193 29.14 4.77 8.16
C ASP A 193 29.91 5.17 9.42
N LYS A 194 31.00 4.47 9.78
CA LYS A 194 31.72 4.71 11.03
C LYS A 194 32.90 5.66 10.86
N ALA A 195 32.80 6.61 9.93
CA ALA A 195 33.90 7.52 9.65
C ALA A 195 34.05 8.56 10.76
N ASP A 196 35.08 9.40 10.63
CA ASP A 196 35.41 10.40 11.62
C ASP A 196 35.30 11.82 11.03
N LEU A 197 35.20 12.79 11.94
CA LEU A 197 35.06 14.19 11.55
C LEU A 197 36.31 14.71 10.84
N TYR A 198 37.49 14.26 11.26
CA TYR A 198 38.71 14.75 10.64
C TYR A 198 38.81 14.31 9.18
N PHE A 199 38.03 13.31 8.75
CA PHE A 199 37.89 13.05 7.32
C PHE A 199 37.32 14.27 6.60
N CYS A 200 36.26 14.84 7.18
CA CYS A 200 35.65 16.03 6.60
C CYS A 200 36.62 17.20 6.63
N PHE A 201 37.41 17.31 7.69
CA PHE A 201 38.41 18.38 7.70
C PHE A 201 39.46 18.19 6.61
N TYR A 202 39.88 16.94 6.35
CA TYR A 202 40.77 16.67 5.23
C TYR A 202 40.13 17.13 3.92
N LYS A 203 38.86 16.79 3.70
CA LYS A 203 38.19 17.17 2.47
C LYS A 203 38.12 18.68 2.32
N LYS A 204 37.74 19.38 3.41
CA LYS A 204 37.64 20.84 3.35
C LYS A 204 38.99 21.47 3.06
N ILE A 205 40.05 20.99 3.71
CA ILE A 205 41.39 21.52 3.45
C ILE A 205 41.76 21.35 1.99
N ILE A 206 41.52 20.15 1.45
CA ILE A 206 41.85 19.90 0.06
C ILE A 206 41.08 20.83 -0.86
N ASP A 207 39.82 21.13 -0.50
CA ASP A 207 38.98 21.90 -1.41
C ASP A 207 39.34 23.38 -1.44
N ILE A 208 39.89 23.93 -0.35
CA ILE A 208 40.14 25.37 -0.31
C ILE A 208 41.63 25.65 -0.42
N LEU A 209 42.36 24.76 -1.10
CA LEU A 209 43.78 24.92 -1.33
C LEU A 209 44.02 25.38 -2.77
N LYS A 210 44.78 26.46 -2.93
CA LYS A 210 45.09 27.00 -4.25
C LYS A 210 45.90 26.00 -5.07
N GLN A 211 45.81 26.15 -6.40
CA GLN A 211 46.72 25.43 -7.27
C GLN A 211 48.15 25.77 -6.92
N GLY A 212 48.98 24.74 -6.79
CA GLY A 212 50.34 24.93 -6.34
C GLY A 212 50.50 25.16 -4.85
N GLY A 213 49.41 25.06 -4.08
CA GLY A 213 49.48 25.24 -2.64
C GLY A 213 50.00 24.01 -1.93
N ILE A 214 50.25 24.16 -0.63
CA ILE A 214 50.84 23.11 0.20
C ILE A 214 50.08 23.01 1.52
N GLY A 215 49.67 21.80 1.86
CA GLY A 215 49.00 21.54 3.14
C GLY A 215 49.80 20.56 3.97
N SER A 216 49.80 20.78 5.28
CA SER A 216 50.52 19.91 6.22
C SER A 216 49.77 19.89 7.53
N VAL A 217 49.33 18.70 7.95
CA VAL A 217 48.51 18.55 9.14
C VAL A 217 48.95 17.33 9.94
N ILE A 218 48.56 17.31 11.21
CA ILE A 218 48.76 16.16 12.09
C ILE A 218 47.38 15.62 12.47
N THR A 219 47.16 14.34 12.20
CA THR A 219 45.87 13.71 12.44
C THR A 219 46.08 12.33 13.07
N PRO A 220 45.02 11.62 13.43
CA PRO A 220 45.19 10.19 13.73
C PRO A 220 45.66 9.43 12.50
N ARG A 221 46.38 8.35 12.75
CA ARG A 221 46.95 7.55 11.68
C ARG A 221 45.99 6.48 11.15
N TYR A 222 44.82 6.33 11.76
CA TYR A 222 43.99 5.15 11.50
C TYR A 222 43.42 5.15 10.09
N PHE A 223 43.14 6.32 9.52
CA PHE A 223 42.56 6.36 8.17
C PHE A 223 43.49 5.73 7.14
N LEU A 224 44.79 5.65 7.43
CA LEU A 224 45.73 5.03 6.48
C LEU A 224 45.36 3.58 6.20
N GLU A 225 44.77 2.88 7.17
CA GLU A 225 44.49 1.46 7.02
C GLU A 225 43.04 1.08 7.32
N SER A 226 42.25 1.95 7.97
CA SER A 226 40.93 1.55 8.42
C SER A 226 39.98 1.36 7.25
N LEU A 227 38.98 0.50 7.46
CA LEU A 227 37.95 0.29 6.45
C LEU A 227 37.17 1.55 6.17
N SER A 228 36.91 2.35 7.22
CA SER A 228 36.19 3.60 7.05
C SER A 228 36.98 4.63 6.25
N GLY A 229 38.30 4.50 6.18
CA GLY A 229 39.11 5.47 5.48
C GLY A 229 39.13 5.33 3.97
N LYS A 230 38.58 4.24 3.44
CA LYS A 230 38.73 3.91 2.02
C LYS A 230 38.43 5.12 1.13
N ASP A 231 37.20 5.60 1.18
CA ASP A 231 36.81 6.73 0.34
C ASP A 231 37.73 7.92 0.56
N LEU A 232 38.04 8.23 1.81
CA LEU A 232 38.93 9.35 2.08
C LEU A 232 40.27 9.16 1.39
N ARG A 233 40.84 7.95 1.49
CA ARG A 233 42.09 7.68 0.79
C ARG A 233 41.92 7.96 -0.69
N GLU A 234 40.82 7.46 -1.27
CA GLU A 234 40.55 7.69 -2.69
C GLU A 234 40.46 9.19 -2.99
N TYR A 235 39.91 9.97 -2.08
CA TYR A 235 39.80 11.41 -2.31
C TYR A 235 41.18 12.07 -2.30
N ILE A 236 42.07 11.61 -1.43
CA ILE A 236 43.39 12.23 -1.35
C ILE A 236 44.21 11.88 -2.59
N LYS A 237 44.37 10.58 -2.85
CA LYS A 237 45.14 10.11 -3.98
C LYS A 237 44.71 10.73 -5.30
N SER A 238 43.42 11.05 -5.43
CA SER A 238 42.89 11.58 -6.67
C SER A 238 43.00 13.09 -6.80
N ASN A 239 43.27 13.82 -5.72
CA ASN A 239 43.15 15.28 -5.78
C ASN A 239 44.37 16.06 -5.33
N VAL A 240 45.34 15.43 -4.68
CA VAL A 240 46.58 16.09 -4.28
C VAL A 240 47.73 15.14 -4.56
N ASN A 241 48.92 15.73 -4.71
CA ASN A 241 50.16 14.97 -4.67
C ASN A 241 50.61 14.88 -3.22
N VAL A 242 50.72 13.66 -2.70
CA VAL A 242 51.12 13.46 -1.31
C VAL A 242 52.64 13.52 -1.26
N GLN A 243 53.17 14.57 -0.63
CA GLN A 243 54.62 14.71 -0.53
C GLN A 243 55.20 13.74 0.49
N GLU A 244 54.64 13.71 1.70
CA GLU A 244 55.33 13.03 2.80
C GLU A 244 54.33 12.55 3.85
N ILE A 245 54.63 11.38 4.43
CA ILE A 245 53.88 10.83 5.55
C ILE A 245 54.84 10.48 6.66
N VAL A 246 54.59 11.02 7.86
CA VAL A 246 55.34 10.68 9.06
C VAL A 246 54.42 9.86 9.95
N ASP A 247 54.77 8.60 10.15
CA ASP A 247 53.96 7.64 10.92
C ASP A 247 54.65 7.38 12.25
N PHE A 248 54.04 7.85 13.34
CA PHE A 248 54.56 7.64 14.68
C PHE A 248 54.10 6.32 15.30
N LEU A 249 53.26 5.56 14.60
CA LEU A 249 52.73 4.27 15.07
C LEU A 249 52.15 4.47 16.47
N GLY A 250 52.53 3.67 17.46
CA GLY A 250 51.96 3.72 18.79
C GLY A 250 52.63 4.67 19.75
N ALA A 251 53.56 5.50 19.28
CA ALA A 251 54.22 6.46 20.16
C ALA A 251 53.19 7.45 20.72
N ASN A 252 53.51 8.01 21.87
CA ASN A 252 52.60 8.94 22.56
C ASN A 252 53.08 10.36 22.29
N ILE A 253 52.48 11.00 21.28
CA ILE A 253 52.83 12.37 20.93
C ILE A 253 52.14 13.35 21.87
N PHE A 254 50.84 13.17 22.08
CA PHE A 254 50.06 14.02 22.98
C PHE A 254 50.05 13.38 24.36
N LYS A 255 50.65 14.05 25.33
CA LYS A 255 50.72 13.50 26.69
C LYS A 255 49.32 13.32 27.26
N ASN A 256 49.10 12.16 27.89
CA ASN A 256 47.82 11.81 28.51
C ASN A 256 46.67 11.78 27.51
N ILE A 257 46.96 11.43 26.25
CA ILE A 257 45.95 11.27 25.22
C ILE A 257 46.11 9.91 24.58
N GLY A 258 45.02 9.15 24.51
CA GLY A 258 45.03 7.85 23.88
C GLY A 258 44.75 7.91 22.40
N VAL A 259 45.71 8.40 21.62
CA VAL A 259 45.56 8.50 20.17
C VAL A 259 46.93 8.30 19.54
N SER A 260 46.93 7.80 18.31
CA SER A 260 48.16 7.55 17.57
C SER A 260 48.17 8.44 16.33
N SER A 261 49.31 9.08 16.08
CA SER A 261 49.37 10.25 15.23
C SER A 261 50.23 10.03 14.00
N CYS A 262 49.88 10.76 12.94
CA CYS A 262 50.73 10.90 11.76
C CYS A 262 50.68 12.33 11.30
N ILE A 263 51.68 12.70 10.48
CA ILE A 263 51.75 14.00 9.83
C ILE A 263 51.70 13.78 8.33
N LEU A 264 50.81 14.49 7.66
CA LEU A 264 50.66 14.40 6.20
C LEU A 264 51.01 15.74 5.57
N THR A 265 51.80 15.69 4.51
CA THR A 265 52.14 16.86 3.71
C THR A 265 51.83 16.55 2.25
N PHE A 266 51.06 17.44 1.62
CA PHE A 266 50.57 17.26 0.26
C PHE A 266 50.54 18.60 -0.46
N ASP A 267 50.48 18.56 -1.78
CA ASP A 267 50.45 19.78 -2.59
C ASP A 267 49.51 19.61 -3.77
N LYS A 268 49.27 20.72 -4.45
CA LYS A 268 48.53 20.77 -5.71
C LYS A 268 49.39 21.35 -6.81
N LYS A 269 50.65 20.92 -6.86
CA LYS A 269 51.58 21.38 -7.88
C LYS A 269 51.52 20.49 -9.11
N LYS A 270 51.96 21.05 -10.24
CA LYS A 270 52.04 20.27 -11.47
C LYS A 270 53.20 19.29 -11.37
N THR A 271 52.91 18.07 -10.93
CA THR A 271 53.94 17.10 -10.62
C THR A 271 54.25 16.24 -11.84
N LYS A 272 55.54 16.01 -12.08
CA LYS A 272 55.95 15.07 -13.12
C LYS A 272 55.90 13.64 -12.58
N GLU A 273 56.64 13.36 -11.51
CA GLU A 273 56.64 12.06 -10.86
C GLU A 273 56.03 12.20 -9.46
N THR A 274 55.05 11.36 -9.16
CA THR A 274 54.38 11.36 -7.86
C THR A 274 54.98 10.25 -7.01
N TYR A 275 55.95 10.61 -6.17
CA TYR A 275 56.56 9.70 -5.21
C TYR A 275 56.46 10.28 -3.82
N ILE A 276 56.15 9.44 -2.85
CA ILE A 276 55.90 9.83 -1.47
C ILE A 276 57.09 9.39 -0.62
N ASP A 277 57.57 10.31 0.22
CA ASP A 277 58.55 10.00 1.25
C ASP A 277 57.82 9.53 2.49
N VAL A 278 58.15 8.34 2.98
CA VAL A 278 57.51 7.73 4.13
C VAL A 278 58.56 7.58 5.22
N PHE A 279 58.30 8.21 6.37
CA PHE A 279 59.12 8.09 7.57
C PHE A 279 58.32 7.30 8.60
N LYS A 280 58.74 6.08 8.88
CA LYS A 280 58.06 5.20 9.82
C LYS A 280 58.95 4.99 11.04
N ILE A 281 58.39 5.22 12.23
CA ILE A 281 59.18 5.11 13.45
C ILE A 281 59.58 3.65 13.66
N LYS A 282 60.78 3.47 14.23
CA LYS A 282 61.28 2.13 14.49
C LYS A 282 61.23 1.74 15.96
N ASN A 283 61.16 2.71 16.86
CA ASN A 283 61.05 2.46 18.30
C ASN A 283 59.96 3.34 18.86
N GLU A 284 58.85 2.74 19.30
CA GLU A 284 57.74 3.48 19.86
C GLU A 284 58.05 4.02 21.25
N ASP A 285 59.19 3.66 21.84
CA ASP A 285 59.55 4.05 23.20
C ASP A 285 60.23 5.41 23.28
N ILE A 286 60.30 6.16 22.17
CA ILE A 286 61.06 7.40 22.17
C ILE A 286 60.29 8.49 22.93
N CYS A 287 61.04 9.48 23.38
CA CYS A 287 60.49 10.75 23.83
C CYS A 287 60.74 11.80 22.76
N ILE A 288 59.71 12.59 22.47
CA ILE A 288 59.75 13.46 21.29
C ILE A 288 60.82 14.55 21.40
N ASN A 289 61.27 14.89 22.61
CA ASN A 289 62.21 15.97 22.80
C ASN A 289 63.66 15.51 22.78
N LYS A 290 63.94 14.37 22.13
CA LYS A 290 65.29 13.83 22.13
C LYS A 290 66.27 14.74 21.41
N PHE A 291 65.78 15.57 20.49
CA PHE A 291 66.60 16.52 19.77
C PHE A 291 65.92 17.87 19.77
N GLU A 292 66.65 18.88 19.27
CA GLU A 292 66.09 20.22 19.21
C GLU A 292 65.01 20.32 18.14
N THR A 293 65.12 19.55 17.05
CA THR A 293 64.21 19.64 15.93
C THR A 293 63.77 18.23 15.52
N LEU A 294 62.59 18.18 14.89
CA LEU A 294 62.07 16.90 14.39
C LEU A 294 62.87 16.37 13.22
N GLU A 295 63.57 17.25 12.49
CA GLU A 295 64.39 16.81 11.36
C GLU A 295 65.52 15.91 11.84
N GLU A 296 66.11 16.23 13.00
CA GLU A 296 67.12 15.34 13.57
C GLU A 296 66.53 13.98 13.89
N LEU A 297 65.31 13.95 14.42
CA LEU A 297 64.63 12.69 14.72
C LEU A 297 64.43 11.86 13.45
N LEU A 298 63.95 12.50 12.38
CA LEU A 298 63.63 11.76 11.17
C LEU A 298 64.87 11.13 10.53
N LYS A 299 65.98 11.85 10.50
CA LYS A 299 67.19 11.34 9.86
C LYS A 299 67.95 10.34 10.71
N SER A 300 67.63 10.23 12.00
CA SER A 300 68.41 9.41 12.92
C SER A 300 68.10 7.93 12.73
N SER A 301 68.73 7.11 13.56
CA SER A 301 68.47 5.67 13.59
C SER A 301 67.12 5.33 14.20
N LYS A 302 66.41 6.32 14.74
CA LYS A 302 65.11 6.05 15.35
C LYS A 302 64.00 5.90 14.32
N PHE A 303 64.21 6.36 13.09
CA PHE A 303 63.22 6.30 12.04
C PHE A 303 63.76 5.51 10.85
N GLU A 304 62.83 5.10 9.98
CA GLU A 304 63.14 4.43 8.73
C GLU A 304 62.50 5.23 7.60
N HIS A 305 63.18 5.30 6.46
CA HIS A 305 62.69 6.06 5.32
C HIS A 305 62.56 5.15 4.10
N PHE A 306 61.49 5.36 3.34
CA PHE A 306 61.36 4.68 2.05
C PHE A 306 60.38 5.45 1.17
N ASN A 307 60.36 5.09 -0.12
CA ASN A 307 59.57 5.81 -1.11
C ASN A 307 58.46 4.92 -1.64
N ILE A 308 57.31 5.54 -1.92
CA ILE A 308 56.13 4.83 -2.39
C ILE A 308 55.56 5.57 -3.61
N ASN A 309 55.27 4.83 -4.68
CA ASN A 309 54.72 5.40 -5.90
C ASN A 309 53.22 5.61 -5.72
N GLN A 310 52.78 6.88 -5.69
CA GLN A 310 51.37 7.18 -5.52
C GLN A 310 50.52 6.62 -6.65
N ARG A 311 51.10 6.50 -7.85
CA ARG A 311 50.35 5.94 -8.97
C ARG A 311 50.05 4.45 -8.78
N LEU A 312 50.80 3.76 -7.92
CA LEU A 312 50.65 2.33 -7.70
C LEU A 312 49.80 2.00 -6.49
N LEU A 313 49.25 2.99 -5.80
CA LEU A 313 48.37 2.73 -4.68
C LEU A 313 47.02 2.21 -5.17
N SER A 314 46.54 1.14 -4.54
CA SER A 314 45.19 0.66 -4.77
C SER A 314 44.26 1.32 -3.75
N ASP A 315 43.04 0.80 -3.58
CA ASP A 315 42.17 1.31 -2.52
C ASP A 315 42.80 1.11 -1.13
N GLU A 316 43.72 0.18 -0.99
CA GLU A 316 44.54 0.06 0.22
C GLU A 316 45.92 0.65 -0.04
N TRP A 317 46.49 1.27 0.99
CA TRP A 317 47.81 1.90 0.92
C TRP A 317 48.81 1.03 1.67
N ILE A 318 49.50 0.17 0.93
CA ILE A 318 50.50 -0.72 1.51
C ILE A 318 51.83 0.04 1.52
N LEU A 319 52.19 0.57 2.68
CA LEU A 319 53.36 1.44 2.84
C LEU A 319 54.44 0.66 3.58
N VAL A 320 55.24 -0.09 2.82
CA VAL A 320 56.34 -0.88 3.38
C VAL A 320 57.56 -0.74 2.49
N ASN A 321 58.73 -1.06 3.06
CA ASN A 321 59.96 -1.03 2.29
C ASN A 321 59.99 -2.20 1.31
N LYS A 322 61.02 -2.19 0.44
CA LYS A 322 61.07 -3.11 -0.67
C LYS A 322 61.20 -4.56 -0.22
N ASP A 323 61.92 -4.82 0.88
CA ASP A 323 62.01 -6.19 1.38
C ASP A 323 60.65 -6.70 1.83
N ASP A 324 59.93 -5.89 2.61
CA ASP A 324 58.60 -6.28 3.06
C ASP A 324 57.64 -6.38 1.88
N GLU A 325 57.80 -5.51 0.88
CA GLU A 325 56.96 -5.57 -0.31
C GLU A 325 57.18 -6.89 -1.05
N THR A 326 58.44 -7.30 -1.22
CA THR A 326 58.73 -8.58 -1.86
C THR A 326 58.16 -9.74 -1.06
N PHE A 327 58.33 -9.71 0.26
CA PHE A 327 57.77 -10.73 1.14
C PHE A 327 56.25 -10.85 0.96
N TYR A 328 55.55 -9.73 1.04
CA TYR A 328 54.10 -9.70 0.90
C TYR A 328 53.66 -10.20 -0.46
N ASN A 329 54.34 -9.77 -1.53
CA ASN A 329 53.93 -10.18 -2.87
C ASN A 329 54.16 -11.66 -3.09
N LYS A 330 55.27 -12.22 -2.59
CA LYS A 330 55.47 -13.66 -2.66
C LYS A 330 54.32 -14.40 -1.99
N ILE A 331 53.97 -13.98 -0.76
CA ILE A 331 52.92 -14.68 -0.04
C ILE A 331 51.59 -14.59 -0.77
N GLN A 332 51.25 -13.39 -1.28
CA GLN A 332 50.00 -13.22 -1.99
C GLN A 332 49.96 -14.08 -3.26
N GLU A 333 51.06 -14.14 -4.00
CA GLU A 333 51.06 -14.86 -5.26
C GLU A 333 50.96 -16.37 -5.05
N LYS A 334 51.69 -16.91 -4.07
CA LYS A 334 51.74 -18.36 -3.91
C LYS A 334 50.43 -18.96 -3.39
N CYS A 335 49.57 -18.14 -2.79
CA CYS A 335 48.39 -18.65 -2.08
C CYS A 335 47.16 -18.60 -2.98
N LYS A 336 46.45 -19.72 -3.06
CA LYS A 336 45.27 -19.85 -3.93
C LYS A 336 43.98 -19.43 -3.24
N TYR A 337 43.84 -19.71 -1.95
CA TYR A 337 42.62 -19.44 -1.22
C TYR A 337 42.84 -18.34 -0.19
N SER A 338 41.74 -17.74 0.25
CA SER A 338 41.71 -16.83 1.38
C SER A 338 40.82 -17.43 2.46
N LEU A 339 40.89 -16.84 3.66
CA LEU A 339 40.03 -17.31 4.75
C LEU A 339 38.56 -17.11 4.41
N GLU A 340 38.23 -15.99 3.75
CA GLU A 340 36.85 -15.72 3.38
C GLU A 340 36.31 -16.80 2.44
N ASP A 341 37.17 -17.32 1.55
CA ASP A 341 36.75 -18.37 0.64
C ASP A 341 36.29 -19.62 1.39
N ILE A 342 37.02 -20.01 2.43
CA ILE A 342 36.86 -21.32 3.04
C ILE A 342 36.17 -21.27 4.39
N ALA A 343 35.77 -20.09 4.87
CA ALA A 343 35.30 -20.00 6.25
C ALA A 343 34.13 -19.02 6.36
N ILE A 344 33.44 -19.13 7.49
CA ILE A 344 32.33 -18.26 7.88
C ILE A 344 32.71 -17.60 9.20
N SER A 345 32.62 -16.27 9.24
CA SER A 345 33.12 -15.46 10.34
C SER A 345 31.96 -14.73 11.03
N PHE A 346 32.11 -14.49 12.33
CA PHE A 346 31.10 -13.71 13.04
C PHE A 346 31.66 -13.07 14.31
N GLN A 347 31.04 -11.96 14.66
CA GLN A 347 31.31 -11.18 15.87
C GLN A 347 30.52 -11.76 17.04
N GLY A 348 31.10 -11.64 18.24
CA GLY A 348 30.51 -12.24 19.42
C GLY A 348 29.23 -11.55 19.89
N ILE A 349 28.72 -12.05 21.02
CA ILE A 349 27.49 -11.53 21.61
C ILE A 349 27.69 -10.07 22.00
N ILE A 350 26.64 -9.28 21.88
CA ILE A 350 26.60 -7.91 22.38
C ILE A 350 25.40 -7.81 23.29
N THR A 351 25.62 -7.93 24.60
CA THR A 351 24.53 -7.97 25.56
C THR A 351 23.85 -6.60 25.68
N GLY A 352 24.62 -5.52 25.59
CA GLY A 352 24.12 -4.19 25.81
C GLY A 352 24.30 -3.68 27.22
N CYS A 353 24.43 -4.57 28.19
CA CYS A 353 24.81 -4.19 29.56
C CYS A 353 25.41 -5.43 30.21
N ASP A 354 26.75 -5.48 30.26
CA ASP A 354 27.41 -6.73 30.66
C ASP A 354 27.17 -7.06 32.13
N LYS A 355 27.10 -6.04 32.99
CA LYS A 355 26.89 -6.30 34.42
C LYS A 355 25.57 -7.01 34.70
N ALA A 356 24.57 -6.81 33.84
CA ALA A 356 23.27 -7.42 34.06
C ALA A 356 23.25 -8.91 33.72
N PHE A 357 24.09 -9.35 32.79
CA PHE A 357 24.00 -10.71 32.25
C PHE A 357 25.18 -11.62 32.56
N ILE A 358 26.34 -11.08 32.91
CA ILE A 358 27.54 -11.86 33.10
C ILE A 358 27.80 -12.03 34.59
N LEU A 359 27.99 -13.27 35.03
CA LEU A 359 28.23 -13.56 36.43
C LEU A 359 29.45 -14.47 36.58
N SER A 360 30.15 -14.32 37.70
CA SER A 360 31.20 -15.28 38.03
C SER A 360 30.59 -16.67 38.17
N LYS A 361 31.33 -17.69 37.72
CA LYS A 361 30.83 -19.05 37.81
C LYS A 361 30.62 -19.50 39.26
N ASP A 362 31.25 -18.80 40.22
CA ASP A 362 31.09 -19.08 41.64
C ASP A 362 30.06 -18.17 42.31
N ASP A 363 29.43 -17.26 41.55
CA ASP A 363 28.41 -16.40 42.12
C ASP A 363 27.23 -17.25 42.59
N VAL A 364 26.76 -16.97 43.81
CA VAL A 364 25.68 -17.76 44.39
C VAL A 364 24.39 -17.59 43.60
N LYS A 365 24.20 -16.42 42.96
CA LYS A 365 22.97 -16.15 42.24
C LYS A 365 22.73 -17.13 41.10
N LEU A 366 23.76 -17.82 40.63
CA LEU A 366 23.59 -18.81 39.58
C LEU A 366 22.77 -20.02 40.04
N ASN A 367 22.54 -20.17 41.34
CA ASN A 367 21.61 -21.18 41.79
C ASN A 367 20.17 -20.85 41.42
N LEU A 368 19.89 -19.59 41.10
CA LEU A 368 18.57 -19.19 40.65
C LEU A 368 18.31 -19.48 39.18
N VAL A 369 19.34 -19.83 38.41
CA VAL A 369 19.25 -19.93 36.97
C VAL A 369 19.40 -21.39 36.56
N ASP A 370 18.43 -21.88 35.78
CA ASP A 370 18.54 -23.20 35.18
C ASP A 370 19.75 -23.26 34.25
N ASP A 371 20.45 -24.40 34.26
CA ASP A 371 21.66 -24.53 33.47
C ASP A 371 21.40 -24.50 31.97
N LYS A 372 20.15 -24.63 31.53
CA LYS A 372 19.88 -24.47 30.09
C LYS A 372 19.99 -23.02 29.65
N PHE A 373 19.96 -22.08 30.60
CA PHE A 373 20.12 -20.66 30.29
C PHE A 373 21.56 -20.18 30.39
N LEU A 374 22.47 -21.00 30.90
CA LEU A 374 23.83 -20.56 31.19
C LEU A 374 24.79 -21.01 30.11
N LYS A 375 25.69 -20.10 29.72
CA LYS A 375 26.71 -20.37 28.73
C LYS A 375 28.08 -20.04 29.29
N CYS A 376 29.09 -20.76 28.83
CA CYS A 376 30.47 -20.38 29.14
C CYS A 376 30.82 -19.06 28.46
N TRP A 377 31.56 -18.21 29.18
CA TRP A 377 31.86 -16.86 28.72
C TRP A 377 33.34 -16.59 28.94
N ILE A 378 34.01 -16.05 27.92
CA ILE A 378 35.44 -15.78 27.96
C ILE A 378 35.71 -14.35 27.53
N LYS A 379 36.91 -13.88 27.85
CA LYS A 379 37.38 -12.57 27.46
C LYS A 379 38.56 -12.70 26.50
N SER A 380 38.94 -11.57 25.90
CA SER A 380 40.04 -11.59 24.95
C SER A 380 41.34 -12.08 25.57
N LYS A 381 41.53 -11.87 26.87
CA LYS A 381 42.75 -12.30 27.53
C LYS A 381 42.78 -13.80 27.81
N ASN A 382 41.66 -14.50 27.64
CA ASN A 382 41.64 -15.94 27.80
C ASN A 382 42.06 -16.68 26.52
N ILE A 383 42.31 -15.95 25.45
CA ILE A 383 42.75 -16.54 24.19
C ILE A 383 44.27 -16.51 24.16
N ASN A 384 44.89 -17.67 24.26
CA ASN A 384 46.31 -17.82 23.97
C ASN A 384 46.45 -18.38 22.56
N LYS A 385 47.69 -18.63 22.15
CA LYS A 385 47.90 -19.38 20.93
C LYS A 385 47.44 -20.82 21.12
N TYR A 386 46.66 -21.31 20.16
CA TYR A 386 46.23 -22.69 19.96
C TYR A 386 45.14 -23.19 20.91
N ILE A 387 44.89 -22.53 22.05
CA ILE A 387 43.90 -23.02 23.01
C ILE A 387 43.41 -21.85 23.85
N VAL A 388 42.27 -22.05 24.51
CA VAL A 388 41.64 -21.04 25.36
C VAL A 388 41.75 -21.48 26.81
N ASP A 389 41.96 -20.52 27.71
CA ASP A 389 41.85 -20.79 29.12
C ASP A 389 40.44 -21.26 29.46
N LYS A 390 40.30 -21.95 30.58
CA LYS A 390 38.98 -22.40 31.00
C LYS A 390 38.14 -21.21 31.47
N SER A 391 36.83 -21.29 31.22
CA SER A 391 35.95 -20.17 31.48
C SER A 391 35.88 -19.87 32.97
N GLU A 392 35.80 -18.59 33.29
CA GLU A 392 35.59 -18.12 34.65
C GLU A 392 34.27 -17.39 34.80
N TYR A 393 33.52 -17.22 33.73
CA TYR A 393 32.28 -16.45 33.74
C TYR A 393 31.19 -17.19 32.98
N ARG A 394 29.95 -16.88 33.35
CA ARG A 394 28.76 -17.44 32.75
C ARG A 394 27.89 -16.32 32.21
N LEU A 395 27.28 -16.57 31.06
CA LEU A 395 26.33 -15.67 30.43
C LEU A 395 24.93 -16.24 30.62
N ILE A 396 24.01 -15.41 31.12
CA ILE A 396 22.60 -15.77 31.18
C ILE A 396 22.01 -15.46 29.81
N TYR A 397 21.84 -16.50 28.98
CA TYR A 397 21.26 -16.32 27.65
C TYR A 397 19.76 -16.10 27.83
N SER A 398 19.41 -14.86 28.16
CA SER A 398 18.07 -14.51 28.57
C SER A 398 17.06 -14.49 27.42
N ASN A 399 17.53 -14.63 26.17
CA ASN A 399 16.60 -14.66 25.04
C ASN A 399 15.65 -15.85 25.13
N ASP A 400 16.07 -16.94 25.77
CA ASP A 400 15.27 -18.15 25.85
C ASP A 400 14.36 -18.18 27.09
N ILE A 401 14.21 -17.05 27.77
CA ILE A 401 13.21 -16.90 28.82
C ILE A 401 11.91 -16.48 28.14
N ASP A 402 10.90 -17.36 28.21
CA ASP A 402 9.68 -17.17 27.41
C ASP A 402 8.79 -16.09 28.01
N ASN A 403 8.30 -16.31 29.21
CA ASN A 403 7.40 -15.38 29.89
C ASN A 403 8.10 -14.79 31.11
N GLU A 404 7.71 -13.57 31.46
CA GLU A 404 8.29 -12.92 32.63
C GLU A 404 7.82 -13.60 33.92
N ASN A 405 6.60 -14.12 33.94
CA ASN A 405 6.08 -14.77 35.14
C ASN A 405 6.85 -16.04 35.46
N THR A 406 7.18 -16.84 34.45
CA THR A 406 8.07 -17.96 34.64
C THR A 406 9.51 -17.46 34.77
N ASN A 407 10.24 -18.01 35.75
CA ASN A 407 11.59 -17.58 36.09
C ASN A 407 11.61 -16.10 36.48
N LYS A 408 10.56 -15.65 37.16
CA LYS A 408 10.50 -14.26 37.60
C LYS A 408 11.56 -13.95 38.67
N ARG A 409 12.10 -14.98 39.32
CA ARG A 409 13.17 -14.77 40.29
C ARG A 409 14.42 -14.21 39.61
N ILE A 410 14.77 -14.76 38.45
CA ILE A 410 15.94 -14.29 37.72
C ILE A 410 15.79 -12.83 37.34
N LEU A 411 14.62 -12.47 36.80
CA LEU A 411 14.38 -11.08 36.41
C LEU A 411 14.34 -10.15 37.62
N ASP A 412 13.82 -10.64 38.75
CA ASP A 412 13.69 -9.77 39.93
C ASP A 412 15.04 -9.53 40.60
N GLU A 413 15.90 -10.55 40.67
CA GLU A 413 17.07 -10.46 41.54
C GLU A 413 18.40 -10.29 40.82
N ILE A 414 18.47 -10.59 39.52
CA ILE A 414 19.75 -10.50 38.81
C ILE A 414 19.67 -9.43 37.72
N ILE A 415 18.80 -9.64 36.73
CA ILE A 415 18.74 -8.74 35.58
C ILE A 415 18.12 -7.41 35.98
N GLY A 416 17.01 -7.45 36.72
CA GLY A 416 16.26 -6.25 37.04
C GLY A 416 17.06 -5.20 37.78
N LEU A 417 18.17 -5.61 38.42
CA LEU A 417 19.03 -4.66 39.12
C LEU A 417 19.51 -3.55 38.19
N TYR A 418 19.58 -3.82 36.89
CA TYR A 418 20.03 -2.81 35.93
C TYR A 418 18.93 -2.41 34.96
N LYS A 419 17.67 -2.63 35.34
CA LYS A 419 16.55 -2.49 34.40
C LYS A 419 16.55 -1.11 33.76
N THR A 420 16.70 -0.05 34.57
CA THR A 420 16.73 1.31 34.03
C THR A 420 17.74 1.42 32.91
N LYS A 421 18.98 1.00 33.17
CA LYS A 421 20.00 1.04 32.13
C LYS A 421 19.58 0.21 30.93
N LEU A 422 19.05 -1.00 31.18
CA LEU A 422 18.64 -1.86 30.09
C LEU A 422 17.55 -1.24 29.24
N GLU A 423 16.78 -0.31 29.80
CA GLU A 423 15.70 0.29 29.03
C GLU A 423 16.17 1.46 28.17
N ASN A 424 17.41 1.91 28.33
CA ASN A 424 17.95 2.96 27.47
C ASN A 424 18.60 2.42 26.20
N ARG A 425 18.66 1.09 26.04
CA ARG A 425 19.20 0.52 24.83
C ARG A 425 18.26 0.80 23.65
N ARG A 426 18.85 0.95 22.47
CA ARG A 426 18.10 1.44 21.31
C ARG A 426 16.95 0.52 20.95
N GLU A 427 17.19 -0.79 20.93
CA GLU A 427 16.14 -1.73 20.56
C GLU A 427 15.09 -1.91 21.65
N CYS A 428 15.35 -1.42 22.86
CA CYS A 428 14.33 -1.44 23.90
C CYS A 428 13.39 -0.24 23.77
N LYS A 429 13.96 0.95 23.56
CA LYS A 429 13.12 2.13 23.35
C LYS A 429 12.26 1.98 22.11
N SER A 430 12.77 1.33 21.06
CA SER A 430 11.98 1.10 19.85
C SER A 430 11.02 -0.07 19.97
N GLY A 431 11.19 -0.93 20.97
CA GLY A 431 10.28 -2.03 21.20
C GLY A 431 10.65 -3.36 20.56
N ILE A 432 11.78 -3.43 19.85
CA ILE A 432 12.16 -4.68 19.20
C ILE A 432 12.55 -5.74 20.22
N ARG A 433 13.20 -5.34 21.31
CA ARG A 433 13.64 -6.26 22.36
C ARG A 433 12.93 -5.96 23.66
N LYS A 434 12.61 -7.01 24.40
CA LYS A 434 12.15 -6.84 25.78
C LYS A 434 13.31 -6.37 26.65
N TRP A 435 12.96 -5.73 27.77
CA TRP A 435 13.99 -5.07 28.59
C TRP A 435 15.02 -6.03 29.15
N TYR A 436 14.70 -7.33 29.23
CA TYR A 436 15.61 -8.31 29.80
C TYR A 436 16.29 -9.19 28.75
N GLU A 437 16.09 -8.93 27.47
CA GLU A 437 16.71 -9.72 26.42
C GLU A 437 18.08 -9.16 26.07
N LEU A 438 18.95 -10.04 25.58
CA LEU A 438 20.24 -9.60 25.07
C LEU A 438 20.03 -8.70 23.86
N GLN A 439 20.84 -7.64 23.74
CA GLN A 439 20.66 -6.69 22.66
C GLN A 439 20.91 -7.34 21.30
N TRP A 440 22.04 -8.04 21.17
CA TRP A 440 22.38 -8.76 19.94
C TRP A 440 22.83 -10.17 20.35
N GLY A 441 21.86 -11.07 20.47
CA GLY A 441 22.10 -12.43 20.92
C GLY A 441 22.64 -13.39 19.89
N ARG A 442 22.73 -12.97 18.63
CA ARG A 442 23.34 -13.77 17.56
C ARG A 442 22.56 -15.08 17.42
N GLU A 443 23.24 -16.14 16.98
CA GLU A 443 22.63 -17.46 16.83
C GLU A 443 23.46 -18.46 17.62
N LYS A 444 22.82 -19.12 18.60
CA LYS A 444 23.54 -20.04 19.47
C LYS A 444 24.25 -21.12 18.68
N LEU A 445 23.66 -21.55 17.56
CA LEU A 445 24.20 -22.68 16.82
C LEU A 445 25.57 -22.37 16.22
N PHE A 446 25.87 -21.09 15.99
CA PHE A 446 27.19 -20.74 15.49
C PHE A 446 28.25 -20.88 16.58
N PHE A 447 27.90 -20.62 17.83
CA PHE A 447 28.89 -20.71 18.91
C PHE A 447 29.06 -22.14 19.40
N GLU A 448 27.99 -22.92 19.44
CA GLU A 448 28.01 -24.24 20.07
C GLU A 448 28.51 -25.30 19.09
N ARG A 449 29.75 -25.13 18.64
CA ARG A 449 30.37 -26.05 17.71
C ARG A 449 31.88 -25.86 17.79
N LYS A 450 32.61 -26.68 17.03
CA LYS A 450 34.04 -26.49 16.91
C LYS A 450 34.32 -25.27 16.04
N LYS A 451 35.16 -24.37 16.54
CA LYS A 451 35.42 -23.11 15.85
C LYS A 451 36.79 -22.59 16.25
N ILE A 452 37.22 -21.52 15.58
CA ILE A 452 38.47 -20.84 15.88
C ILE A 452 38.12 -19.44 16.38
N MET A 453 38.84 -19.00 17.42
CA MET A 453 38.60 -17.71 18.04
C MET A 453 39.89 -16.91 18.11
N TYR A 454 39.75 -15.59 18.07
CA TYR A 454 40.89 -14.69 18.22
C TYR A 454 40.46 -13.39 18.87
N PRO A 455 41.32 -12.76 19.67
CA PRO A 455 40.97 -11.47 20.27
C PRO A 455 40.94 -10.36 19.24
N TYR A 456 40.12 -9.34 19.53
CA TYR A 456 39.92 -8.25 18.57
C TYR A 456 41.06 -7.23 18.58
N LYS A 457 41.85 -7.18 19.66
CA LYS A 457 42.99 -6.28 19.76
C LYS A 457 44.12 -7.02 20.47
N SER A 458 45.28 -7.12 19.82
CA SER A 458 46.36 -7.94 20.35
C SER A 458 47.69 -7.42 19.85
N ASN A 459 48.75 -7.83 20.53
CA ASN A 459 50.11 -7.53 20.08
C ASN A 459 50.67 -8.59 19.13
N GLU A 460 50.04 -9.75 19.05
CA GLU A 460 50.53 -10.85 18.21
C GLU A 460 49.38 -11.74 17.80
N ASN A 461 49.64 -12.57 16.79
CA ASN A 461 48.65 -13.54 16.32
C ASN A 461 48.34 -14.54 17.42
N ARG A 462 47.07 -14.61 17.83
CA ARG A 462 46.60 -15.56 18.83
CA ARG A 462 46.60 -15.56 18.83
C ARG A 462 45.31 -16.20 18.30
N PHE A 463 45.47 -17.29 17.55
CA PHE A 463 44.33 -18.02 17.00
C PHE A 463 44.20 -19.35 17.74
N ALA A 464 43.05 -19.59 18.34
CA ALA A 464 42.84 -20.76 19.18
C ALA A 464 41.68 -21.59 18.65
N ILE A 465 41.77 -22.90 18.86
CA ILE A 465 40.65 -23.81 18.61
C ILE A 465 39.82 -23.89 19.88
N ASP A 466 38.52 -23.65 19.77
CA ASP A 466 37.60 -23.75 20.89
C ASP A 466 36.94 -25.13 20.87
N TYR A 467 37.15 -25.89 21.94
CA TYR A 467 36.54 -27.21 22.09
C TYR A 467 35.34 -27.22 23.03
N ASP A 468 34.96 -26.07 23.59
CA ASP A 468 34.08 -26.06 24.75
C ASP A 468 32.84 -25.19 24.55
N ASN A 469 32.48 -24.89 23.29
CA ASN A 469 31.27 -24.10 22.99
C ASN A 469 31.27 -22.77 23.74
N ASN A 470 32.41 -22.09 23.75
CA ASN A 470 32.52 -20.84 24.48
C ASN A 470 31.78 -19.72 23.77
N PHE A 471 31.06 -18.92 24.54
CA PHE A 471 30.49 -17.66 24.10
C PHE A 471 31.40 -16.51 24.53
N SER A 472 31.31 -15.39 23.82
CA SER A 472 32.14 -14.24 24.16
C SER A 472 31.44 -12.98 23.69
N SER A 473 31.98 -11.84 24.13
CA SER A 473 31.50 -10.54 23.69
C SER A 473 32.20 -10.17 22.38
N ALA A 474 32.04 -8.92 21.95
CA ALA A 474 32.61 -8.47 20.68
C ALA A 474 34.11 -8.25 20.74
N ASP A 475 34.74 -8.48 21.89
CA ASP A 475 36.20 -8.42 21.97
C ASP A 475 36.87 -9.72 21.55
N VAL A 476 36.10 -10.73 21.16
CA VAL A 476 36.60 -11.97 20.59
C VAL A 476 35.78 -12.29 19.34
N TYR A 477 36.47 -12.65 18.25
CA TYR A 477 35.82 -13.01 16.99
C TYR A 477 35.98 -14.50 16.75
N SER A 478 35.03 -15.07 15.99
CA SER A 478 35.06 -16.50 15.71
C SER A 478 34.88 -16.76 14.22
N PHE A 479 35.36 -17.92 13.78
CA PHE A 479 35.00 -18.43 12.46
C PHE A 479 35.04 -19.95 12.49
N PHE A 480 34.33 -20.56 11.53
CA PHE A 480 34.40 -22.00 11.32
C PHE A 480 34.52 -22.29 9.83
N ILE A 481 34.90 -23.51 9.52
CA ILE A 481 35.22 -23.90 8.15
C ILE A 481 33.95 -24.30 7.42
N LYS A 482 33.85 -23.87 6.16
CA LYS A 482 32.73 -24.29 5.31
C LYS A 482 32.79 -25.80 5.09
N GLU A 483 31.61 -26.41 4.93
CA GLU A 483 31.52 -27.86 4.83
C GLU A 483 32.27 -28.36 3.59
N GLU A 484 32.16 -27.66 2.47
CA GLU A 484 32.79 -28.13 1.23
C GLU A 484 34.31 -28.02 1.25
N TYR A 485 34.89 -27.34 2.25
CA TYR A 485 36.34 -27.21 2.35
C TYR A 485 36.95 -28.00 3.50
N LEU A 486 36.16 -28.86 4.16
CA LEU A 486 36.68 -29.60 5.31
C LEU A 486 37.78 -30.58 4.90
N ASP A 487 37.70 -31.14 3.70
CA ASP A 487 38.70 -32.13 3.28
C ASP A 487 39.99 -31.49 2.78
N LYS A 488 39.98 -30.19 2.48
CA LYS A 488 41.20 -29.48 2.10
C LYS A 488 41.91 -28.86 3.29
N PHE A 489 41.17 -28.42 4.31
CA PHE A 489 41.74 -27.69 5.42
C PHE A 489 41.13 -28.17 6.72
N SER A 490 41.98 -28.57 7.66
CA SER A 490 41.57 -28.89 9.02
C SER A 490 41.84 -27.70 9.94
N TYR A 491 41.25 -27.76 11.13
CA TYR A 491 41.44 -26.67 12.09
C TYR A 491 42.88 -26.64 12.60
N GLU A 492 43.48 -27.82 12.80
CA GLU A 492 44.84 -27.89 13.32
C GLU A 492 45.83 -27.23 12.37
N TYR A 493 45.71 -27.51 11.07
CA TYR A 493 46.58 -26.89 10.09
C TYR A 493 46.43 -25.37 10.07
N LEU A 494 45.19 -24.89 10.18
CA LEU A 494 44.93 -23.45 10.12
C LEU A 494 45.54 -22.75 11.33
N VAL A 495 45.34 -23.29 12.53
CA VAL A 495 45.95 -22.63 13.68
C VAL A 495 47.47 -22.77 13.63
N GLY A 496 47.98 -23.84 13.02
CA GLY A 496 49.42 -23.98 12.87
C GLY A 496 50.02 -22.87 12.03
N ILE A 497 49.44 -22.60 10.86
CA ILE A 497 50.07 -21.60 10.01
C ILE A 497 49.69 -20.17 10.45
N LEU A 498 48.49 -19.97 10.98
CA LEU A 498 48.09 -18.62 11.39
C LEU A 498 48.88 -18.13 12.59
N ASN A 499 49.35 -19.02 13.44
CA ASN A 499 50.10 -18.65 14.63
C ASN A 499 51.59 -18.55 14.39
N SER A 500 52.05 -18.75 13.15
CA SER A 500 53.48 -18.74 12.86
C SER A 500 54.01 -17.31 12.77
N SER A 501 55.34 -17.19 12.88
CA SER A 501 55.98 -15.89 12.74
C SER A 501 55.77 -15.33 11.34
N VAL A 502 55.81 -16.21 10.33
CA VAL A 502 55.56 -15.79 8.95
C VAL A 502 54.24 -15.04 8.86
N TYR A 503 53.18 -15.64 9.39
CA TYR A 503 51.87 -15.02 9.30
C TYR A 503 51.68 -13.87 10.27
N ASP A 504 52.44 -13.84 11.38
CA ASP A 504 52.43 -12.65 12.23
C ASP A 504 52.93 -11.43 11.46
N LYS A 505 54.11 -11.56 10.84
CA LYS A 505 54.65 -10.45 10.04
C LYS A 505 53.72 -10.14 8.86
N TYR A 506 53.23 -11.17 8.18
CA TYR A 506 52.39 -10.99 7.00
C TYR A 506 51.11 -10.24 7.34
N PHE A 507 50.45 -10.60 8.44
CA PHE A 507 49.24 -9.88 8.83
C PHE A 507 49.57 -8.45 9.26
N LYS A 508 50.65 -8.26 10.02
CA LYS A 508 50.97 -6.92 10.48
C LYS A 508 51.43 -5.99 9.35
N ILE A 509 51.75 -6.53 8.17
CA ILE A 509 52.09 -5.66 7.04
C ILE A 509 50.97 -4.67 6.76
N THR A 510 49.72 -5.15 6.72
CA THR A 510 48.57 -4.31 6.36
C THR A 510 47.60 -4.09 7.52
N ALA A 511 47.90 -4.56 8.72
CA ALA A 511 46.97 -4.45 9.82
C ALA A 511 46.87 -3.02 10.33
N LYS A 512 45.82 -2.75 11.10
CA LYS A 512 45.52 -1.42 11.62
C LYS A 512 46.16 -1.28 13.00
N LYS A 513 47.20 -0.46 13.09
CA LYS A 513 47.91 -0.23 14.33
C LYS A 513 47.15 0.80 15.18
N MET A 514 46.87 0.46 16.44
CA MET A 514 45.96 1.24 17.28
C MET A 514 46.66 2.04 18.36
N SER A 515 47.59 1.41 19.08
CA SER A 515 48.32 2.04 20.16
C SER A 515 49.51 1.13 20.46
N LYS A 516 50.37 1.57 21.36
CA LYS A 516 51.63 0.90 21.63
C LYS A 516 51.42 -0.60 21.83
N ASN A 517 51.94 -1.40 20.91
CA ASN A 517 51.85 -2.86 20.95
C ASN A 517 50.41 -3.36 20.86
N ILE A 518 49.60 -2.73 20.02
CA ILE A 518 48.21 -3.17 19.81
C ILE A 518 47.85 -3.03 18.34
N TYR A 519 47.43 -4.12 17.73
CA TYR A 519 46.84 -4.13 16.39
C TYR A 519 45.38 -4.55 16.50
N ASP A 520 44.58 -4.08 15.55
CA ASP A 520 43.21 -4.57 15.42
C ASP A 520 43.22 -5.92 14.72
N TYR A 521 42.51 -6.89 15.30
CA TYR A 521 42.26 -8.17 14.63
C TYR A 521 40.76 -8.26 14.39
N TYR A 522 40.32 -7.66 13.29
CA TYR A 522 38.93 -7.63 12.91
C TYR A 522 38.72 -8.40 11.61
N PRO A 523 37.53 -8.95 11.38
CA PRO A 523 37.30 -9.75 10.17
C PRO A 523 37.58 -9.00 8.87
N ASN A 524 37.36 -7.69 8.83
CA ASN A 524 37.55 -6.95 7.58
C ASN A 524 38.98 -7.00 7.09
N LYS A 525 39.92 -7.39 7.93
CA LYS A 525 41.28 -7.70 7.50
C LYS A 525 41.68 -9.14 7.76
N VAL A 526 41.20 -9.76 8.83
CA VAL A 526 41.58 -11.14 9.13
C VAL A 526 41.07 -12.09 8.05
N MET A 527 39.83 -11.90 7.59
CA MET A 527 39.29 -12.82 6.59
C MET A 527 39.95 -12.67 5.23
N LYS A 528 40.73 -11.61 5.00
CA LYS A 528 41.45 -11.44 3.75
C LYS A 528 42.81 -12.12 3.74
N ILE A 529 43.22 -12.72 4.86
CA ILE A 529 44.46 -13.47 4.90
C ILE A 529 44.39 -14.65 3.93
N ARG A 530 45.43 -14.81 3.13
CA ARG A 530 45.48 -15.87 2.12
C ARG A 530 46.27 -17.06 2.64
N ILE A 531 45.82 -18.26 2.27
CA ILE A 531 46.39 -19.51 2.75
C ILE A 531 46.71 -20.42 1.57
N PHE A 532 47.38 -21.54 1.87
CA PHE A 532 47.90 -22.42 0.84
C PHE A 532 47.86 -23.85 1.34
N ARG A 533 47.95 -24.79 0.40
CA ARG A 533 48.17 -26.20 0.71
C ARG A 533 49.15 -26.78 -0.30
N ASP A 534 50.07 -27.61 0.20
CA ASP A 534 51.15 -28.13 -0.64
C ASP A 534 51.70 -29.40 0.01
N ASN A 535 52.90 -29.80 -0.42
CA ASN A 535 53.53 -31.04 0.06
C ASN A 535 53.82 -31.03 1.55
N ASN A 536 53.90 -29.85 2.18
CA ASN A 536 54.24 -29.75 3.60
C ASN A 536 53.02 -29.77 4.51
N TYR A 537 51.82 -29.97 3.96
CA TYR A 537 50.59 -29.91 4.75
C TYR A 537 50.65 -30.82 5.96
N GLU A 538 51.01 -32.09 5.75
CA GLU A 538 50.88 -33.09 6.80
C GLU A 538 51.84 -32.86 7.95
N GLU A 539 53.09 -32.48 7.65
CA GLU A 539 54.04 -32.23 8.73
C GLU A 539 53.64 -31.00 9.55
N ILE A 540 53.13 -29.96 8.88
CA ILE A 540 52.63 -28.78 9.60
C ILE A 540 51.49 -29.16 10.52
N GLU A 541 50.54 -29.94 10.00
CA GLU A 541 49.39 -30.35 10.82
C GLU A 541 49.84 -31.21 12.00
N ASN A 542 50.82 -32.10 11.77
CA ASN A 542 51.32 -32.95 12.85
C ASN A 542 52.01 -32.13 13.93
N LEU A 543 52.84 -31.16 13.53
CA LEU A 543 53.48 -30.28 14.52
C LEU A 543 52.44 -29.50 15.31
N SER A 544 51.39 -29.02 14.62
CA SER A 544 50.33 -28.31 15.31
C SER A 544 49.63 -29.20 16.34
N LYS A 545 49.36 -30.45 15.97
CA LYS A 545 48.73 -31.38 16.91
C LYS A 545 49.64 -31.65 18.10
N GLN A 546 50.95 -31.76 17.87
CA GLN A 546 51.87 -31.94 18.99
C GLN A 546 51.85 -30.75 19.93
N ILE A 547 51.85 -29.54 19.37
CA ILE A 547 51.81 -28.33 20.20
C ILE A 547 50.54 -28.30 21.03
N ILE A 548 49.40 -28.62 20.40
CA ILE A 548 48.13 -28.65 21.13
C ILE A 548 48.16 -29.71 22.23
N SER A 549 48.73 -30.88 21.94
CA SER A 549 48.79 -31.94 22.92
C SER A 549 49.62 -31.53 24.14
N ILE A 550 50.75 -30.87 23.90
CA ILE A 550 51.57 -30.39 25.01
C ILE A 550 50.83 -29.34 25.82
N LEU A 551 50.17 -28.39 25.12
CA LEU A 551 49.55 -27.27 25.82
C LEU A 551 48.40 -27.68 26.73
N LEU A 552 47.88 -28.89 26.58
CA LEU A 552 46.75 -29.36 27.38
C LEU A 552 47.17 -30.33 28.49
N ASN A 553 48.47 -30.46 28.75
CA ASN A 553 48.94 -31.38 29.77
C ASN A 553 48.89 -30.76 31.16
N LYS A 554 48.88 -31.63 32.17
CA LYS A 554 48.91 -31.16 33.56
C LYS A 554 50.21 -30.45 33.87
N SER A 555 51.34 -30.97 33.41
CA SER A 555 52.65 -30.36 33.60
C SER A 555 53.13 -29.90 32.23
N ILE A 556 52.74 -28.69 31.86
CA ILE A 556 53.16 -28.10 30.59
C ILE A 556 54.59 -27.59 30.74
N ASP A 557 55.45 -27.97 29.79
CA ASP A 557 56.72 -27.29 29.57
C ASP A 557 56.66 -26.66 28.19
N LYS A 558 56.64 -25.34 28.14
CA LYS A 558 56.50 -24.62 26.88
C LYS A 558 57.72 -24.74 25.97
N GLY A 559 58.86 -25.21 26.49
CA GLY A 559 60.08 -25.18 25.70
C GLY A 559 59.99 -26.01 24.43
N LYS A 560 59.49 -27.24 24.55
CA LYS A 560 59.36 -28.07 23.35
C LYS A 560 58.34 -27.47 22.39
N VAL A 561 57.33 -26.77 22.92
CA VAL A 561 56.40 -26.05 22.05
C VAL A 561 57.13 -24.99 21.23
N GLU A 562 58.04 -24.26 21.86
CA GLU A 562 58.81 -23.25 21.12
C GLU A 562 59.67 -23.91 20.04
N LYS A 563 60.31 -25.03 20.36
CA LYS A 563 61.12 -25.72 19.35
C LYS A 563 60.27 -26.20 18.18
N LEU A 564 59.10 -26.78 18.48
CA LEU A 564 58.18 -27.23 17.43
C LEU A 564 57.72 -26.06 16.57
N GLN A 565 57.48 -24.90 17.20
CA GLN A 565 57.07 -23.72 16.45
C GLN A 565 58.17 -23.26 15.50
N ILE A 566 59.43 -23.33 15.95
CA ILE A 566 60.54 -22.98 15.07
C ILE A 566 60.57 -23.91 13.86
N LYS A 567 60.42 -25.22 14.09
CA LYS A 567 60.42 -26.16 12.97
C LYS A 567 59.26 -25.90 12.01
N MET A 568 58.07 -25.60 12.55
CA MET A 568 56.93 -25.29 11.69
C MET A 568 57.18 -24.03 10.88
N ASP A 569 57.81 -23.02 11.49
CA ASP A 569 58.14 -21.81 10.76
C ASP A 569 59.10 -22.10 9.61
N ASN A 570 60.06 -23.00 9.84
CA ASN A 570 60.94 -23.41 8.75
C ASN A 570 60.15 -24.07 7.63
N LEU A 571 59.19 -24.95 7.97
CA LEU A 571 58.37 -25.59 6.95
C LEU A 571 57.58 -24.57 6.14
N ILE A 572 56.97 -23.59 6.82
CA ILE A 572 56.18 -22.58 6.14
C ILE A 572 57.05 -21.72 5.24
N MET A 573 58.23 -21.32 5.72
CA MET A 573 59.14 -20.52 4.90
C MET A 573 59.61 -21.31 3.69
N ASP A 574 59.79 -22.63 3.84
CA ASP A 574 60.11 -23.46 2.68
C ASP A 574 58.95 -23.47 1.68
N SER A 575 57.73 -23.64 2.18
CA SER A 575 56.57 -23.72 1.29
C SER A 575 56.38 -22.42 0.51
N LEU A 576 56.56 -21.28 1.16
CA LEU A 576 56.34 -20.00 0.51
C LEU A 576 57.58 -19.46 -0.19
N GLY A 577 58.70 -20.15 -0.10
CA GLY A 577 59.91 -19.71 -0.79
C GLY A 577 60.43 -18.37 -0.35
N ILE A 578 60.44 -18.11 0.96
CA ILE A 578 60.98 -16.86 1.49
C ILE A 578 62.26 -17.16 2.27
N GLY B 29 -17.15 2.54 3.96
CA GLY B 29 -17.00 1.18 4.43
C GLY B 29 -18.05 0.77 5.45
N ILE B 30 -19.25 0.46 4.96
CA ILE B 30 -20.36 -0.02 5.79
C ILE B 30 -20.78 -1.38 5.26
N TYR B 31 -20.89 -2.35 6.16
CA TYR B 31 -21.13 -3.74 5.80
C TYR B 31 -22.40 -4.26 6.46
N TYR B 32 -23.21 -4.96 5.68
CA TYR B 32 -24.53 -5.41 6.10
C TYR B 32 -24.44 -6.82 6.66
N THR B 33 -24.72 -6.96 7.95
CA THR B 33 -24.77 -8.28 8.59
C THR B 33 -26.10 -8.96 8.26
N PRO B 34 -26.08 -10.24 7.90
CA PRO B 34 -27.33 -10.95 7.63
C PRO B 34 -28.25 -10.95 8.83
N LYS B 35 -29.56 -10.90 8.56
CA LYS B 35 -30.55 -10.78 9.62
C LYS B 35 -30.51 -11.96 10.57
N ILE B 36 -30.22 -13.16 10.06
CA ILE B 36 -30.19 -14.35 10.92
C ILE B 36 -29.08 -14.20 11.97
N ILE B 37 -27.93 -13.67 11.58
CA ILE B 37 -26.83 -13.45 12.52
C ILE B 37 -27.22 -12.41 13.56
N VAL B 38 -27.81 -11.31 13.12
CA VAL B 38 -28.18 -10.23 14.05
C VAL B 38 -29.18 -10.74 15.07
N ASP B 39 -30.20 -11.47 14.60
CA ASP B 39 -31.19 -12.02 15.51
C ASP B 39 -30.56 -12.97 16.51
N TYR B 40 -29.67 -13.85 16.04
CA TYR B 40 -29.00 -14.78 16.94
C TYR B 40 -28.21 -14.05 18.01
N ILE B 41 -27.43 -13.05 17.61
CA ILE B 41 -26.57 -12.35 18.57
C ILE B 41 -27.40 -11.59 19.60
N VAL B 42 -28.42 -10.86 19.14
CA VAL B 42 -29.23 -10.07 20.05
C VAL B 42 -29.97 -10.96 21.04
N LYS B 43 -30.57 -12.04 20.53
CA LYS B 43 -31.25 -12.98 21.42
C LYS B 43 -30.27 -13.62 22.39
N LYS B 44 -29.06 -13.94 21.93
CA LYS B 44 -28.07 -14.55 22.80
C LYS B 44 -27.77 -13.65 24.00
N THR B 45 -27.58 -12.36 23.75
CA THR B 45 -27.23 -11.48 24.87
C THR B 45 -28.44 -11.19 25.76
N LEU B 46 -29.62 -10.99 25.18
CA LEU B 46 -30.77 -10.51 25.93
C LEU B 46 -31.79 -11.59 26.28
N LYS B 47 -31.44 -12.87 26.08
CA LYS B 47 -32.42 -13.95 26.24
C LYS B 47 -32.97 -14.02 27.66
N ASN B 48 -32.08 -14.05 28.65
CA ASN B 48 -32.45 -14.35 30.03
C ASN B 48 -32.38 -13.13 30.94
N HIS B 49 -32.60 -11.93 30.40
CA HIS B 49 -32.52 -10.73 31.21
C HIS B 49 -33.74 -10.61 32.11
N ASP B 50 -33.51 -10.23 33.37
CA ASP B 50 -34.55 -10.07 34.38
C ASP B 50 -34.92 -8.59 34.42
N ILE B 51 -35.95 -8.22 33.65
CA ILE B 51 -36.32 -6.81 33.53
C ILE B 51 -36.94 -6.29 34.83
N ILE B 52 -37.57 -7.16 35.62
CA ILE B 52 -38.13 -6.72 36.89
C ILE B 52 -37.02 -6.33 37.86
N LYS B 53 -35.97 -7.15 37.94
CA LYS B 53 -34.87 -6.87 38.85
C LYS B 53 -34.06 -5.65 38.40
N ASN B 54 -33.85 -5.51 37.10
CA ASN B 54 -33.13 -4.36 36.54
C ASN B 54 -33.87 -3.83 35.33
N PRO B 55 -34.69 -2.79 35.50
CA PRO B 55 -35.33 -2.14 34.35
C PRO B 55 -34.47 -1.11 33.64
N TYR B 56 -33.18 -1.00 33.98
CA TYR B 56 -32.27 -0.06 33.34
C TYR B 56 -31.06 -0.81 32.79
N PRO B 57 -31.25 -1.66 31.77
CA PRO B 57 -30.08 -2.29 31.15
C PRO B 57 -29.47 -1.41 30.08
N ARG B 58 -28.15 -1.26 30.09
CA ARG B 58 -27.45 -0.47 29.07
C ARG B 58 -26.92 -1.41 27.99
N ILE B 59 -27.35 -1.18 26.76
CA ILE B 59 -26.96 -1.99 25.62
C ILE B 59 -26.22 -1.10 24.63
N LEU B 60 -24.99 -1.47 24.29
CA LEU B 60 -24.08 -0.62 23.55
C LEU B 60 -23.58 -1.30 22.28
N ASP B 61 -23.51 -0.53 21.19
CA ASP B 61 -22.81 -0.94 19.98
C ASP B 61 -21.83 0.15 19.61
N ILE B 62 -20.52 -0.17 19.61
CA ILE B 62 -19.48 0.82 19.38
C ILE B 62 -19.08 0.92 17.92
N SER B 63 -19.72 0.18 17.03
CA SER B 63 -19.57 0.33 15.58
C SER B 63 -20.93 0.20 14.92
N CYS B 64 -21.93 0.92 15.47
CA CYS B 64 -23.32 0.62 15.19
C CYS B 64 -23.70 0.84 13.73
N GLY B 65 -22.98 1.73 13.02
CA GLY B 65 -23.33 1.99 11.63
C GLY B 65 -24.72 2.58 11.51
N CYS B 66 -25.54 2.00 10.64
CA CYS B 66 -26.92 2.40 10.49
C CYS B 66 -27.85 1.75 11.51
N GLY B 67 -27.30 0.94 12.40
CA GLY B 67 -28.09 0.36 13.47
C GLY B 67 -28.69 -0.98 13.12
N ASN B 68 -27.94 -1.80 12.36
CA ASN B 68 -28.40 -3.15 12.06
C ASN B 68 -28.74 -3.91 13.34
N PHE B 69 -27.91 -3.77 14.37
CA PHE B 69 -28.12 -4.44 15.64
C PHE B 69 -29.01 -3.64 16.59
N LEU B 70 -28.90 -2.31 16.58
CA LEU B 70 -29.59 -1.51 17.58
C LEU B 70 -31.11 -1.50 17.38
N LEU B 71 -31.57 -1.59 16.14
CA LEU B 71 -33.02 -1.64 15.91
C LEU B 71 -33.62 -2.96 16.41
N GLU B 72 -32.91 -4.08 16.19
CA GLU B 72 -33.34 -5.34 16.76
C GLU B 72 -33.31 -5.30 18.29
N VAL B 73 -32.28 -4.66 18.84
CA VAL B 73 -32.23 -4.45 20.29
C VAL B 73 -33.46 -3.69 20.76
N TYR B 74 -33.83 -2.64 20.02
CA TYR B 74 -35.00 -1.85 20.39
C TYR B 74 -36.26 -2.71 20.41
N ASP B 75 -36.46 -3.51 19.36
CA ASP B 75 -37.67 -4.35 19.30
C ASP B 75 -37.72 -5.33 20.46
N ILE B 76 -36.59 -6.00 20.74
CA ILE B 76 -36.57 -6.97 21.84
C ILE B 76 -36.83 -6.28 23.17
N LEU B 77 -36.21 -5.11 23.40
CA LEU B 77 -36.43 -4.37 24.63
C LEU B 77 -37.89 -3.94 24.77
N TYR B 78 -38.50 -3.50 23.67
CA TYR B 78 -39.89 -3.05 23.73
C TYR B 78 -40.81 -4.19 24.13
N ASP B 79 -40.65 -5.36 23.50
CA ASP B 79 -41.48 -6.50 23.88
C ASP B 79 -41.24 -6.88 25.34
N LEU B 80 -39.97 -6.86 25.78
CA LEU B 80 -39.64 -7.23 27.14
C LEU B 80 -40.29 -6.30 28.15
N PHE B 81 -40.28 -4.99 27.87
CA PHE B 81 -40.93 -4.03 28.77
C PHE B 81 -42.45 -4.20 28.74
N GLU B 82 -43.03 -4.37 27.55
CA GLU B 82 -44.48 -4.40 27.43
C GLU B 82 -45.06 -5.61 28.15
N GLU B 83 -44.41 -6.77 28.05
CA GLU B 83 -44.99 -7.96 28.66
C GLU B 83 -44.89 -7.96 30.19
N ASN B 84 -44.17 -7.01 30.78
CA ASN B 84 -44.00 -6.96 32.24
C ASN B 84 -44.35 -5.57 32.80
N ILE B 85 -45.20 -4.83 32.10
CA ILE B 85 -45.36 -3.41 32.41
C ILE B 85 -46.06 -3.23 33.75
N TYR B 86 -47.08 -4.05 34.04
CA TYR B 86 -47.82 -3.86 35.29
C TYR B 86 -47.02 -4.30 36.50
N GLU B 87 -46.15 -5.31 36.36
CA GLU B 87 -45.26 -5.67 37.46
C GLU B 87 -44.31 -4.52 37.78
N LEU B 88 -43.74 -3.89 36.75
CA LEU B 88 -42.89 -2.72 36.98
C LEU B 88 -43.68 -1.58 37.61
N LYS B 89 -44.91 -1.38 37.15
CA LYS B 89 -45.77 -0.32 37.70
C LYS B 89 -46.01 -0.54 39.19
N LYS B 90 -46.24 -1.80 39.59
CA LYS B 90 -46.50 -2.08 41.00
C LYS B 90 -45.22 -1.98 41.83
N LYS B 91 -44.08 -2.44 41.30
CA LYS B 91 -42.85 -2.48 42.08
C LYS B 91 -42.18 -1.11 42.16
N TYR B 92 -42.41 -0.24 41.17
CA TYR B 92 -41.77 1.07 41.12
C TYR B 92 -42.83 2.16 40.99
N ASP B 93 -42.41 3.38 40.65
CA ASP B 93 -43.35 4.49 40.52
C ASP B 93 -44.44 4.16 39.51
N GLU B 94 -45.70 4.22 39.96
CA GLU B 94 -46.82 3.82 39.12
C GLU B 94 -47.06 4.79 37.98
N ASN B 95 -46.77 6.08 38.19
CA ASN B 95 -47.03 7.07 37.15
C ASN B 95 -46.04 6.96 36.00
N TYR B 96 -44.81 6.54 36.28
CA TYR B 96 -43.79 6.49 35.24
C TYR B 96 -44.00 5.31 34.30
N TRP B 97 -44.34 4.14 34.85
CA TRP B 97 -44.35 2.90 34.09
C TRP B 97 -45.69 2.73 33.39
N THR B 98 -45.75 3.17 32.14
CA THR B 98 -46.91 2.99 31.28
C THR B 98 -46.42 2.56 29.91
N VAL B 99 -47.32 1.98 29.11
CA VAL B 99 -46.94 1.48 27.79
C VAL B 99 -46.44 2.63 26.92
N ASP B 100 -47.19 3.72 26.86
CA ASP B 100 -46.82 4.83 25.99
C ASP B 100 -45.52 5.50 26.40
N ASN B 101 -45.02 5.23 27.61
CA ASN B 101 -43.75 5.79 28.06
C ASN B 101 -42.57 4.85 27.84
N ILE B 102 -42.80 3.66 27.26
CA ILE B 102 -41.71 2.72 27.06
C ILE B 102 -40.68 3.29 26.09
N HIS B 103 -41.15 3.78 24.94
CA HIS B 103 -40.28 4.34 23.90
C HIS B 103 -39.23 5.28 24.49
N ARG B 104 -39.70 6.35 25.12
CA ARG B 104 -38.80 7.33 25.73
C ARG B 104 -37.79 6.65 26.65
N HIS B 105 -38.28 5.76 27.52
CA HIS B 105 -37.39 5.09 28.46
C HIS B 105 -36.27 4.37 27.71
N ILE B 106 -36.62 3.61 26.67
CA ILE B 106 -35.63 2.86 25.93
C ILE B 106 -34.58 3.81 25.35
N LEU B 107 -35.01 4.97 24.87
CA LEU B 107 -34.06 5.87 24.25
C LEU B 107 -33.25 6.65 25.27
N ASN B 108 -33.69 6.71 26.53
CA ASN B 108 -32.96 7.55 27.48
C ASN B 108 -31.89 6.76 28.25
N TYR B 109 -32.19 5.53 28.64
CA TYR B 109 -31.36 4.81 29.58
C TYR B 109 -30.84 3.48 29.05
N CYS B 110 -31.23 3.06 27.86
CA CYS B 110 -30.99 1.67 27.47
C CYS B 110 -30.17 1.49 26.22
N ILE B 111 -30.37 2.31 25.18
CA ILE B 111 -29.74 2.10 23.89
C ILE B 111 -28.60 3.11 23.72
N TYR B 112 -27.41 2.60 23.40
CA TYR B 112 -26.22 3.41 23.20
C TYR B 112 -25.53 2.99 21.92
N GLY B 113 -25.22 3.95 21.07
CA GLY B 113 -24.52 3.68 19.83
C GLY B 113 -23.36 4.64 19.62
N ALA B 114 -22.36 4.16 18.90
CA ALA B 114 -21.22 4.98 18.53
C ALA B 114 -20.70 4.54 17.16
N ASP B 115 -20.43 5.51 16.30
CA ASP B 115 -19.84 5.23 14.99
C ASP B 115 -19.08 6.46 14.52
N ILE B 116 -18.12 6.23 13.62
CA ILE B 116 -17.28 7.32 13.12
C ILE B 116 -17.94 8.07 11.97
N ASP B 117 -19.00 7.52 11.38
CA ASP B 117 -19.65 8.10 10.21
C ASP B 117 -20.85 8.93 10.65
N GLU B 118 -20.84 10.23 10.30
CA GLU B 118 -21.91 11.13 10.71
C GLU B 118 -23.23 10.78 10.03
N LYS B 119 -23.18 10.49 8.72
CA LYS B 119 -24.41 10.17 8.00
C LYS B 119 -25.08 8.93 8.57
N ALA B 120 -24.30 7.91 8.90
CA ALA B 120 -24.86 6.70 9.49
C ALA B 120 -25.54 6.99 10.82
N ILE B 121 -24.91 7.81 11.66
CA ILE B 121 -25.49 8.14 12.96
C ILE B 121 -26.79 8.92 12.79
N SER B 122 -26.83 9.87 11.85
CA SER B 122 -28.06 10.61 11.64
C SER B 122 -29.18 9.71 11.11
N ILE B 123 -28.85 8.81 10.18
CA ILE B 123 -29.85 7.86 9.68
C ILE B 123 -30.38 7.00 10.81
N LEU B 124 -29.47 6.52 11.68
CA LEU B 124 -29.90 5.71 12.81
C LEU B 124 -30.78 6.49 13.77
N LYS B 125 -30.45 7.77 14.01
CA LYS B 125 -31.27 8.59 14.90
C LYS B 125 -32.68 8.74 14.34
N ASP B 126 -32.80 8.99 13.03
CA ASP B 126 -34.11 9.09 12.43
C ASP B 126 -34.88 7.78 12.54
N SER B 127 -34.22 6.66 12.25
CA SER B 127 -34.89 5.36 12.35
C SER B 127 -35.32 5.05 13.77
N LEU B 128 -34.54 5.49 14.77
CA LEU B 128 -34.90 5.25 16.16
C LEU B 128 -36.06 6.12 16.60
N THR B 129 -36.08 7.39 16.18
CA THR B 129 -37.19 8.26 16.55
C THR B 129 -38.47 7.91 15.81
N ASN B 130 -38.38 7.30 14.62
CA ASN B 130 -39.56 6.85 13.90
C ASN B 130 -40.11 5.52 14.41
N LYS B 131 -39.69 5.08 15.60
CA LYS B 131 -40.23 3.85 16.18
C LYS B 131 -41.57 4.06 16.86
N LYS B 132 -41.92 5.30 17.19
CA LYS B 132 -43.19 5.61 17.86
C LYS B 132 -44.06 6.42 16.90
N VAL B 133 -45.32 6.01 16.78
CA VAL B 133 -46.21 6.62 15.78
C VAL B 133 -46.52 8.06 16.13
N VAL B 134 -46.66 8.37 17.42
CA VAL B 134 -47.11 9.69 17.84
C VAL B 134 -46.05 10.73 17.49
N ASN B 135 -46.40 11.65 16.58
CA ASN B 135 -45.54 12.76 16.22
C ASN B 135 -45.84 13.94 17.13
N ASP B 136 -44.79 14.53 17.70
CA ASP B 136 -44.90 15.58 18.71
C ASP B 136 -45.72 15.09 19.90
N LEU B 137 -45.19 14.07 20.58
CA LEU B 137 -45.89 13.45 21.69
C LEU B 137 -45.79 14.30 22.96
N ASP B 138 -44.57 14.65 23.36
CA ASP B 138 -44.32 15.47 24.55
C ASP B 138 -43.32 16.57 24.22
N GLU B 139 -43.56 17.26 23.11
CA GLU B 139 -42.74 18.38 22.63
C GLU B 139 -41.33 17.94 22.22
N SER B 140 -41.16 16.67 21.88
CA SER B 140 -39.94 16.15 21.26
C SER B 140 -38.70 16.43 22.14
N ASP B 141 -38.69 15.81 23.31
CA ASP B 141 -37.60 16.02 24.26
C ASP B 141 -36.95 14.70 24.66
N ILE B 142 -36.64 13.85 23.69
CA ILE B 142 -36.06 12.53 23.95
C ILE B 142 -34.56 12.59 23.67
N LYS B 143 -33.76 12.39 24.72
CA LYS B 143 -32.32 12.27 24.55
C LYS B 143 -31.98 10.89 23.99
N ILE B 144 -31.19 10.88 22.92
CA ILE B 144 -30.67 9.64 22.35
C ILE B 144 -29.19 9.54 22.70
N ASN B 145 -28.76 8.34 23.06
CA ASN B 145 -27.36 8.12 23.43
C ASN B 145 -26.56 7.62 22.22
N LEU B 146 -26.46 8.48 21.21
CA LEU B 146 -25.68 8.23 20.01
C LEU B 146 -24.50 9.19 19.97
N PHE B 147 -23.32 8.67 19.66
CA PHE B 147 -22.11 9.48 19.60
C PHE B 147 -21.41 9.27 18.26
N CYS B 148 -21.07 10.37 17.60
CA CYS B 148 -20.27 10.32 16.38
C CYS B 148 -18.82 10.62 16.79
N CYS B 149 -18.00 9.59 16.83
CA CYS B 149 -16.66 9.70 17.39
C CYS B 149 -15.85 8.46 17.02
N ASP B 150 -14.63 8.41 17.53
CA ASP B 150 -13.77 7.23 17.45
C ASP B 150 -13.93 6.46 18.76
N SER B 151 -14.54 5.27 18.67
CA SER B 151 -14.82 4.50 19.88
C SER B 151 -13.55 4.07 20.59
N LEU B 152 -12.46 3.87 19.84
CA LEU B 152 -11.20 3.47 20.47
C LEU B 152 -10.57 4.61 21.25
N LYS B 153 -10.98 5.86 21.01
CA LYS B 153 -10.47 7.01 21.74
C LYS B 153 -11.41 7.51 22.82
N LYS B 154 -12.72 7.34 22.65
CA LYS B 154 -13.68 7.96 23.55
C LYS B 154 -13.53 7.44 24.97
N LYS B 155 -13.59 8.37 25.93
CA LYS B 155 -13.61 8.02 27.35
C LYS B 155 -15.05 7.80 27.78
N TRP B 156 -15.30 6.64 28.39
CA TRP B 156 -16.63 6.27 28.85
C TRP B 156 -16.71 6.45 30.35
N ARG B 157 -17.79 7.10 30.81
CA ARG B 157 -17.93 7.42 32.22
C ARG B 157 -18.42 6.26 33.07
N TYR B 158 -18.96 5.21 32.44
CA TYR B 158 -19.46 4.05 33.18
C TYR B 158 -19.44 2.85 32.26
N LYS B 159 -19.66 1.67 32.84
CA LYS B 159 -19.64 0.43 32.09
C LYS B 159 -21.05 0.04 31.62
N PHE B 160 -21.12 -1.03 30.82
CA PHE B 160 -22.30 -1.38 30.07
C PHE B 160 -22.71 -2.82 30.32
N ASP B 161 -24.02 -3.05 30.42
CA ASP B 161 -24.53 -4.38 30.73
C ASP B 161 -24.39 -5.34 29.56
N TYR B 162 -24.57 -4.84 28.33
CA TYR B 162 -24.53 -5.70 27.15
C TYR B 162 -23.87 -4.95 26.00
N ILE B 163 -23.06 -5.67 25.22
CA ILE B 163 -22.37 -5.12 24.06
C ILE B 163 -22.53 -6.09 22.90
N VAL B 164 -23.03 -5.59 21.76
CA VAL B 164 -23.21 -6.36 20.55
C VAL B 164 -22.70 -5.53 19.37
N GLY B 165 -22.41 -6.21 18.27
CA GLY B 165 -22.13 -5.52 17.03
C GLY B 165 -21.14 -6.26 16.15
N ASN B 166 -20.75 -5.57 15.08
CA ASN B 166 -19.87 -6.09 14.05
C ASN B 166 -18.79 -5.06 13.79
N PRO B 167 -17.60 -5.20 14.39
CA PRO B 167 -16.58 -4.15 14.32
C PRO B 167 -15.94 -4.08 12.94
N PRO B 168 -15.24 -3.00 12.62
CA PRO B 168 -14.51 -2.95 11.35
C PRO B 168 -13.31 -3.87 11.35
N TYR B 169 -13.02 -4.44 10.17
CA TYR B 169 -11.83 -5.28 9.97
C TYR B 169 -10.90 -4.53 9.03
N ILE B 170 -9.77 -4.06 9.54
CA ILE B 170 -8.75 -3.42 8.72
C ILE B 170 -7.37 -3.92 9.14
N GLY B 171 -6.62 -4.45 8.17
CA GLY B 171 -5.30 -4.99 8.43
C GLY B 171 -4.20 -3.95 8.33
N HIS B 172 -2.95 -4.44 8.46
CA HIS B 172 -1.80 -3.54 8.55
C HIS B 172 -1.60 -2.73 7.28
N LYS B 173 -2.03 -3.27 6.13
CA LYS B 173 -1.82 -2.57 4.86
C LYS B 173 -2.79 -1.41 4.68
N LYS B 174 -4.03 -1.56 5.15
CA LYS B 174 -5.11 -0.63 4.81
C LYS B 174 -5.39 0.39 5.91
N LEU B 175 -4.56 0.45 6.95
CA LEU B 175 -4.64 1.49 7.97
C LEU B 175 -3.56 2.53 7.72
N GLU B 176 -3.85 3.78 8.09
CA GLU B 176 -2.86 4.84 8.03
C GLU B 176 -1.83 4.65 9.15
N LYS B 177 -0.62 5.14 8.91
CA LYS B 177 0.48 4.87 9.83
C LYS B 177 0.40 5.72 11.09
N LYS B 178 -0.18 6.93 11.03
CA LYS B 178 -0.36 7.72 12.24
C LYS B 178 -1.34 7.04 13.18
N TYR B 179 -2.43 6.51 12.64
CA TYR B 179 -3.38 5.79 13.47
C TYR B 179 -2.74 4.53 14.06
N LYS B 180 -1.91 3.85 13.27
CA LYS B 180 -1.21 2.68 13.80
C LYS B 180 -0.23 3.07 14.89
N LYS B 181 0.35 4.27 14.82
CA LYS B 181 1.15 4.77 15.93
C LYS B 181 0.29 4.92 17.18
N PHE B 182 -0.91 5.48 17.04
CA PHE B 182 -1.80 5.58 18.18
C PHE B 182 -2.13 4.20 18.76
N LEU B 183 -2.45 3.24 17.89
CA LEU B 183 -2.82 1.90 18.36
C LEU B 183 -1.66 1.20 19.04
N LEU B 184 -0.46 1.31 18.47
CA LEU B 184 0.71 0.68 19.07
C LEU B 184 1.07 1.33 20.40
N GLU B 185 0.73 2.61 20.57
CA GLU B 185 0.96 3.25 21.87
C GLU B 185 -0.06 2.79 22.90
N LYS B 186 -1.34 2.87 22.55
CA LYS B 186 -2.41 2.72 23.55
C LYS B 186 -3.00 1.32 23.64
N TYR B 187 -2.97 0.53 22.56
CA TYR B 187 -3.54 -0.81 22.57
C TYR B 187 -2.47 -1.89 22.45
N SER B 188 -1.27 -1.62 23.00
CA SER B 188 -0.14 -2.51 22.80
C SER B 188 -0.35 -3.89 23.41
N GLU B 189 -1.34 -4.05 24.29
CA GLU B 189 -1.58 -5.35 24.92
C GLU B 189 -2.21 -6.35 23.96
N VAL B 190 -2.84 -5.88 22.87
CA VAL B 190 -3.37 -6.77 21.85
C VAL B 190 -2.91 -6.41 20.45
N TYR B 191 -2.34 -5.23 20.23
CA TYR B 191 -2.00 -4.77 18.89
C TYR B 191 -0.49 -4.64 18.75
N LYS B 192 0.09 -5.40 17.83
CA LYS B 192 1.51 -5.35 17.50
C LYS B 192 1.68 -5.87 16.08
N ASP B 193 2.65 -5.31 15.38
CA ASP B 193 3.13 -5.87 14.11
C ASP B 193 1.97 -5.94 13.12
N LYS B 194 1.59 -7.12 12.63
CA LYS B 194 0.56 -7.27 11.61
C LYS B 194 -0.79 -7.61 12.21
N ALA B 195 -1.06 -7.15 13.43
CA ALA B 195 -2.37 -7.35 14.04
C ALA B 195 -3.44 -6.59 13.26
N ASP B 196 -4.70 -6.85 13.60
CA ASP B 196 -5.82 -6.23 12.91
C ASP B 196 -6.54 -5.25 13.82
N LEU B 197 -7.28 -4.33 13.20
CA LEU B 197 -7.98 -3.29 13.95
C LEU B 197 -9.01 -3.87 14.91
N TYR B 198 -9.64 -5.00 14.56
CA TYR B 198 -10.70 -5.53 15.40
C TYR B 198 -10.16 -6.11 16.71
N PHE B 199 -8.86 -6.37 16.79
CA PHE B 199 -8.26 -6.73 18.08
C PHE B 199 -8.52 -5.64 19.12
N CYS B 200 -8.35 -4.39 18.70
CA CYS B 200 -8.53 -3.27 19.61
C CYS B 200 -9.98 -3.12 20.04
N PHE B 201 -10.93 -3.42 19.13
CA PHE B 201 -12.33 -3.41 19.51
C PHE B 201 -12.63 -4.51 20.52
N TYR B 202 -12.02 -5.69 20.35
CA TYR B 202 -12.16 -6.73 21.37
C TYR B 202 -11.69 -6.22 22.73
N LYS B 203 -10.51 -5.61 22.76
CA LYS B 203 -9.97 -5.13 24.04
C LYS B 203 -10.88 -4.05 24.65
N LYS B 204 -11.32 -3.09 23.83
CA LYS B 204 -12.17 -2.02 24.34
C LYS B 204 -13.49 -2.55 24.87
N ILE B 205 -14.11 -3.48 24.15
CA ILE B 205 -15.37 -4.07 24.58
C ILE B 205 -15.20 -4.78 25.92
N ILE B 206 -14.11 -5.56 26.05
CA ILE B 206 -13.85 -6.25 27.31
C ILE B 206 -13.64 -5.25 28.44
N ASP B 207 -12.94 -4.14 28.14
CA ASP B 207 -12.61 -3.17 29.18
C ASP B 207 -13.86 -2.53 29.78
N ILE B 208 -14.80 -2.12 28.94
CA ILE B 208 -15.96 -1.36 29.39
C ILE B 208 -17.18 -2.26 29.60
N LEU B 209 -16.97 -3.57 29.75
CA LEU B 209 -18.07 -4.47 30.02
C LEU B 209 -18.33 -4.52 31.53
N LYS B 210 -19.59 -4.33 31.91
CA LYS B 210 -19.98 -4.31 33.32
C LYS B 210 -19.72 -5.68 33.95
N GLN B 211 -19.41 -5.66 35.24
CA GLN B 211 -19.26 -6.91 35.98
C GLN B 211 -20.56 -7.69 35.96
N GLY B 212 -20.57 -8.84 35.31
CA GLY B 212 -21.79 -9.61 35.14
C GLY B 212 -22.47 -9.46 33.80
N GLY B 213 -21.93 -8.60 32.92
CA GLY B 213 -22.53 -8.39 31.62
C GLY B 213 -22.17 -9.45 30.62
N ILE B 214 -22.81 -9.38 29.44
CA ILE B 214 -22.58 -10.31 28.35
C ILE B 214 -22.26 -9.52 27.10
N GLY B 215 -21.23 -9.95 26.37
CA GLY B 215 -20.92 -9.40 25.07
C GLY B 215 -20.97 -10.48 24.01
N SER B 216 -21.31 -10.07 22.79
CA SER B 216 -21.42 -11.01 21.67
C SER B 216 -21.16 -10.28 20.37
N VAL B 217 -20.20 -10.76 19.58
CA VAL B 217 -19.75 -10.10 18.36
C VAL B 217 -19.52 -11.11 17.25
N ILE B 218 -19.49 -10.61 16.02
CA ILE B 218 -19.08 -11.38 14.85
C ILE B 218 -17.84 -10.72 14.27
N THR B 219 -16.79 -11.52 14.07
CA THR B 219 -15.50 -11.02 13.60
C THR B 219 -14.91 -12.00 12.59
N PRO B 220 -13.75 -11.71 12.00
CA PRO B 220 -13.03 -12.76 11.29
C PRO B 220 -12.56 -13.84 12.26
N ARG B 221 -12.44 -15.06 11.74
CA ARG B 221 -12.03 -16.19 12.55
C ARG B 221 -10.51 -16.31 12.69
N TYR B 222 -9.75 -15.50 11.96
CA TYR B 222 -8.32 -15.75 11.82
C TYR B 222 -7.57 -15.60 13.14
N PHE B 223 -8.09 -14.80 14.08
CA PHE B 223 -7.40 -14.63 15.35
C PHE B 223 -7.42 -15.92 16.19
N LEU B 224 -8.32 -16.85 15.90
CA LEU B 224 -8.35 -18.10 16.64
C LEU B 224 -7.13 -18.96 16.38
N GLU B 225 -6.38 -18.67 15.31
CA GLU B 225 -5.24 -19.50 14.93
C GLU B 225 -3.99 -18.73 14.55
N SER B 226 -4.09 -17.45 14.20
CA SER B 226 -2.98 -16.74 13.59
C SER B 226 -1.88 -16.43 14.62
N LEU B 227 -0.69 -16.17 14.09
CA LEU B 227 0.43 -15.75 14.92
C LEU B 227 0.17 -14.40 15.56
N SER B 228 -0.48 -13.50 14.82
CA SER B 228 -0.70 -12.14 15.33
C SER B 228 -1.70 -12.13 16.49
N GLY B 229 -2.63 -13.06 16.53
CA GLY B 229 -3.66 -13.07 17.54
C GLY B 229 -3.25 -13.56 18.91
N LYS B 230 -2.00 -14.04 19.05
CA LYS B 230 -1.54 -14.63 20.31
C LYS B 230 -1.93 -13.80 21.51
N ASP B 231 -1.42 -12.56 21.58
CA ASP B 231 -1.69 -11.70 22.72
C ASP B 231 -3.19 -11.54 22.93
N LEU B 232 -3.95 -11.33 21.85
CA LEU B 232 -5.39 -11.18 21.99
C LEU B 232 -6.01 -12.41 22.63
N ARG B 233 -5.60 -13.60 22.17
CA ARG B 233 -6.13 -14.83 22.77
C ARG B 233 -5.83 -14.88 24.26
N GLU B 234 -4.68 -14.35 24.68
CA GLU B 234 -4.36 -14.36 26.10
C GLU B 234 -5.18 -13.33 26.86
N TYR B 235 -5.55 -12.22 26.22
CA TYR B 235 -6.35 -11.21 26.89
C TYR B 235 -7.75 -11.75 27.19
N ILE B 236 -8.46 -12.15 26.12
CA ILE B 236 -9.80 -12.73 26.26
C ILE B 236 -9.80 -13.80 27.34
N LYS B 237 -8.97 -14.84 27.14
CA LYS B 237 -8.96 -16.00 28.02
C LYS B 237 -8.75 -15.61 29.48
N SER B 238 -8.04 -14.50 29.72
CA SER B 238 -7.71 -14.16 31.10
C SER B 238 -8.64 -13.11 31.71
N ASN B 239 -9.50 -12.47 30.91
CA ASN B 239 -10.33 -11.40 31.46
C ASN B 239 -11.82 -11.66 31.39
N VAL B 240 -12.29 -12.62 30.57
CA VAL B 240 -13.69 -12.97 30.50
C VAL B 240 -13.84 -14.48 30.43
N ASN B 241 -15.06 -14.95 30.68
CA ASN B 241 -15.42 -16.34 30.45
C ASN B 241 -16.07 -16.43 29.07
N VAL B 242 -15.50 -17.23 28.19
CA VAL B 242 -16.05 -17.39 26.85
C VAL B 242 -17.19 -18.40 26.92
N GLN B 243 -18.40 -17.95 26.58
CA GLN B 243 -19.56 -18.82 26.59
C GLN B 243 -19.58 -19.71 25.35
N GLU B 244 -19.45 -19.12 24.17
CA GLU B 244 -19.73 -19.86 22.94
C GLU B 244 -18.93 -19.31 21.78
N ILE B 245 -18.49 -20.20 20.91
CA ILE B 245 -17.80 -19.86 19.67
C ILE B 245 -18.50 -20.59 18.52
N VAL B 246 -18.89 -19.85 17.50
CA VAL B 246 -19.45 -20.41 16.28
C VAL B 246 -18.48 -20.13 15.15
N ASP B 247 -17.92 -21.19 14.57
CA ASP B 247 -16.89 -21.11 13.54
C ASP B 247 -17.50 -21.57 12.22
N PHE B 248 -17.59 -20.64 11.26
CA PHE B 248 -18.14 -20.94 9.94
C PHE B 248 -17.06 -21.40 8.96
N LEU B 249 -15.84 -21.62 9.45
CA LEU B 249 -14.69 -22.06 8.65
C LEU B 249 -14.62 -21.16 7.40
N GLY B 250 -14.54 -21.72 6.19
CA GLY B 250 -14.45 -20.96 4.96
C GLY B 250 -15.78 -20.62 4.29
N ALA B 251 -16.89 -20.82 4.99
CA ALA B 251 -18.19 -20.46 4.43
C ALA B 251 -18.28 -18.95 4.21
N ASN B 252 -19.13 -18.56 3.27
CA ASN B 252 -19.28 -17.17 2.85
C ASN B 252 -20.54 -16.60 3.49
N ILE B 253 -20.37 -15.98 4.66
CA ILE B 253 -21.48 -15.35 5.37
C ILE B 253 -21.86 -14.02 4.70
N PHE B 254 -20.89 -13.22 4.31
CA PHE B 254 -21.13 -11.93 3.69
C PHE B 254 -21.03 -12.07 2.18
N LYS B 255 -22.09 -11.71 1.47
CA LYS B 255 -22.11 -11.84 0.02
C LYS B 255 -21.10 -10.89 -0.61
N ASN B 256 -20.25 -11.44 -1.49
CA ASN B 256 -19.24 -10.69 -2.22
C ASN B 256 -18.16 -10.11 -1.29
N ILE B 257 -17.91 -10.74 -0.16
CA ILE B 257 -16.84 -10.34 0.75
C ILE B 257 -15.89 -11.52 0.93
N GLY B 258 -14.61 -11.28 0.69
CA GLY B 258 -13.61 -12.32 0.86
C GLY B 258 -13.10 -12.41 2.28
N VAL B 259 -13.98 -12.77 3.21
CA VAL B 259 -13.61 -12.94 4.61
C VAL B 259 -14.30 -14.19 5.15
N SER B 260 -13.71 -14.75 6.20
CA SER B 260 -14.25 -15.92 6.90
C SER B 260 -14.53 -15.53 8.34
N SER B 261 -15.66 -16.01 8.87
CA SER B 261 -16.29 -15.37 10.01
C SER B 261 -16.43 -16.32 11.18
N CYS B 262 -16.56 -15.72 12.37
CA CYS B 262 -16.90 -16.45 13.58
C CYS B 262 -17.68 -15.53 14.51
N ILE B 263 -18.41 -16.15 15.43
CA ILE B 263 -19.22 -15.44 16.42
C ILE B 263 -18.72 -15.82 17.80
N LEU B 264 -18.42 -14.81 18.62
CA LEU B 264 -17.96 -15.01 19.99
C LEU B 264 -18.97 -14.46 20.97
N THR B 265 -19.29 -15.24 22.00
CA THR B 265 -20.13 -14.77 23.10
C THR B 265 -19.41 -15.06 24.41
N PHE B 266 -19.26 -14.01 25.23
CA PHE B 266 -18.50 -14.05 26.47
C PHE B 266 -19.24 -13.26 27.54
N ASP B 267 -18.82 -13.44 28.79
CA ASP B 267 -19.45 -12.75 29.91
C ASP B 267 -18.44 -12.52 31.02
N LYS B 268 -18.85 -11.79 32.05
CA LYS B 268 -18.03 -11.46 33.22
C LYS B 268 -18.71 -11.88 34.51
N LYS B 269 -19.39 -13.03 34.50
CA LYS B 269 -20.03 -13.54 35.69
C LYS B 269 -19.04 -14.34 36.52
N LYS B 270 -19.49 -14.74 37.72
CA LYS B 270 -18.66 -15.55 38.63
C LYS B 270 -18.91 -17.03 38.32
N THR B 271 -18.22 -17.51 37.29
CA THR B 271 -18.34 -18.90 36.89
C THR B 271 -17.50 -19.78 37.81
N LYS B 272 -18.00 -20.99 38.08
CA LYS B 272 -17.24 -21.95 38.87
C LYS B 272 -16.29 -22.74 37.96
N GLU B 273 -16.84 -23.44 36.98
CA GLU B 273 -16.07 -24.07 35.93
C GLU B 273 -16.55 -23.50 34.59
N THR B 274 -15.61 -23.00 33.80
CA THR B 274 -15.95 -22.38 32.52
C THR B 274 -15.63 -23.36 31.39
N TYR B 275 -16.69 -23.84 30.74
CA TYR B 275 -16.60 -24.63 29.53
C TYR B 275 -17.16 -23.82 28.37
N ILE B 276 -16.57 -24.03 27.19
CA ILE B 276 -16.92 -23.31 25.97
C ILE B 276 -17.71 -24.26 25.08
N ASP B 277 -18.86 -23.77 24.58
CA ASP B 277 -19.62 -24.46 23.56
C ASP B 277 -19.06 -24.06 22.20
N VAL B 278 -18.59 -25.05 21.43
CA VAL B 278 -17.97 -24.82 20.14
C VAL B 278 -18.82 -25.49 19.08
N PHE B 279 -19.27 -24.71 18.09
CA PHE B 279 -20.00 -25.20 16.94
C PHE B 279 -19.13 -24.98 15.71
N LYS B 280 -18.68 -26.06 15.10
CA LYS B 280 -17.90 -26.02 13.88
C LYS B 280 -18.73 -26.53 12.72
N ILE B 281 -18.77 -25.76 11.64
CA ILE B 281 -19.54 -26.15 10.46
C ILE B 281 -18.90 -27.39 9.84
N LYS B 282 -19.74 -28.26 9.27
CA LYS B 282 -19.25 -29.50 8.67
C LYS B 282 -19.03 -29.38 7.16
N ASN B 283 -19.82 -28.55 6.48
CA ASN B 283 -19.72 -28.39 5.04
C ASN B 283 -19.78 -26.91 4.72
N GLU B 284 -18.70 -26.39 4.14
CA GLU B 284 -18.58 -24.95 3.88
C GLU B 284 -19.52 -24.46 2.78
N ASP B 285 -20.25 -25.35 2.11
CA ASP B 285 -21.08 -24.98 0.98
C ASP B 285 -22.53 -24.66 1.37
N ILE B 286 -22.88 -24.71 2.65
CA ILE B 286 -24.25 -24.48 3.06
C ILE B 286 -24.65 -23.04 2.75
N CYS B 287 -25.91 -22.85 2.36
CA CYS B 287 -26.50 -21.52 2.29
C CYS B 287 -27.16 -21.22 3.63
N ILE B 288 -26.88 -20.03 4.17
CA ILE B 288 -27.28 -19.73 5.55
C ILE B 288 -28.76 -19.41 5.68
N ASN B 289 -29.48 -19.30 4.57
CA ASN B 289 -30.93 -19.20 4.62
C ASN B 289 -31.61 -20.56 4.74
N LYS B 290 -30.86 -21.60 5.11
CA LYS B 290 -31.39 -22.96 5.11
C LYS B 290 -32.56 -23.12 6.07
N PHE B 291 -32.54 -22.41 7.18
CA PHE B 291 -33.65 -22.37 8.12
C PHE B 291 -34.14 -20.93 8.28
N GLU B 292 -35.22 -20.77 9.04
CA GLU B 292 -35.65 -19.43 9.41
C GLU B 292 -34.75 -18.84 10.49
N THR B 293 -34.11 -19.69 11.30
CA THR B 293 -33.34 -19.26 12.44
C THR B 293 -32.00 -20.00 12.49
N LEU B 294 -30.99 -19.36 13.08
CA LEU B 294 -29.65 -19.93 13.09
C LEU B 294 -29.50 -21.05 14.11
N GLU B 295 -30.21 -20.96 15.24
CA GLU B 295 -30.11 -22.01 16.25
C GLU B 295 -30.62 -23.34 15.72
N GLU B 296 -31.56 -23.33 14.78
CA GLU B 296 -31.94 -24.56 14.11
C GLU B 296 -30.79 -25.12 13.28
N LEU B 297 -30.04 -24.24 12.62
CA LEU B 297 -28.87 -24.68 11.85
C LEU B 297 -27.80 -25.28 12.76
N LEU B 298 -27.55 -24.64 13.90
CA LEU B 298 -26.50 -25.12 14.80
C LEU B 298 -26.81 -26.51 15.34
N LYS B 299 -28.06 -26.75 15.73
CA LYS B 299 -28.45 -28.05 16.26
C LYS B 299 -28.57 -29.12 15.20
N SER B 300 -28.62 -28.75 13.92
CA SER B 300 -28.82 -29.71 12.85
C SER B 300 -27.56 -30.56 12.63
N SER B 301 -27.61 -31.42 11.62
CA SER B 301 -26.46 -32.23 11.25
C SER B 301 -25.40 -31.44 10.49
N LYS B 302 -25.70 -30.20 10.10
CA LYS B 302 -24.75 -29.38 9.36
C LYS B 302 -23.67 -28.78 10.24
N PHE B 303 -23.84 -28.82 11.57
CA PHE B 303 -22.84 -28.33 12.52
C PHE B 303 -22.49 -29.44 13.49
N GLU B 304 -21.27 -29.38 14.01
CA GLU B 304 -20.79 -30.26 15.05
C GLU B 304 -20.55 -29.45 16.32
N HIS B 305 -20.92 -30.02 17.46
CA HIS B 305 -20.80 -29.33 18.73
C HIS B 305 -19.89 -30.11 19.67
N PHE B 306 -19.07 -29.38 20.42
CA PHE B 306 -18.27 -30.00 21.48
C PHE B 306 -17.85 -28.92 22.48
N ASN B 307 -17.38 -29.36 23.64
CA ASN B 307 -17.01 -28.45 24.71
C ASN B 307 -15.50 -28.41 24.88
N ILE B 308 -15.01 -27.24 25.30
CA ILE B 308 -13.60 -27.03 25.57
C ILE B 308 -13.44 -26.40 26.95
N ASN B 309 -12.58 -26.97 27.78
CA ASN B 309 -12.33 -26.39 29.10
C ASN B 309 -11.42 -25.17 28.93
N GLN B 310 -11.95 -23.99 29.25
CA GLN B 310 -11.19 -22.77 29.03
C GLN B 310 -9.96 -22.70 29.93
N ARG B 311 -10.05 -23.25 31.15
CA ARG B 311 -8.90 -23.22 32.06
C ARG B 311 -7.72 -24.03 31.53
N LEU B 312 -7.97 -24.95 30.60
CA LEU B 312 -6.93 -25.79 30.03
C LEU B 312 -6.39 -25.26 28.71
N LEU B 313 -6.78 -24.06 28.32
CA LEU B 313 -6.24 -23.46 27.10
C LEU B 313 -4.82 -22.98 27.32
N SER B 314 -4.04 -23.01 26.24
CA SER B 314 -2.67 -22.53 26.19
C SER B 314 -2.64 -21.24 25.35
N ASP B 315 -1.42 -20.80 25.02
CA ASP B 315 -1.28 -19.67 24.11
C ASP B 315 -1.93 -19.94 22.76
N GLU B 316 -2.13 -21.20 22.41
CA GLU B 316 -2.89 -21.58 21.22
C GLU B 316 -4.21 -22.22 21.61
N TRP B 317 -5.23 -22.01 20.78
CA TRP B 317 -6.56 -22.55 20.98
C TRP B 317 -6.78 -23.65 19.95
N ILE B 318 -6.61 -24.91 20.37
CA ILE B 318 -6.84 -26.06 19.51
C ILE B 318 -8.25 -26.54 19.82
N LEU B 319 -9.21 -26.02 19.06
CA LEU B 319 -10.63 -26.31 19.28
C LEU B 319 -11.02 -27.47 18.35
N VAL B 320 -10.76 -28.68 18.83
CA VAL B 320 -11.06 -29.90 18.09
C VAL B 320 -11.71 -30.89 19.05
N ASN B 321 -12.39 -31.89 18.48
CA ASN B 321 -13.03 -32.91 19.29
C ASN B 321 -11.97 -33.83 19.91
N LYS B 322 -12.44 -34.80 20.70
CA LYS B 322 -11.52 -35.66 21.43
C LYS B 322 -10.69 -36.53 20.50
N ASP B 323 -11.30 -37.03 19.42
CA ASP B 323 -10.57 -37.87 18.47
C ASP B 323 -9.39 -37.13 17.87
N ASP B 324 -9.63 -35.93 17.34
CA ASP B 324 -8.57 -35.14 16.74
C ASP B 324 -7.51 -34.76 17.78
N GLU B 325 -7.95 -34.49 19.02
CA GLU B 325 -6.99 -34.15 20.07
C GLU B 325 -6.03 -35.29 20.33
N THR B 326 -6.56 -36.52 20.48
CA THR B 326 -5.69 -37.66 20.76
C THR B 326 -4.80 -37.99 19.56
N PHE B 327 -5.35 -37.88 18.34
CA PHE B 327 -4.55 -38.05 17.13
C PHE B 327 -3.36 -37.09 17.13
N TYR B 328 -3.64 -35.80 17.36
CA TYR B 328 -2.61 -34.78 17.39
C TYR B 328 -1.58 -35.06 18.48
N ASN B 329 -2.04 -35.43 19.67
CA ASN B 329 -1.11 -35.68 20.78
C ASN B 329 -0.22 -36.88 20.50
N LYS B 330 -0.78 -37.95 19.93
CA LYS B 330 0.05 -39.11 19.57
C LYS B 330 1.14 -38.70 18.60
N ILE B 331 0.78 -37.98 17.54
CA ILE B 331 1.80 -37.59 16.56
C ILE B 331 2.85 -36.69 17.21
N GLN B 332 2.41 -35.71 18.00
CA GLN B 332 3.37 -34.78 18.60
C GLN B 332 4.31 -35.47 19.57
N GLU B 333 3.81 -36.46 20.32
CA GLU B 333 4.66 -37.14 21.29
C GLU B 333 5.63 -38.09 20.59
N LYS B 334 5.19 -38.75 19.51
CA LYS B 334 6.05 -39.72 18.84
C LYS B 334 7.26 -39.07 18.18
N CYS B 335 7.08 -37.87 17.62
CA CYS B 335 8.11 -37.24 16.81
C CYS B 335 9.13 -36.52 17.67
N LYS B 336 10.42 -36.76 17.41
CA LYS B 336 11.51 -36.18 18.18
C LYS B 336 12.11 -34.93 17.55
N TYR B 337 11.79 -34.64 16.29
CA TYR B 337 12.33 -33.49 15.58
C TYR B 337 11.20 -32.63 15.05
N SER B 338 11.52 -31.37 14.77
CA SER B 338 10.63 -30.46 14.06
C SER B 338 11.34 -29.96 12.81
N LEU B 339 10.53 -29.57 11.81
CA LEU B 339 11.11 -29.06 10.57
C LEU B 339 12.00 -27.85 10.83
N GLU B 340 11.69 -27.07 11.87
CA GLU B 340 12.55 -25.94 12.21
C GLU B 340 13.94 -26.41 12.61
N ASP B 341 14.03 -27.54 13.32
CA ASP B 341 15.32 -28.03 13.81
C ASP B 341 16.25 -28.38 12.67
N ILE B 342 15.73 -28.98 11.60
CA ILE B 342 16.57 -29.60 10.57
C ILE B 342 16.68 -28.77 9.30
N ALA B 343 15.96 -27.67 9.19
CA ALA B 343 15.81 -26.99 7.91
C ALA B 343 16.10 -25.50 8.02
N ILE B 344 16.48 -24.92 6.89
CA ILE B 344 16.52 -23.48 6.67
C ILE B 344 15.37 -23.14 5.75
N SER B 345 14.51 -22.23 6.21
CA SER B 345 13.29 -21.83 5.52
C SER B 345 13.42 -20.39 5.02
N PHE B 346 12.74 -20.10 3.90
CA PHE B 346 12.72 -18.72 3.43
C PHE B 346 11.56 -18.47 2.47
N GLN B 347 11.15 -17.20 2.44
CA GLN B 347 10.13 -16.68 1.55
C GLN B 347 10.76 -16.32 0.20
N GLY B 348 9.93 -16.33 -0.85
CA GLY B 348 10.41 -16.08 -2.18
C GLY B 348 10.80 -14.62 -2.40
N ILE B 349 11.13 -14.32 -3.66
CA ILE B 349 11.49 -12.97 -4.05
C ILE B 349 10.28 -12.05 -3.92
N ILE B 350 10.52 -10.81 -3.51
CA ILE B 350 9.52 -9.75 -3.56
C ILE B 350 10.10 -8.64 -4.42
N THR B 351 9.74 -8.63 -5.70
CA THR B 351 10.28 -7.63 -6.62
C THR B 351 9.82 -6.23 -6.24
N GLY B 352 8.55 -6.08 -5.87
CA GLY B 352 7.95 -4.80 -5.64
C GLY B 352 7.12 -4.29 -6.80
N CYS B 353 7.37 -4.80 -8.01
CA CYS B 353 6.49 -4.57 -9.15
C CYS B 353 6.74 -5.71 -10.13
N ASP B 354 5.87 -6.72 -10.12
CA ASP B 354 6.13 -7.94 -10.88
C ASP B 354 6.11 -7.68 -12.38
N LYS B 355 5.30 -6.74 -12.84
CA LYS B 355 5.17 -6.50 -14.28
C LYS B 355 6.45 -5.95 -14.89
N ALA B 356 7.36 -5.40 -14.07
CA ALA B 356 8.59 -4.81 -14.59
C ALA B 356 9.72 -5.83 -14.74
N PHE B 357 9.65 -6.96 -14.03
CA PHE B 357 10.75 -7.93 -14.02
C PHE B 357 10.39 -9.30 -14.55
N ILE B 358 9.11 -9.66 -14.64
CA ILE B 358 8.68 -11.00 -14.98
C ILE B 358 8.17 -11.00 -16.41
N LEU B 359 8.75 -11.82 -17.27
CA LEU B 359 8.38 -11.91 -18.66
C LEU B 359 7.90 -13.31 -19.00
N SER B 360 6.99 -13.40 -19.97
CA SER B 360 6.60 -14.70 -20.49
C SER B 360 7.78 -15.36 -21.17
N LYS B 361 7.79 -16.70 -21.14
CA LYS B 361 8.88 -17.44 -21.74
C LYS B 361 9.03 -17.13 -23.22
N ASP B 362 7.91 -16.92 -23.91
CA ASP B 362 7.90 -16.65 -25.34
C ASP B 362 7.95 -15.16 -25.67
N ASP B 363 8.14 -14.30 -24.68
CA ASP B 363 8.19 -12.87 -24.93
C ASP B 363 9.44 -12.50 -25.72
N VAL B 364 9.28 -11.53 -26.63
CA VAL B 364 10.37 -11.16 -27.53
C VAL B 364 11.39 -10.27 -26.83
N LYS B 365 10.97 -9.49 -25.83
CA LYS B 365 11.91 -8.63 -25.11
C LYS B 365 13.02 -9.43 -24.45
N LEU B 366 12.81 -10.72 -24.23
CA LEU B 366 13.87 -11.56 -23.66
C LEU B 366 15.10 -11.62 -24.55
N ASN B 367 14.97 -11.30 -25.84
CA ASN B 367 16.14 -11.24 -26.71
C ASN B 367 17.07 -10.11 -26.29
N LEU B 368 16.52 -9.06 -25.67
CA LEU B 368 17.32 -7.94 -25.19
C LEU B 368 18.07 -8.23 -23.90
N VAL B 369 17.73 -9.32 -23.21
CA VAL B 369 18.30 -9.64 -21.91
C VAL B 369 19.29 -10.77 -22.06
N ASP B 370 20.52 -10.55 -21.60
CA ASP B 370 21.51 -11.61 -21.55
C ASP B 370 21.04 -12.73 -20.63
N ASP B 371 21.34 -13.97 -21.02
CA ASP B 371 20.93 -15.12 -20.21
C ASP B 371 21.58 -15.13 -18.84
N LYS B 372 22.64 -14.33 -18.66
CA LYS B 372 23.26 -14.20 -17.34
C LYS B 372 22.27 -13.69 -16.30
N PHE B 373 21.29 -12.88 -16.71
CA PHE B 373 20.36 -12.24 -15.80
C PHE B 373 19.07 -13.01 -15.58
N LEU B 374 18.79 -14.04 -16.37
CA LEU B 374 17.47 -14.65 -16.42
C LEU B 374 17.39 -15.87 -15.51
N LYS B 375 16.31 -15.95 -14.75
CA LYS B 375 16.02 -17.09 -13.89
C LYS B 375 14.66 -17.69 -14.27
N CYS B 376 14.47 -18.96 -13.95
CA CYS B 376 13.16 -19.56 -14.10
C CYS B 376 12.23 -19.09 -12.99
N TRP B 377 10.97 -18.83 -13.34
CA TRP B 377 10.01 -18.22 -12.42
C TRP B 377 8.75 -19.07 -12.41
N ILE B 378 8.33 -19.51 -11.23
CA ILE B 378 7.17 -20.38 -11.09
C ILE B 378 6.17 -19.74 -10.13
N LYS B 379 4.92 -20.19 -10.25
CA LYS B 379 3.82 -19.68 -9.45
C LYS B 379 3.31 -20.78 -8.53
N SER B 380 2.40 -20.40 -7.64
CA SER B 380 1.86 -21.34 -6.67
C SER B 380 1.21 -22.54 -7.34
N LYS B 381 0.62 -22.34 -8.53
CA LYS B 381 -0.11 -23.40 -9.22
C LYS B 381 0.82 -24.40 -9.90
N ASN B 382 2.10 -24.08 -10.09
CA ASN B 382 3.04 -25.03 -10.68
C ASN B 382 3.45 -26.13 -9.72
N ILE B 383 3.16 -25.99 -8.43
CA ILE B 383 3.60 -26.97 -7.44
C ILE B 383 2.57 -28.09 -7.37
N ASN B 384 3.02 -29.31 -7.61
CA ASN B 384 2.27 -30.51 -7.32
C ASN B 384 2.93 -31.24 -6.16
N LYS B 385 2.34 -32.36 -5.77
CA LYS B 385 3.06 -33.29 -4.92
C LYS B 385 4.28 -33.83 -5.67
N TYR B 386 5.43 -33.75 -5.01
CA TYR B 386 6.71 -34.36 -5.38
C TYR B 386 7.49 -33.72 -6.52
N ILE B 387 6.89 -32.87 -7.35
CA ILE B 387 7.59 -32.29 -8.50
C ILE B 387 6.92 -30.97 -8.89
N VAL B 388 7.66 -30.17 -9.64
CA VAL B 388 7.21 -28.87 -10.11
C VAL B 388 6.95 -28.94 -11.61
N ASP B 389 5.85 -28.32 -12.04
CA ASP B 389 5.59 -28.16 -13.46
C ASP B 389 6.66 -27.27 -14.10
N LYS B 390 6.89 -27.50 -15.38
CA LYS B 390 7.85 -26.68 -16.12
C LYS B 390 7.44 -25.21 -16.06
N SER B 391 8.42 -24.34 -15.90
CA SER B 391 8.16 -22.91 -15.77
C SER B 391 7.71 -22.31 -17.11
N GLU B 392 6.86 -21.30 -17.02
CA GLU B 392 6.41 -20.55 -18.19
C GLU B 392 6.82 -19.08 -18.12
N TYR B 393 7.67 -18.70 -17.16
CA TYR B 393 8.05 -17.31 -16.99
C TYR B 393 9.53 -17.22 -16.64
N ARG B 394 10.11 -16.07 -16.96
CA ARG B 394 11.49 -15.75 -16.66
C ARG B 394 11.56 -14.48 -15.84
N LEU B 395 12.45 -14.48 -14.86
CA LEU B 395 12.69 -13.32 -13.99
C LEU B 395 14.01 -12.66 -14.38
N ILE B 396 13.98 -11.34 -14.47
CA ILE B 396 15.18 -10.54 -14.70
C ILE B 396 15.76 -10.18 -13.33
N TYR B 397 16.84 -10.85 -12.93
CA TYR B 397 17.48 -10.58 -11.64
C TYR B 397 18.30 -9.30 -11.78
N SER B 398 17.61 -8.17 -11.75
CA SER B 398 18.20 -6.88 -12.08
C SER B 398 19.22 -6.41 -11.07
N ASN B 399 19.26 -7.01 -9.87
CA ASN B 399 20.28 -6.64 -8.90
C ASN B 399 21.68 -6.88 -9.43
N ASP B 400 21.84 -7.78 -10.39
CA ASP B 400 23.13 -8.10 -10.99
C ASP B 400 23.53 -7.12 -12.08
N ILE B 401 22.70 -6.12 -12.39
CA ILE B 401 23.08 -5.06 -13.31
C ILE B 401 23.90 -4.04 -12.53
N ASP B 402 25.20 -3.95 -12.83
CA ASP B 402 26.10 -3.14 -12.03
C ASP B 402 26.03 -1.67 -12.41
N ASN B 403 26.39 -1.35 -13.65
CA ASN B 403 26.38 0.03 -14.14
C ASN B 403 25.19 0.23 -15.07
N GLU B 404 24.54 1.38 -14.93
CA GLU B 404 23.37 1.68 -15.75
C GLU B 404 23.75 1.83 -17.22
N ASN B 405 24.93 2.36 -17.51
CA ASN B 405 25.34 2.59 -18.89
C ASN B 405 25.61 1.28 -19.63
N THR B 406 26.17 0.29 -18.93
CA THR B 406 26.60 -0.94 -19.59
C THR B 406 25.43 -1.71 -20.19
N ASN B 407 24.25 -1.66 -19.55
CA ASN B 407 23.07 -2.41 -19.98
C ASN B 407 21.88 -1.47 -20.14
N LYS B 408 22.09 -0.35 -20.85
CA LYS B 408 21.07 0.69 -20.91
C LYS B 408 19.79 0.23 -21.60
N ARG B 409 19.90 -0.65 -22.59
CA ARG B 409 18.73 -1.06 -23.37
C ARG B 409 17.69 -1.75 -22.50
N ILE B 410 18.14 -2.62 -21.59
CA ILE B 410 17.21 -3.32 -20.70
C ILE B 410 16.47 -2.32 -19.82
N LEU B 411 17.22 -1.39 -19.22
CA LEU B 411 16.61 -0.43 -18.31
C LEU B 411 15.61 0.46 -19.05
N ASP B 412 15.93 0.90 -20.26
CA ASP B 412 15.04 1.79 -20.98
C ASP B 412 13.80 1.06 -21.50
N GLU B 413 13.98 -0.14 -22.06
CA GLU B 413 12.92 -0.77 -22.83
C GLU B 413 12.04 -1.74 -22.04
N ILE B 414 12.54 -2.29 -20.92
CA ILE B 414 11.76 -3.27 -20.18
C ILE B 414 11.45 -2.78 -18.78
N ILE B 415 12.49 -2.55 -17.98
CA ILE B 415 12.28 -2.22 -16.57
C ILE B 415 11.76 -0.79 -16.41
N GLY B 416 12.28 0.15 -17.20
CA GLY B 416 11.97 1.55 -17.01
C GLY B 416 10.53 1.93 -17.30
N LEU B 417 9.80 1.08 -18.02
CA LEU B 417 8.39 1.34 -18.30
C LEU B 417 7.58 1.54 -17.03
N TYR B 418 8.08 1.08 -15.89
CA TYR B 418 7.40 1.20 -14.60
C TYR B 418 8.20 2.00 -13.59
N LYS B 419 9.13 2.84 -14.07
CA LYS B 419 10.07 3.53 -13.19
C LYS B 419 9.34 4.29 -12.09
N THR B 420 8.30 5.04 -12.44
CA THR B 420 7.58 5.83 -11.46
C THR B 420 7.03 4.95 -10.33
N LYS B 421 6.50 3.78 -10.68
CA LYS B 421 6.06 2.85 -9.64
C LYS B 421 7.25 2.37 -8.81
N LEU B 422 8.34 2.00 -9.48
CA LEU B 422 9.51 1.48 -8.78
C LEU B 422 10.07 2.50 -7.80
N GLU B 423 10.11 3.77 -8.22
CA GLU B 423 10.64 4.82 -7.36
C GLU B 423 9.77 5.09 -6.15
N ASN B 424 8.54 4.56 -6.11
CA ASN B 424 7.68 4.80 -4.96
C ASN B 424 7.93 3.80 -3.83
N ARG B 425 8.75 2.78 -4.06
CA ARG B 425 8.98 1.77 -3.03
C ARG B 425 9.77 2.34 -1.85
N ARG B 426 9.47 1.82 -0.66
CA ARG B 426 10.01 2.40 0.57
C ARG B 426 11.53 2.42 0.59
N GLU B 427 12.18 1.43 -0.01
CA GLU B 427 13.64 1.38 -0.02
C GLU B 427 14.27 2.16 -1.16
N CYS B 428 13.51 2.49 -2.21
CA CYS B 428 14.03 3.40 -3.23
C CYS B 428 14.06 4.83 -2.71
N LYS B 429 12.95 5.28 -2.10
CA LYS B 429 13.03 6.42 -1.21
C LYS B 429 13.91 6.04 -0.02
N SER B 430 14.54 7.06 0.58
CA SER B 430 15.58 6.87 1.60
C SER B 430 16.84 6.29 0.99
N GLY B 431 16.80 5.93 -0.29
CA GLY B 431 17.98 5.81 -1.12
C GLY B 431 18.89 4.62 -0.89
N ILE B 432 18.43 3.56 -0.22
CA ILE B 432 19.29 2.39 -0.02
C ILE B 432 19.12 1.35 -1.12
N ARG B 433 18.22 1.58 -2.09
CA ARG B 433 17.95 0.64 -3.16
C ARG B 433 17.79 1.42 -4.46
N LYS B 434 18.45 0.94 -5.52
CA LYS B 434 18.32 1.59 -6.82
C LYS B 434 16.94 1.36 -7.40
N TRP B 435 16.49 2.30 -8.24
CA TRP B 435 15.14 2.26 -8.76
C TRP B 435 14.89 1.03 -9.64
N TYR B 436 15.93 0.46 -10.24
CA TYR B 436 15.76 -0.69 -11.12
C TYR B 436 16.05 -2.02 -10.42
N GLU B 437 16.40 -2.00 -9.14
CA GLU B 437 16.72 -3.20 -8.40
C GLU B 437 15.46 -3.85 -7.83
N LEU B 438 15.56 -5.14 -7.54
CA LEU B 438 14.49 -5.84 -6.84
C LEU B 438 14.42 -5.34 -5.39
N GLN B 439 13.21 -5.14 -4.88
CA GLN B 439 13.06 -4.58 -3.55
C GLN B 439 13.64 -5.51 -2.49
N TRP B 440 13.35 -6.81 -2.58
CA TRP B 440 13.95 -7.81 -1.69
C TRP B 440 14.37 -8.99 -2.56
N GLY B 441 15.58 -8.92 -3.10
CA GLY B 441 16.10 -9.94 -3.98
C GLY B 441 16.64 -11.19 -3.30
N ARG B 442 16.66 -11.21 -1.96
CA ARG B 442 17.06 -12.39 -1.18
C ARG B 442 18.48 -12.81 -1.60
N GLU B 443 18.79 -14.10 -1.42
CA GLU B 443 20.11 -14.65 -1.70
C GLU B 443 19.97 -15.70 -2.80
N LYS B 444 20.66 -15.49 -3.93
CA LYS B 444 20.57 -16.43 -5.04
C LYS B 444 21.09 -17.81 -4.65
N LEU B 445 22.06 -17.88 -3.74
CA LEU B 445 22.59 -19.17 -3.33
C LEU B 445 21.57 -20.02 -2.59
N PHE B 446 20.45 -19.45 -2.17
CA PHE B 446 19.38 -20.22 -1.55
C PHE B 446 18.43 -20.83 -2.57
N PHE B 447 18.24 -20.18 -3.71
CA PHE B 447 17.34 -20.69 -4.74
C PHE B 447 18.02 -21.61 -5.74
N GLU B 448 19.29 -21.36 -6.04
CA GLU B 448 20.00 -22.14 -7.05
C GLU B 448 20.66 -23.37 -6.43
N ARG B 449 19.80 -24.23 -5.89
CA ARG B 449 20.19 -25.48 -5.28
C ARG B 449 18.97 -26.38 -5.21
N LYS B 450 19.21 -27.68 -5.01
CA LYS B 450 18.11 -28.59 -4.76
C LYS B 450 17.38 -28.17 -3.50
N LYS B 451 16.04 -28.09 -3.59
CA LYS B 451 15.32 -27.64 -2.39
C LYS B 451 13.90 -28.19 -2.43
N ILE B 452 13.15 -27.93 -1.36
CA ILE B 452 11.74 -28.30 -1.28
C ILE B 452 10.92 -27.03 -1.32
N MET B 453 9.91 -27.01 -2.19
CA MET B 453 9.05 -25.86 -2.38
C MET B 453 7.59 -26.25 -2.16
N TYR B 454 6.84 -25.31 -1.58
CA TYR B 454 5.42 -25.52 -1.38
C TYR B 454 4.64 -24.23 -1.61
N PRO B 455 3.38 -24.33 -2.04
CA PRO B 455 2.58 -23.12 -2.24
C PRO B 455 2.12 -22.54 -0.92
N TYR B 456 2.06 -21.21 -0.86
CA TYR B 456 1.72 -20.55 0.40
C TYR B 456 0.25 -20.67 0.77
N LYS B 457 -0.61 -21.09 -0.16
CA LYS B 457 -2.04 -21.20 0.07
C LYS B 457 -2.56 -22.33 -0.81
N SER B 458 -3.12 -23.36 -0.18
CA SER B 458 -3.54 -24.55 -0.92
C SER B 458 -4.62 -25.27 -0.14
N ASN B 459 -5.31 -26.17 -0.85
CA ASN B 459 -6.32 -27.04 -0.24
C ASN B 459 -5.71 -28.30 0.37
N GLU B 460 -4.47 -28.62 0.07
CA GLU B 460 -3.86 -29.86 0.53
C GLU B 460 -2.35 -29.69 0.57
N ASN B 461 -1.67 -30.71 1.10
CA ASN B 461 -0.22 -30.69 1.20
C ASN B 461 0.39 -30.93 -0.18
N ARG B 462 1.18 -29.97 -0.65
CA ARG B 462 1.88 -30.07 -1.94
C ARG B 462 3.34 -29.66 -1.71
N PHE B 463 4.18 -30.64 -1.39
CA PHE B 463 5.60 -30.41 -1.19
C PHE B 463 6.37 -31.07 -2.32
N ALA B 464 7.20 -30.29 -3.01
CA ALA B 464 7.88 -30.77 -4.20
C ALA B 464 9.38 -30.57 -4.07
N ILE B 465 10.13 -31.47 -4.72
CA ILE B 465 11.57 -31.32 -4.86
C ILE B 465 11.85 -30.53 -6.13
N ASP B 466 12.55 -29.41 -5.98
CA ASP B 466 13.00 -28.60 -7.10
C ASP B 466 14.46 -28.94 -7.40
N TYR B 467 14.69 -29.43 -8.62
CA TYR B 467 16.00 -29.67 -9.21
C TYR B 467 16.43 -28.61 -10.19
N ASP B 468 15.54 -27.66 -10.54
CA ASP B 468 15.75 -26.80 -11.69
C ASP B 468 16.09 -25.36 -11.32
N ASN B 469 16.50 -25.11 -10.07
CA ASN B 469 16.89 -23.78 -9.61
C ASN B 469 15.78 -22.76 -9.84
N ASN B 470 14.54 -23.17 -9.53
CA ASN B 470 13.39 -22.29 -9.74
C ASN B 470 13.39 -21.16 -8.71
N PHE B 471 13.19 -19.94 -9.18
CA PHE B 471 12.88 -18.80 -8.35
C PHE B 471 11.37 -18.59 -8.30
N SER B 472 10.91 -17.91 -7.25
CA SER B 472 9.48 -17.65 -7.11
C SER B 472 9.27 -16.38 -6.30
N SER B 473 8.01 -15.96 -6.24
CA SER B 473 7.60 -14.85 -5.40
C SER B 473 7.16 -15.37 -4.04
N ALA B 474 6.50 -14.53 -3.25
CA ALA B 474 6.08 -14.89 -1.91
C ALA B 474 4.83 -15.77 -1.88
N ASP B 475 4.33 -16.20 -3.04
CA ASP B 475 3.29 -17.21 -3.09
C ASP B 475 3.84 -18.63 -3.07
N VAL B 476 5.17 -18.77 -3.01
CA VAL B 476 5.83 -20.06 -2.89
C VAL B 476 6.90 -19.92 -1.82
N TYR B 477 6.99 -20.91 -0.94
CA TYR B 477 8.00 -20.93 0.12
C TYR B 477 8.97 -22.07 -0.14
N SER B 478 10.19 -21.92 0.38
CA SER B 478 11.23 -22.91 0.14
C SER B 478 11.92 -23.26 1.45
N PHE B 479 12.46 -24.48 1.50
CA PHE B 479 13.41 -24.82 2.55
C PHE B 479 14.39 -25.87 2.04
N PHE B 480 15.57 -25.86 2.63
CA PHE B 480 16.56 -26.90 2.38
C PHE B 480 17.07 -27.42 3.71
N ILE B 481 17.70 -28.60 3.67
CA ILE B 481 18.08 -29.30 4.87
C ILE B 481 19.46 -28.83 5.32
N LYS B 482 19.61 -28.63 6.63
CA LYS B 482 20.89 -28.26 7.20
C LYS B 482 21.92 -29.36 6.97
N GLU B 483 23.20 -28.95 6.89
CA GLU B 483 24.28 -29.91 6.67
C GLU B 483 24.35 -30.94 7.80
N GLU B 484 24.19 -30.50 9.04
CA GLU B 484 24.34 -31.38 10.19
C GLU B 484 23.20 -32.38 10.33
N TYR B 485 22.16 -32.30 9.49
CA TYR B 485 21.09 -33.28 9.50
C TYR B 485 20.96 -34.05 8.19
N LEU B 486 21.82 -33.77 7.21
CA LEU B 486 21.71 -34.43 5.91
C LEU B 486 21.91 -35.94 6.02
N ASP B 487 22.71 -36.39 7.01
CA ASP B 487 22.89 -37.81 7.24
C ASP B 487 21.68 -38.44 7.92
N LYS B 488 20.82 -37.64 8.55
CA LYS B 488 19.64 -38.15 9.23
C LYS B 488 18.40 -38.13 8.34
N PHE B 489 18.23 -37.07 7.54
CA PHE B 489 17.03 -36.89 6.73
C PHE B 489 17.42 -36.56 5.30
N SER B 490 16.61 -37.05 4.35
CA SER B 490 16.78 -36.77 2.94
C SER B 490 15.52 -36.12 2.39
N TYR B 491 15.69 -35.43 1.25
CA TYR B 491 14.56 -34.73 0.64
C TYR B 491 13.46 -35.71 0.24
N GLU B 492 13.85 -36.87 -0.28
CA GLU B 492 12.87 -37.85 -0.73
C GLU B 492 12.00 -38.34 0.43
N TYR B 493 12.62 -38.63 1.58
CA TYR B 493 11.86 -39.04 2.75
C TYR B 493 10.94 -37.92 3.23
N LEU B 494 11.43 -36.68 3.21
CA LEU B 494 10.63 -35.55 3.68
C LEU B 494 9.38 -35.36 2.83
N VAL B 495 9.55 -35.34 1.50
CA VAL B 495 8.36 -35.19 0.67
C VAL B 495 7.48 -36.44 0.73
N GLY B 496 8.08 -37.59 1.02
CA GLY B 496 7.28 -38.79 1.17
C GLY B 496 6.30 -38.68 2.33
N ILE B 497 6.78 -38.23 3.49
CA ILE B 497 5.87 -38.16 4.64
C ILE B 497 5.07 -36.86 4.69
N LEU B 498 5.54 -35.78 4.06
CA LEU B 498 4.80 -34.53 4.09
C LEU B 498 3.60 -34.53 3.15
N ASN B 499 3.64 -35.36 2.10
CA ASN B 499 2.52 -35.47 1.17
C ASN B 499 1.54 -36.57 1.53
N SER B 500 1.75 -37.25 2.66
CA SER B 500 0.87 -38.35 3.04
C SER B 500 -0.47 -37.82 3.57
N SER B 501 -1.47 -38.70 3.54
CA SER B 501 -2.76 -38.36 4.12
C SER B 501 -2.65 -38.08 5.62
N VAL B 502 -1.79 -38.85 6.31
CA VAL B 502 -1.58 -38.66 7.74
C VAL B 502 -1.12 -37.22 8.01
N TYR B 503 -0.12 -36.76 7.27
CA TYR B 503 0.40 -35.43 7.53
C TYR B 503 -0.51 -34.33 7.01
N ASP B 504 -1.31 -34.61 5.98
CA ASP B 504 -2.32 -33.66 5.55
C ASP B 504 -3.31 -33.38 6.70
N LYS B 505 -3.86 -34.45 7.28
CA LYS B 505 -4.77 -34.27 8.41
C LYS B 505 -4.06 -33.63 9.61
N TYR B 506 -2.82 -34.07 9.88
CA TYR B 506 -2.06 -33.56 11.01
C TYR B 506 -1.85 -32.05 10.89
N PHE B 507 -1.42 -31.59 9.71
CA PHE B 507 -1.22 -30.16 9.52
C PHE B 507 -2.54 -29.41 9.65
N LYS B 508 -3.60 -29.93 9.03
CA LYS B 508 -4.87 -29.19 9.08
C LYS B 508 -5.48 -29.15 10.47
N ILE B 509 -5.00 -29.98 11.40
CA ILE B 509 -5.49 -29.91 12.79
C ILE B 509 -5.35 -28.49 13.35
N THR B 510 -4.25 -27.81 13.04
CA THR B 510 -4.00 -26.49 13.60
C THR B 510 -3.75 -25.40 12.56
N ALA B 511 -3.91 -25.70 11.28
CA ALA B 511 -3.60 -24.72 10.25
C ALA B 511 -4.63 -23.60 10.24
N LYS B 512 -4.27 -22.50 9.58
CA LYS B 512 -5.08 -21.29 9.50
C LYS B 512 -5.97 -21.39 8.26
N LYS B 513 -7.27 -21.57 8.48
CA LYS B 513 -8.24 -21.67 7.39
C LYS B 513 -8.60 -20.28 6.90
N MET B 514 -8.36 -20.01 5.61
CA MET B 514 -8.49 -18.67 5.05
C MET B 514 -9.83 -18.47 4.33
N SER B 515 -10.13 -19.31 3.36
CA SER B 515 -11.37 -19.25 2.63
C SER B 515 -11.77 -20.68 2.27
N LYS B 516 -12.82 -20.81 1.45
CA LYS B 516 -13.31 -22.13 1.08
C LYS B 516 -12.20 -22.90 0.37
N ASN B 517 -11.85 -24.06 0.95
CA ASN B 517 -10.80 -24.95 0.42
C ASN B 517 -9.42 -24.30 0.39
N ILE B 518 -9.10 -23.42 1.34
CA ILE B 518 -7.78 -22.78 1.38
C ILE B 518 -7.27 -22.75 2.82
N TYR B 519 -6.09 -23.32 3.05
CA TYR B 519 -5.34 -23.14 4.27
C TYR B 519 -4.06 -22.36 3.98
N ASP B 520 -3.56 -21.66 4.99
CA ASP B 520 -2.28 -20.97 4.89
C ASP B 520 -1.15 -21.96 5.11
N TYR B 521 -0.28 -22.12 4.11
CA TYR B 521 0.95 -22.89 4.26
C TYR B 521 2.12 -21.92 4.41
N TYR B 522 2.22 -21.33 5.61
CA TYR B 522 3.25 -20.36 5.93
C TYR B 522 4.25 -20.96 6.92
N PRO B 523 5.51 -20.50 6.90
CA PRO B 523 6.52 -21.11 7.78
C PRO B 523 6.18 -21.04 9.26
N ASN B 524 5.46 -20.01 9.71
CA ASN B 524 5.17 -19.88 11.13
C ASN B 524 4.36 -21.06 11.66
N LYS B 525 3.74 -21.84 10.78
CA LYS B 525 3.12 -23.10 11.17
C LYS B 525 3.75 -24.32 10.50
N VAL B 526 4.21 -24.20 9.25
CA VAL B 526 4.81 -25.35 8.58
C VAL B 526 6.09 -25.78 9.28
N MET B 527 6.94 -24.82 9.67
CA MET B 527 8.19 -25.18 10.32
C MET B 527 7.99 -25.79 11.70
N LYS B 528 6.78 -25.73 12.25
CA LYS B 528 6.48 -26.40 13.51
C LYS B 528 6.00 -27.83 13.33
N ILE B 529 5.77 -28.27 12.08
CA ILE B 529 5.45 -29.66 11.82
C ILE B 529 6.55 -30.54 12.38
N ARG B 530 6.16 -31.60 13.08
CA ARG B 530 7.12 -32.47 13.77
C ARG B 530 7.37 -33.74 12.96
N ILE B 531 8.63 -34.17 12.97
CA ILE B 531 9.13 -35.22 12.07
C ILE B 531 9.68 -36.36 12.92
N PHE B 532 9.45 -37.59 12.46
CA PHE B 532 9.94 -38.78 13.12
C PHE B 532 10.97 -39.50 12.25
N ARG B 533 11.73 -40.38 12.90
CA ARG B 533 12.75 -41.19 12.23
C ARG B 533 12.79 -42.55 12.92
N ASP B 534 12.39 -43.61 12.22
CA ASP B 534 12.38 -44.94 12.82
C ASP B 534 12.69 -45.98 11.75
N ASN B 535 12.42 -47.25 12.07
CA ASN B 535 12.83 -48.38 11.24
C ASN B 535 12.16 -48.40 9.88
N ASN B 536 11.09 -47.65 9.68
CA ASN B 536 10.41 -47.60 8.40
C ASN B 536 11.02 -46.60 7.42
N TYR B 537 12.13 -45.96 7.79
CA TYR B 537 12.71 -44.90 6.98
C TYR B 537 13.04 -45.38 5.57
N GLU B 538 13.70 -46.52 5.46
CA GLU B 538 14.21 -46.97 4.17
C GLU B 538 13.07 -47.26 3.18
N GLU B 539 12.02 -47.93 3.65
CA GLU B 539 10.91 -48.29 2.76
C GLU B 539 10.12 -47.05 2.34
N ILE B 540 9.87 -46.12 3.27
CA ILE B 540 9.20 -44.87 2.91
C ILE B 540 10.00 -44.12 1.86
N GLU B 541 11.32 -44.03 2.05
CA GLU B 541 12.15 -43.33 1.09
C GLU B 541 12.13 -44.02 -0.28
N ASN B 542 12.16 -45.36 -0.28
CA ASN B 542 12.14 -46.07 -1.56
C ASN B 542 10.82 -45.87 -2.29
N LEU B 543 9.71 -45.89 -1.56
CA LEU B 543 8.41 -45.62 -2.19
C LEU B 543 8.37 -44.21 -2.77
N SER B 544 8.92 -43.24 -2.04
CA SER B 544 8.95 -41.87 -2.55
C SER B 544 9.78 -41.77 -3.82
N LYS B 545 10.93 -42.45 -3.86
CA LYS B 545 11.76 -42.44 -5.06
C LYS B 545 11.04 -43.07 -6.24
N GLN B 546 10.33 -44.18 -6.01
CA GLN B 546 9.56 -44.80 -7.10
C GLN B 546 8.51 -43.85 -7.64
N ILE B 547 7.78 -43.19 -6.73
CA ILE B 547 6.75 -42.24 -7.16
C ILE B 547 7.37 -41.12 -8.00
N ILE B 548 8.50 -40.59 -7.55
CA ILE B 548 9.17 -39.51 -8.28
C ILE B 548 9.55 -39.97 -9.67
N SER B 549 10.13 -41.17 -9.78
CA SER B 549 10.56 -41.63 -11.11
C SER B 549 9.36 -41.89 -12.02
N ILE B 550 8.24 -42.34 -11.46
CA ILE B 550 7.05 -42.53 -12.30
C ILE B 550 6.51 -41.19 -12.78
N LEU B 551 6.50 -40.17 -11.90
CA LEU B 551 5.98 -38.86 -12.29
C LEU B 551 6.83 -38.21 -13.37
N LEU B 552 8.12 -38.50 -13.41
CA LEU B 552 9.01 -37.91 -14.41
C LEU B 552 9.08 -38.73 -15.70
N ASN B 553 8.37 -39.84 -15.77
CA ASN B 553 8.40 -40.68 -16.96
C ASN B 553 7.60 -40.04 -18.10
N LYS B 554 7.81 -40.57 -19.31
CA LYS B 554 7.06 -40.09 -20.46
C LYS B 554 5.60 -40.55 -20.42
N SER B 555 5.35 -41.76 -19.92
CA SER B 555 4.00 -42.27 -19.70
C SER B 555 3.79 -42.42 -18.20
N ILE B 556 2.91 -41.59 -17.65
CA ILE B 556 2.64 -41.60 -16.22
C ILE B 556 1.50 -42.57 -15.94
N ASP B 557 1.75 -43.50 -15.01
CA ASP B 557 0.77 -44.51 -14.60
C ASP B 557 0.15 -44.02 -13.29
N LYS B 558 -1.07 -43.49 -13.37
CA LYS B 558 -1.72 -42.94 -12.18
C LYS B 558 -1.99 -44.02 -11.14
N GLY B 559 -2.41 -45.21 -11.59
CA GLY B 559 -2.78 -46.26 -10.66
C GLY B 559 -1.64 -46.72 -9.79
N LYS B 560 -0.45 -46.91 -10.38
CA LYS B 560 0.69 -47.37 -9.59
C LYS B 560 1.13 -46.29 -8.60
N VAL B 561 1.05 -45.02 -8.99
CA VAL B 561 1.35 -43.94 -8.05
C VAL B 561 0.37 -43.99 -6.87
N GLU B 562 -0.91 -44.20 -7.16
CA GLU B 562 -1.90 -44.27 -6.08
C GLU B 562 -1.63 -45.43 -5.14
N LYS B 563 -1.29 -46.60 -5.70
CA LYS B 563 -1.00 -47.76 -4.86
C LYS B 563 0.25 -47.55 -4.01
N LEU B 564 1.30 -46.94 -4.59
CA LEU B 564 2.49 -46.62 -3.82
C LEU B 564 2.18 -45.64 -2.70
N GLN B 565 1.35 -44.63 -2.99
CA GLN B 565 0.96 -43.66 -1.97
C GLN B 565 0.19 -44.33 -0.83
N ILE B 566 -0.70 -45.27 -1.16
CA ILE B 566 -1.45 -45.96 -0.13
C ILE B 566 -0.53 -46.81 0.74
N LYS B 567 0.44 -47.49 0.12
CA LYS B 567 1.39 -48.28 0.90
C LYS B 567 2.20 -47.39 1.84
N MET B 568 2.66 -46.24 1.34
CA MET B 568 3.40 -45.31 2.20
C MET B 568 2.53 -44.76 3.32
N ASP B 569 1.27 -44.45 3.02
CA ASP B 569 0.35 -43.97 4.05
C ASP B 569 0.19 -45.00 5.16
N ASN B 570 0.03 -46.27 4.79
CA ASN B 570 -0.08 -47.32 5.81
C ASN B 570 1.20 -47.45 6.62
N LEU B 571 2.37 -47.32 5.96
CA LEU B 571 3.62 -47.38 6.69
C LEU B 571 3.73 -46.25 7.72
N ILE B 572 3.32 -45.04 7.35
CA ILE B 572 3.41 -43.91 8.25
C ILE B 572 2.42 -44.06 9.40
N MET B 573 1.22 -44.57 9.10
CA MET B 573 0.26 -44.85 10.17
C MET B 573 0.82 -45.86 11.15
N ASP B 574 1.48 -46.90 10.66
CA ASP B 574 2.11 -47.88 11.54
C ASP B 574 3.19 -47.23 12.39
N SER B 575 4.03 -46.39 11.77
CA SER B 575 5.14 -45.78 12.50
C SER B 575 4.64 -44.88 13.63
N LEU B 576 3.61 -44.07 13.36
CA LEU B 576 3.13 -43.14 14.37
C LEU B 576 2.15 -43.78 15.34
N GLY B 577 1.71 -45.02 15.10
CA GLY B 577 0.74 -45.64 15.96
C GLY B 577 -0.67 -45.11 15.80
N ILE B 578 -0.89 -44.21 14.86
CA ILE B 578 -2.21 -43.63 14.62
C ILE B 578 -3.05 -44.60 13.80
N GLY C 29 -28.02 10.68 -42.35
CA GLY C 29 -26.71 11.12 -41.89
C GLY C 29 -26.64 12.60 -41.58
N ILE C 30 -27.16 13.43 -42.49
CA ILE C 30 -27.13 14.88 -42.35
C ILE C 30 -28.56 15.36 -42.15
N TYR C 31 -28.78 16.10 -41.06
CA TYR C 31 -30.09 16.57 -40.67
C TYR C 31 -30.17 18.08 -40.82
N TYR C 32 -31.24 18.55 -41.46
CA TYR C 32 -31.43 19.97 -41.73
C TYR C 32 -32.14 20.63 -40.55
N THR C 33 -31.44 21.55 -39.87
CA THR C 33 -32.02 22.35 -38.81
C THR C 33 -32.83 23.49 -39.42
N PRO C 34 -34.04 23.74 -38.91
CA PRO C 34 -34.85 24.85 -39.43
C PRO C 34 -34.13 26.18 -39.30
N LYS C 35 -34.32 27.04 -40.30
CA LYS C 35 -33.62 28.31 -40.34
C LYS C 35 -33.93 29.18 -39.12
N ILE C 36 -35.12 29.02 -38.56
CA ILE C 36 -35.49 29.77 -37.35
C ILE C 36 -34.52 29.44 -36.22
N ILE C 37 -34.27 28.15 -36.00
CA ILE C 37 -33.37 27.72 -34.93
C ILE C 37 -31.95 28.20 -35.20
N VAL C 38 -31.49 28.08 -36.45
CA VAL C 38 -30.12 28.46 -36.80
C VAL C 38 -29.90 29.94 -36.54
N ASP C 39 -30.84 30.77 -37.02
CA ASP C 39 -30.74 32.21 -36.80
C ASP C 39 -30.77 32.54 -35.32
N TYR C 40 -31.65 31.88 -34.56
CA TYR C 40 -31.72 32.15 -33.13
C TYR C 40 -30.41 31.81 -32.43
N ILE C 41 -29.80 30.68 -32.77
CA ILE C 41 -28.56 30.28 -32.12
C ILE C 41 -27.42 31.23 -32.47
N VAL C 42 -27.31 31.58 -33.77
CA VAL C 42 -26.23 32.49 -34.18
C VAL C 42 -26.39 33.84 -33.49
N LYS C 43 -27.62 34.36 -33.43
CA LYS C 43 -27.86 35.63 -32.75
C LYS C 43 -27.63 35.50 -31.24
N LYS C 44 -27.91 34.33 -30.66
CA LYS C 44 -27.71 34.15 -29.23
C LYS C 44 -26.23 34.19 -28.87
N THR C 45 -25.37 33.71 -29.78
CA THR C 45 -23.95 33.77 -29.49
C THR C 45 -23.34 35.13 -29.86
N LEU C 46 -23.76 35.74 -30.97
CA LEU C 46 -23.02 36.83 -31.58
C LEU C 46 -23.63 38.21 -31.38
N LYS C 47 -24.74 38.34 -30.64
CA LYS C 47 -25.47 39.61 -30.61
C LYS C 47 -24.65 40.73 -29.99
N ASN C 48 -23.82 40.42 -28.99
CA ASN C 48 -23.12 41.47 -28.24
C ASN C 48 -21.61 41.34 -28.33
N HIS C 49 -21.09 41.13 -29.54
CA HIS C 49 -19.65 41.01 -29.75
C HIS C 49 -19.07 42.40 -30.03
N ASP C 50 -18.14 42.83 -29.17
CA ASP C 50 -17.44 44.08 -29.40
C ASP C 50 -16.42 43.90 -30.51
N ILE C 51 -16.85 44.10 -31.76
CA ILE C 51 -15.98 43.84 -32.90
C ILE C 51 -14.80 44.80 -32.92
N ILE C 52 -14.93 45.98 -32.33
CA ILE C 52 -13.79 46.89 -32.20
C ILE C 52 -12.80 46.34 -31.17
N LYS C 53 -13.30 45.87 -30.03
CA LYS C 53 -12.41 45.42 -28.95
C LYS C 53 -11.68 44.14 -29.34
N ASN C 54 -12.39 43.17 -29.91
CA ASN C 54 -11.80 41.92 -30.37
C ASN C 54 -12.21 41.69 -31.81
N PRO C 55 -11.42 42.20 -32.77
CA PRO C 55 -11.78 42.06 -34.18
C PRO C 55 -11.40 40.73 -34.80
N TYR C 56 -10.89 39.76 -34.03
CA TYR C 56 -10.48 38.46 -34.56
C TYR C 56 -11.12 37.35 -33.74
N PRO C 57 -12.43 37.17 -33.86
CA PRO C 57 -13.10 36.10 -33.10
C PRO C 57 -13.02 34.77 -33.83
N ARG C 58 -13.00 33.70 -33.03
CA ARG C 58 -12.95 32.34 -33.55
C ARG C 58 -14.26 31.63 -33.23
N ILE C 59 -14.99 31.21 -34.27
CA ILE C 59 -16.31 30.61 -34.14
C ILE C 59 -16.25 29.23 -34.80
N LEU C 60 -16.66 28.21 -34.04
CA LEU C 60 -16.46 26.81 -34.43
C LEU C 60 -17.78 26.06 -34.47
N ASP C 61 -17.91 25.19 -35.48
CA ASP C 61 -19.02 24.25 -35.59
C ASP C 61 -18.43 22.86 -35.85
N ILE C 62 -18.55 21.97 -34.86
CA ILE C 62 -17.90 20.65 -34.94
C ILE C 62 -18.82 19.58 -35.50
N SER C 63 -20.04 19.93 -35.91
CA SER C 63 -20.93 19.01 -36.62
C SER C 63 -21.63 19.78 -37.74
N CYS C 64 -20.84 20.57 -38.49
CA CYS C 64 -21.40 21.54 -39.41
C CYS C 64 -22.19 20.90 -40.55
N GLY C 65 -21.83 19.68 -40.94
CA GLY C 65 -22.51 19.07 -42.08
C GLY C 65 -22.27 19.90 -43.34
N CYS C 66 -23.37 20.19 -44.05
CA CYS C 66 -23.28 21.05 -45.22
C CYS C 66 -22.99 22.51 -44.87
N GLY C 67 -23.06 22.87 -43.58
CA GLY C 67 -22.77 24.23 -43.16
C GLY C 67 -24.02 25.05 -42.89
N ASN C 68 -25.03 24.42 -42.28
CA ASN C 68 -26.28 25.13 -42.01
C ASN C 68 -26.05 26.33 -41.09
N PHE C 69 -25.12 26.20 -40.15
CA PHE C 69 -24.84 27.27 -39.18
C PHE C 69 -23.73 28.21 -39.66
N LEU C 70 -22.69 27.66 -40.29
CA LEU C 70 -21.52 28.45 -40.63
C LEU C 70 -21.82 29.51 -41.69
N LEU C 71 -22.74 29.23 -42.62
CA LEU C 71 -23.08 30.22 -43.64
C LEU C 71 -23.77 31.44 -43.01
N GLU C 72 -24.69 31.20 -42.07
CA GLU C 72 -25.31 32.30 -41.34
C GLU C 72 -24.29 33.06 -40.50
N VAL C 73 -23.34 32.33 -39.90
CA VAL C 73 -22.24 32.99 -39.20
C VAL C 73 -21.48 33.90 -40.14
N TYR C 74 -21.22 33.43 -41.37
CA TYR C 74 -20.52 34.23 -42.36
C TYR C 74 -21.30 35.49 -42.70
N ASP C 75 -22.60 35.36 -42.91
CA ASP C 75 -23.43 36.53 -43.22
C ASP C 75 -23.38 37.56 -42.10
N ILE C 76 -23.56 37.10 -40.85
CA ILE C 76 -23.61 38.03 -39.73
C ILE C 76 -22.26 38.69 -39.51
N LEU C 77 -21.17 37.93 -39.63
CA LEU C 77 -19.83 38.51 -39.50
C LEU C 77 -19.56 39.54 -40.60
N TYR C 78 -19.98 39.23 -41.83
CA TYR C 78 -19.84 40.17 -42.94
C TYR C 78 -20.52 41.49 -42.60
N ASP C 79 -21.78 41.44 -42.16
CA ASP C 79 -22.50 42.66 -41.86
C ASP C 79 -21.87 43.42 -40.70
N LEU C 80 -21.44 42.69 -39.65
CA LEU C 80 -20.85 43.35 -38.50
C LEU C 80 -19.54 44.04 -38.84
N PHE C 81 -18.70 43.39 -39.66
CA PHE C 81 -17.46 44.02 -40.11
C PHE C 81 -17.77 45.24 -40.98
N GLU C 82 -18.76 45.13 -41.87
CA GLU C 82 -19.06 46.24 -42.77
C GLU C 82 -19.55 47.46 -42.01
N GLU C 83 -20.38 47.26 -40.98
CA GLU C 83 -20.94 48.38 -40.24
C GLU C 83 -19.93 49.13 -39.41
N ASN C 84 -18.71 48.60 -39.22
CA ASN C 84 -17.70 49.24 -38.39
C ASN C 84 -16.36 49.33 -39.11
N ILE C 85 -16.38 49.48 -40.44
CA ILE C 85 -15.14 49.43 -41.21
C ILE C 85 -14.28 50.67 -40.96
N TYR C 86 -14.93 51.85 -40.85
CA TYR C 86 -14.16 53.09 -40.69
C TYR C 86 -13.39 53.11 -39.38
N GLU C 87 -14.02 52.68 -38.28
CA GLU C 87 -13.30 52.60 -37.03
C GLU C 87 -12.20 51.55 -37.07
N LEU C 88 -12.40 50.49 -37.86
CA LEU C 88 -11.34 49.50 -38.04
C LEU C 88 -10.14 50.08 -38.75
N LYS C 89 -10.37 50.90 -39.78
CA LYS C 89 -9.27 51.55 -40.47
C LYS C 89 -8.60 52.60 -39.60
N LYS C 90 -9.37 53.25 -38.72
CA LYS C 90 -8.79 54.26 -37.83
C LYS C 90 -7.93 53.61 -36.75
N LYS C 91 -8.44 52.55 -36.11
CA LYS C 91 -7.78 51.97 -34.95
C LYS C 91 -6.70 50.96 -35.31
N TYR C 92 -6.76 50.38 -36.50
CA TYR C 92 -5.76 49.45 -36.98
C TYR C 92 -5.13 50.00 -38.25
N ASP C 93 -4.29 49.18 -38.89
CA ASP C 93 -3.67 49.58 -40.15
C ASP C 93 -4.75 49.86 -41.19
N GLU C 94 -4.86 51.12 -41.62
CA GLU C 94 -5.89 51.49 -42.57
C GLU C 94 -5.72 50.77 -43.91
N ASN C 95 -4.52 50.29 -44.21
CA ASN C 95 -4.31 49.52 -45.43
C ASN C 95 -4.82 48.09 -45.30
N TYR C 96 -4.73 47.49 -44.11
CA TYR C 96 -5.14 46.10 -43.94
C TYR C 96 -6.64 45.99 -43.71
N TRP C 97 -7.17 46.76 -42.76
CA TRP C 97 -8.59 46.71 -42.41
C TRP C 97 -9.37 47.55 -43.41
N THR C 98 -9.54 46.99 -44.60
CA THR C 98 -10.31 47.62 -45.67
C THR C 98 -11.33 46.62 -46.19
N VAL C 99 -12.43 47.15 -46.74
CA VAL C 99 -13.56 46.31 -47.14
C VAL C 99 -13.15 45.29 -48.19
N ASP C 100 -12.23 45.66 -49.09
CA ASP C 100 -11.86 44.80 -50.20
C ASP C 100 -11.36 43.43 -49.74
N ASN C 101 -10.72 43.37 -48.57
CA ASN C 101 -10.18 42.12 -48.06
C ASN C 101 -11.12 41.37 -47.12
N ILE C 102 -12.27 41.97 -46.79
CA ILE C 102 -13.06 41.49 -45.65
C ILE C 102 -13.39 40.02 -45.80
N HIS C 103 -13.89 39.63 -46.99
CA HIS C 103 -14.20 38.24 -47.29
C HIS C 103 -13.09 37.31 -46.81
N ARG C 104 -11.87 37.53 -47.31
CA ARG C 104 -10.75 36.65 -46.98
C ARG C 104 -10.58 36.54 -45.47
N HIS C 105 -10.67 37.68 -44.76
CA HIS C 105 -10.49 37.67 -43.32
C HIS C 105 -11.45 36.69 -42.67
N ILE C 106 -12.74 36.75 -43.03
CA ILE C 106 -13.72 35.86 -42.42
C ILE C 106 -13.35 34.42 -42.67
N LEU C 107 -12.85 34.11 -43.88
CA LEU C 107 -12.52 32.73 -44.20
C LEU C 107 -11.16 32.32 -43.68
N ASN C 108 -10.37 33.25 -43.14
CA ASN C 108 -9.00 32.92 -42.75
C ASN C 108 -8.77 32.87 -41.24
N TYR C 109 -9.47 33.70 -40.45
CA TYR C 109 -9.21 33.79 -39.02
C TYR C 109 -10.46 33.68 -38.16
N CYS C 110 -11.64 33.50 -38.73
CA CYS C 110 -12.88 33.53 -37.96
C CYS C 110 -13.62 32.20 -37.96
N ILE C 111 -13.87 31.62 -39.13
CA ILE C 111 -14.73 30.44 -39.25
C ILE C 111 -13.89 29.18 -39.08
N TYR C 112 -14.38 28.25 -38.26
CA TYR C 112 -13.80 26.92 -38.12
C TYR C 112 -14.91 25.89 -38.16
N GLY C 113 -14.76 24.88 -39.00
CA GLY C 113 -15.74 23.81 -39.10
C GLY C 113 -15.07 22.46 -39.09
N ALA C 114 -15.80 21.47 -38.59
CA ALA C 114 -15.28 20.11 -38.51
C ALA C 114 -16.42 19.13 -38.75
N ASP C 115 -16.12 18.09 -39.53
CA ASP C 115 -17.12 17.05 -39.77
C ASP C 115 -16.44 15.77 -40.20
N ILE C 116 -17.18 14.66 -40.07
CA ILE C 116 -16.66 13.33 -40.38
C ILE C 116 -16.89 12.94 -41.84
N ASP C 117 -17.75 13.66 -42.56
CA ASP C 117 -18.10 13.32 -43.94
C ASP C 117 -17.32 14.19 -44.91
N GLU C 118 -16.61 13.54 -45.84
CA GLU C 118 -15.81 14.28 -46.82
C GLU C 118 -16.69 15.07 -47.78
N LYS C 119 -17.78 14.45 -48.26
CA LYS C 119 -18.63 15.10 -49.25
C LYS C 119 -19.30 16.35 -48.69
N ALA C 120 -19.75 16.28 -47.43
CA ALA C 120 -20.39 17.45 -46.81
C ALA C 120 -19.41 18.59 -46.66
N ILE C 121 -18.18 18.30 -46.22
CA ILE C 121 -17.18 19.35 -46.06
C ILE C 121 -16.79 19.92 -47.42
N SER C 122 -16.79 19.09 -48.47
CA SER C 122 -16.50 19.59 -49.81
C SER C 122 -17.61 20.52 -50.30
N ILE C 123 -18.87 20.14 -50.05
CA ILE C 123 -19.99 21.01 -50.41
C ILE C 123 -19.88 22.33 -49.67
N LEU C 124 -19.54 22.28 -48.38
CA LEU C 124 -19.40 23.50 -47.60
C LEU C 124 -18.28 24.39 -48.14
N LYS C 125 -17.14 23.79 -48.48
CA LYS C 125 -16.04 24.58 -49.03
C LYS C 125 -16.43 25.22 -50.36
N ASP C 126 -17.10 24.45 -51.23
CA ASP C 126 -17.53 24.99 -52.52
C ASP C 126 -18.53 26.12 -52.33
N SER C 127 -19.43 25.99 -51.34
CA SER C 127 -20.39 27.05 -51.08
C SER C 127 -19.72 28.29 -50.51
N LEU C 128 -18.75 28.11 -49.61
CA LEU C 128 -18.01 29.25 -49.08
C LEU C 128 -17.20 29.94 -50.17
N THR C 129 -16.80 29.20 -51.21
CA THR C 129 -16.16 29.83 -52.35
C THR C 129 -17.08 30.82 -53.03
N ASN C 130 -18.35 30.45 -53.21
CA ASN C 130 -19.32 31.34 -53.85
C ASN C 130 -19.95 32.29 -52.83
N ILE C 142 -6.74 31.95 -49.53
CA ILE C 142 -7.01 31.99 -48.10
C ILE C 142 -7.38 30.60 -47.60
N LYS C 143 -6.75 30.17 -46.51
CA LYS C 143 -7.05 28.86 -45.92
C LYS C 143 -8.38 28.90 -45.21
N ILE C 144 -9.25 27.94 -45.51
CA ILE C 144 -10.61 27.96 -44.97
C ILE C 144 -10.65 27.48 -43.52
N ASN C 145 -9.71 26.61 -43.12
CA ASN C 145 -9.68 26.02 -41.78
C ASN C 145 -10.91 25.15 -41.53
N LEU C 146 -11.20 24.28 -42.49
CA LEU C 146 -12.18 23.21 -42.33
C LEU C 146 -11.46 21.88 -42.12
N PHE C 147 -11.98 21.06 -41.22
CA PHE C 147 -11.35 19.80 -40.85
C PHE C 147 -12.31 18.65 -41.07
N CYS C 148 -11.82 17.59 -41.73
CA CYS C 148 -12.60 16.39 -42.00
C CYS C 148 -12.00 15.26 -41.17
N CYS C 149 -12.56 15.05 -39.98
CA CYS C 149 -12.03 14.07 -39.04
C CYS C 149 -13.13 13.73 -38.04
N ASP C 150 -12.76 12.98 -37.00
CA ASP C 150 -13.64 12.70 -35.87
C ASP C 150 -13.50 13.84 -34.88
N SER C 151 -14.57 14.62 -34.71
CA SER C 151 -14.50 15.81 -33.87
C SER C 151 -14.19 15.46 -32.41
N LEU C 152 -14.57 14.27 -31.96
CA LEU C 152 -14.31 13.88 -30.59
C LEU C 152 -12.85 13.53 -30.33
N LYS C 153 -12.05 13.36 -31.37
CA LYS C 153 -10.65 12.99 -31.22
C LYS C 153 -9.66 14.05 -31.70
N LYS C 154 -10.06 14.95 -32.60
CA LYS C 154 -9.14 15.96 -33.10
C LYS C 154 -8.70 16.89 -31.97
N LYS C 155 -7.39 16.90 -31.69
CA LYS C 155 -6.85 17.80 -30.70
C LYS C 155 -6.85 19.23 -31.23
N TRP C 156 -7.17 20.18 -30.35
CA TRP C 156 -7.26 21.58 -30.72
C TRP C 156 -6.14 22.36 -30.06
N ARG C 157 -5.40 23.14 -30.86
CA ARG C 157 -4.27 23.89 -30.34
C ARG C 157 -4.69 25.19 -29.66
N TYR C 158 -5.81 25.77 -30.08
CA TYR C 158 -6.29 27.03 -29.51
C TYR C 158 -7.76 26.90 -29.14
N LYS C 159 -8.16 27.58 -28.08
CA LYS C 159 -9.56 27.60 -27.68
C LYS C 159 -10.35 28.55 -28.58
N PHE C 160 -11.67 28.55 -28.39
CA PHE C 160 -12.57 29.27 -29.27
C PHE C 160 -13.45 30.23 -28.48
N ASP C 161 -13.83 31.33 -29.13
CA ASP C 161 -14.69 32.32 -28.50
C ASP C 161 -16.16 31.93 -28.58
N TYR C 162 -16.59 31.34 -29.69
CA TYR C 162 -18.00 31.01 -29.90
C TYR C 162 -18.11 29.63 -30.54
N ILE C 163 -19.10 28.85 -30.09
CA ILE C 163 -19.38 27.52 -30.62
C ILE C 163 -20.88 27.39 -30.82
N VAL C 164 -21.28 26.93 -32.01
CA VAL C 164 -22.67 26.69 -32.36
C VAL C 164 -22.76 25.37 -33.12
N GLY C 165 -23.97 24.84 -33.21
CA GLY C 165 -24.20 23.72 -34.09
C GLY C 165 -25.25 22.76 -33.55
N ASN C 166 -25.43 21.67 -34.31
CA ASN C 166 -26.43 20.63 -34.03
C ASN C 166 -25.72 19.28 -34.05
N PRO C 167 -25.33 18.76 -32.91
CA PRO C 167 -24.51 17.53 -32.87
C PRO C 167 -25.32 16.30 -33.25
N PRO C 168 -24.67 15.17 -33.54
CA PRO C 168 -25.41 13.95 -33.83
C PRO C 168 -25.98 13.30 -32.57
N TYR C 169 -27.16 12.71 -32.71
CA TYR C 169 -27.81 11.97 -31.63
C TYR C 169 -27.74 10.49 -31.99
N ILE C 170 -26.99 9.70 -31.22
CA ILE C 170 -26.89 8.26 -31.45
C ILE C 170 -27.03 7.54 -30.11
N GLY C 171 -28.04 6.68 -30.00
CA GLY C 171 -28.31 5.97 -28.77
C GLY C 171 -27.40 4.78 -28.57
N HIS C 172 -27.67 4.05 -27.48
CA HIS C 172 -26.80 2.93 -27.12
C HIS C 172 -26.97 1.74 -28.05
N LYS C 173 -28.10 1.61 -28.74
CA LYS C 173 -28.31 0.50 -29.65
C LYS C 173 -27.76 0.76 -31.06
N LYS C 174 -27.56 2.02 -31.44
CA LYS C 174 -27.12 2.36 -32.78
C LYS C 174 -25.62 2.67 -32.86
N LEU C 175 -24.91 2.65 -31.74
CA LEU C 175 -23.48 2.88 -31.72
C LEU C 175 -22.72 1.57 -31.88
N GLU C 176 -21.65 1.61 -32.68
CA GLU C 176 -20.76 0.46 -32.79
C GLU C 176 -20.00 0.25 -31.49
N LYS C 177 -19.78 -1.02 -31.14
CA LYS C 177 -19.24 -1.35 -29.82
C LYS C 177 -17.82 -0.82 -29.61
N LYS C 178 -17.00 -0.82 -30.66
CA LYS C 178 -15.62 -0.33 -30.52
C LYS C 178 -15.60 1.15 -30.16
N TYR C 179 -16.41 1.95 -30.87
CA TYR C 179 -16.49 3.37 -30.53
C TYR C 179 -17.05 3.57 -29.13
N LYS C 180 -17.95 2.68 -28.69
CA LYS C 180 -18.44 2.77 -27.32
C LYS C 180 -17.34 2.48 -26.31
N LYS C 181 -16.44 1.54 -26.62
CA LYS C 181 -15.28 1.34 -25.77
C LYS C 181 -14.44 2.61 -25.68
N PHE C 182 -14.20 3.25 -26.82
CA PHE C 182 -13.44 4.49 -26.83
C PHE C 182 -14.12 5.57 -25.98
N LEU C 183 -15.45 5.70 -26.11
CA LEU C 183 -16.18 6.73 -25.38
C LEU C 183 -16.20 6.45 -23.88
N LEU C 184 -16.37 5.18 -23.49
CA LEU C 184 -16.29 4.82 -22.08
C LEU C 184 -14.89 5.07 -21.53
N GLU C 185 -13.87 5.02 -22.39
CA GLU C 185 -12.52 5.31 -21.94
C GLU C 185 -12.31 6.81 -21.72
N LYS C 186 -12.50 7.62 -22.75
CA LYS C 186 -12.04 9.01 -22.72
C LYS C 186 -13.11 10.02 -22.34
N TYR C 187 -14.40 9.67 -22.40
CA TYR C 187 -15.47 10.59 -22.05
C TYR C 187 -16.28 10.08 -20.86
N SER C 188 -15.64 9.34 -19.95
CA SER C 188 -16.35 8.70 -18.85
C SER C 188 -16.97 9.69 -17.88
N GLU C 189 -16.57 10.96 -17.92
CA GLU C 189 -17.14 11.95 -17.01
C GLU C 189 -18.62 12.17 -17.28
N VAL C 190 -19.08 11.93 -18.51
CA VAL C 190 -20.48 12.14 -18.85
C VAL C 190 -21.10 10.88 -19.47
N TYR C 191 -20.27 10.03 -20.08
CA TYR C 191 -20.76 8.90 -20.86
C TYR C 191 -20.62 7.61 -20.07
N LYS C 192 -21.75 7.04 -19.66
CA LYS C 192 -21.80 5.74 -19.02
C LYS C 192 -23.09 5.04 -19.44
N ASP C 193 -23.05 3.70 -19.42
CA ASP C 193 -24.24 2.87 -19.58
C ASP C 193 -25.04 3.23 -20.84
N LYS C 194 -26.31 3.62 -20.65
CA LYS C 194 -27.22 3.86 -21.75
C LYS C 194 -27.18 5.30 -22.25
N ALA C 195 -26.09 6.04 -21.99
CA ALA C 195 -25.99 7.43 -22.38
C ALA C 195 -25.89 7.57 -23.90
N ASP C 196 -25.83 8.82 -24.36
CA ASP C 196 -25.91 9.17 -25.77
C ASP C 196 -24.68 9.96 -26.19
N LEU C 197 -24.43 9.97 -27.51
CA LEU C 197 -23.24 10.62 -28.06
C LEU C 197 -23.26 12.14 -27.84
N TYR C 198 -24.44 12.76 -27.88
CA TYR C 198 -24.49 14.20 -27.70
C TYR C 198 -24.07 14.61 -26.29
N PHE C 199 -24.05 13.66 -25.33
CA PHE C 199 -23.40 13.93 -24.06
C PHE C 199 -21.93 14.25 -24.26
N CYS C 200 -21.24 13.41 -25.04
CA CYS C 200 -19.82 13.60 -25.30
C CYS C 200 -19.58 14.88 -26.10
N PHE C 201 -20.49 15.20 -27.02
CA PHE C 201 -20.33 16.47 -27.74
C PHE C 201 -20.50 17.67 -26.79
N TYR C 202 -21.44 17.58 -25.84
CA TYR C 202 -21.55 18.61 -24.81
C TYR C 202 -20.23 18.79 -24.07
N LYS C 203 -19.63 17.67 -23.62
CA LYS C 203 -18.38 17.75 -22.87
C LYS C 203 -17.27 18.37 -23.70
N LYS C 204 -17.14 17.93 -24.96
CA LYS C 204 -16.09 18.46 -25.83
C LYS C 204 -16.27 19.96 -26.06
N ILE C 205 -17.50 20.39 -26.29
CA ILE C 205 -17.77 21.82 -26.51
C ILE C 205 -17.41 22.63 -25.28
N ILE C 206 -17.81 22.14 -24.10
CA ILE C 206 -17.48 22.86 -22.87
C ILE C 206 -15.97 22.98 -22.70
N ASP C 207 -15.24 21.90 -23.01
CA ASP C 207 -13.81 21.87 -22.75
C ASP C 207 -13.02 22.88 -23.59
N ILE C 208 -13.37 23.01 -24.87
CA ILE C 208 -12.58 23.82 -25.80
C ILE C 208 -13.15 25.23 -25.94
N LEU C 209 -13.95 25.68 -24.98
CA LEU C 209 -14.49 27.03 -24.99
C LEU C 209 -13.55 27.94 -24.20
N LYS C 210 -13.07 29.00 -24.86
CA LYS C 210 -12.20 29.95 -24.19
C LYS C 210 -12.96 30.67 -23.07
N GLN C 211 -12.24 30.97 -21.98
CA GLN C 211 -12.86 31.62 -20.84
C GLN C 211 -13.49 32.95 -21.26
N GLY C 212 -14.75 33.14 -20.88
CA GLY C 212 -15.53 34.27 -21.36
C GLY C 212 -16.26 34.04 -22.66
N GLY C 213 -16.11 32.86 -23.27
CA GLY C 213 -16.81 32.56 -24.51
C GLY C 213 -18.24 32.10 -24.27
N ILE C 214 -18.97 31.98 -25.37
CA ILE C 214 -20.40 31.67 -25.34
C ILE C 214 -20.68 30.49 -26.27
N GLY C 215 -21.47 29.53 -25.77
CA GLY C 215 -21.87 28.39 -26.57
C GLY C 215 -23.38 28.28 -26.62
N SER C 216 -23.90 27.80 -27.75
CA SER C 216 -25.33 27.64 -27.95
C SER C 216 -25.57 26.49 -28.92
N VAL C 217 -26.40 25.53 -28.51
CA VAL C 217 -26.66 24.34 -29.33
C VAL C 217 -28.12 23.93 -29.22
N ILE C 218 -28.54 23.09 -30.17
CA ILE C 218 -29.83 22.41 -30.13
C ILE C 218 -29.56 20.91 -30.06
N THR C 219 -30.13 20.26 -29.05
CA THR C 219 -29.91 18.84 -28.79
C THR C 219 -31.24 18.20 -28.41
N PRO C 220 -31.29 16.90 -28.16
CA PRO C 220 -32.49 16.34 -27.50
C PRO C 220 -32.63 16.89 -26.09
N ARG C 221 -33.85 16.86 -25.60
CA ARG C 221 -34.18 17.40 -24.29
C ARG C 221 -34.12 16.35 -23.17
N TYR C 222 -33.84 15.10 -23.50
CA TYR C 222 -34.01 14.01 -22.53
C TYR C 222 -33.01 14.09 -21.39
N PHE C 223 -31.81 14.62 -21.64
CA PHE C 223 -30.79 14.67 -20.59
C PHE C 223 -31.21 15.57 -19.43
N LEU C 224 -32.20 16.44 -19.63
CA LEU C 224 -32.64 17.33 -18.55
C LEU C 224 -33.33 16.56 -17.43
N GLU C 225 -33.93 15.41 -17.74
CA GLU C 225 -34.70 14.64 -16.77
C GLU C 225 -34.25 13.20 -16.63
N SER C 226 -33.45 12.68 -17.56
CA SER C 226 -33.20 11.25 -17.65
C SER C 226 -32.15 10.82 -16.62
N LEU C 227 -32.24 9.54 -16.24
CA LEU C 227 -31.24 8.93 -15.36
C LEU C 227 -29.85 9.00 -15.98
N SER C 228 -29.74 8.55 -17.24
CA SER C 228 -28.45 8.55 -17.93
C SER C 228 -27.85 9.95 -18.03
N GLY C 229 -28.67 10.99 -17.95
CA GLY C 229 -28.17 12.34 -18.04
C GLY C 229 -27.58 12.90 -16.78
N LYS C 230 -27.75 12.23 -15.63
CA LYS C 230 -27.37 12.81 -14.34
C LYS C 230 -25.96 13.37 -14.38
N ASP C 231 -24.98 12.51 -14.71
CA ASP C 231 -23.59 12.95 -14.76
C ASP C 231 -23.44 14.19 -15.63
N LEU C 232 -23.99 14.15 -16.84
CA LEU C 232 -23.85 15.29 -17.75
C LEU C 232 -24.36 16.56 -17.11
N ARG C 233 -25.50 16.50 -16.43
CA ARG C 233 -26.04 17.71 -15.80
C ARG C 233 -25.04 18.27 -14.80
N GLU C 234 -24.46 17.41 -13.97
CA GLU C 234 -23.48 17.90 -13.00
C GLU C 234 -22.25 18.47 -13.71
N TYR C 235 -21.89 17.93 -14.87
CA TYR C 235 -20.76 18.47 -15.60
C TYR C 235 -21.08 19.85 -16.15
N ILE C 236 -22.35 20.13 -16.45
CA ILE C 236 -22.71 21.43 -17.00
C ILE C 236 -22.69 22.49 -15.90
N LYS C 237 -23.51 22.29 -14.86
CA LYS C 237 -23.65 23.30 -13.82
C LYS C 237 -22.36 23.54 -13.06
N SER C 238 -21.37 22.64 -13.18
CA SER C 238 -20.10 22.81 -12.50
C SER C 238 -19.07 23.55 -13.33
N ASN C 239 -19.29 23.75 -14.64
CA ASN C 239 -18.24 24.28 -15.50
C ASN C 239 -18.63 25.49 -16.32
N VAL C 240 -19.92 25.78 -16.49
CA VAL C 240 -20.36 26.96 -17.24
C VAL C 240 -21.52 27.61 -16.50
N ASN C 241 -21.79 28.86 -16.84
CA ASN C 241 -23.00 29.54 -16.41
C ASN C 241 -24.07 29.32 -17.47
N VAL C 242 -25.21 28.76 -17.05
CA VAL C 242 -26.30 28.46 -17.96
C VAL C 242 -27.13 29.73 -18.12
N GLN C 243 -27.06 30.34 -19.31
CA GLN C 243 -27.86 31.54 -19.57
C GLN C 243 -29.32 31.21 -19.80
N GLU C 244 -29.59 30.28 -20.72
CA GLU C 244 -30.97 30.12 -21.17
C GLU C 244 -31.23 28.71 -21.68
N ILE C 245 -32.41 28.20 -21.35
CA ILE C 245 -32.91 26.92 -21.84
C ILE C 245 -34.24 27.16 -22.54
N VAL C 246 -34.36 26.71 -23.78
CA VAL C 246 -35.61 26.70 -24.51
C VAL C 246 -36.03 25.24 -24.68
N ASP C 247 -37.15 24.87 -24.05
CA ASP C 247 -37.61 23.49 -24.03
C ASP C 247 -38.89 23.38 -24.84
N PHE C 248 -38.88 22.53 -25.87
CA PHE C 248 -40.00 22.39 -26.78
C PHE C 248 -40.93 21.24 -26.40
N LEU C 249 -40.59 20.45 -25.39
CA LEU C 249 -41.52 19.52 -24.72
C LEU C 249 -42.28 18.64 -25.70
N GLY C 250 -41.54 17.93 -26.54
CA GLY C 250 -42.20 16.97 -27.41
C GLY C 250 -42.87 17.56 -28.63
N ALA C 251 -42.71 18.86 -28.87
CA ALA C 251 -43.08 19.39 -30.17
C ALA C 251 -42.18 18.81 -31.25
N ASN C 252 -42.59 18.95 -32.49
CA ASN C 252 -41.88 18.36 -33.63
C ASN C 252 -41.14 19.47 -34.36
N ILE C 253 -39.87 19.65 -33.99
CA ILE C 253 -39.04 20.68 -34.63
C ILE C 253 -38.45 20.15 -35.93
N PHE C 254 -38.07 18.88 -35.97
CA PHE C 254 -37.49 18.27 -37.15
C PHE C 254 -38.57 17.44 -37.86
N LYS C 255 -38.81 17.75 -39.13
CA LYS C 255 -39.89 17.11 -39.87
C LYS C 255 -39.57 15.65 -40.14
N ASN C 256 -40.56 14.79 -39.90
CA ASN C 256 -40.43 13.34 -40.10
C ASN C 256 -39.30 12.74 -39.29
N ILE C 257 -38.98 13.36 -38.15
CA ILE C 257 -38.00 12.85 -37.20
C ILE C 257 -38.67 12.73 -35.85
N GLY C 258 -38.56 11.55 -35.25
CA GLY C 258 -39.16 11.31 -33.95
C GLY C 258 -38.25 11.67 -32.79
N VAL C 259 -37.85 12.93 -32.71
CA VAL C 259 -37.03 13.43 -31.60
C VAL C 259 -37.70 14.68 -31.05
N SER C 260 -37.46 14.95 -29.77
CA SER C 260 -37.95 16.13 -29.10
C SER C 260 -36.76 16.95 -28.62
N SER C 261 -36.75 18.24 -28.95
CA SER C 261 -35.53 19.04 -28.93
C SER C 261 -35.55 20.05 -27.79
N CYS C 262 -34.39 20.68 -27.61
CA CYS C 262 -34.22 21.82 -26.73
C CYS C 262 -32.99 22.59 -27.17
N ILE C 263 -32.91 23.85 -26.74
CA ILE C 263 -31.82 24.74 -27.07
C ILE C 263 -31.17 25.22 -25.78
N LEU C 264 -29.84 25.11 -25.71
CA LEU C 264 -29.08 25.46 -24.53
C LEU C 264 -28.08 26.56 -24.88
N THR C 265 -28.05 27.62 -24.06
CA THR C 265 -27.09 28.70 -24.22
C THR C 265 -26.39 28.95 -22.89
N PHE C 266 -25.06 28.90 -22.91
CA PHE C 266 -24.22 28.96 -21.72
C PHE C 266 -22.97 29.78 -22.02
N ASP C 267 -22.27 30.18 -20.96
CA ASP C 267 -21.07 31.00 -21.11
C ASP C 267 -20.06 30.63 -20.02
N LYS C 268 -18.84 31.15 -20.19
CA LYS C 268 -17.77 30.99 -19.21
C LYS C 268 -17.30 32.36 -18.73
N LYS C 269 -18.24 33.24 -18.42
CA LYS C 269 -17.94 34.61 -18.01
C LYS C 269 -17.92 34.73 -16.50
N LYS C 270 -17.70 35.94 -16.01
CA LYS C 270 -17.66 36.20 -14.57
C LYS C 270 -19.01 35.87 -13.95
N THR C 271 -19.02 34.89 -13.06
CA THR C 271 -20.27 34.35 -12.52
C THR C 271 -20.88 35.36 -11.56
N LYS C 272 -21.86 36.12 -12.06
CA LYS C 272 -22.61 37.04 -11.22
C LYS C 272 -23.74 36.29 -10.51
N GLU C 273 -24.56 37.03 -9.78
CA GLU C 273 -25.73 36.43 -9.14
C GLU C 273 -26.89 36.37 -10.12
N THR C 274 -26.64 35.81 -11.31
CA THR C 274 -27.63 35.77 -12.37
C THR C 274 -28.42 34.47 -12.34
N TYR C 275 -29.62 34.52 -12.91
CA TYR C 275 -30.53 33.39 -12.97
C TYR C 275 -30.59 32.84 -14.38
N ILE C 276 -31.05 31.60 -14.50
CA ILE C 276 -31.29 30.96 -15.78
C ILE C 276 -32.71 31.29 -16.22
N ASP C 277 -32.84 31.73 -17.47
CA ASP C 277 -34.13 31.99 -18.08
C ASP C 277 -34.62 30.72 -18.75
N VAL C 278 -35.78 30.21 -18.31
CA VAL C 278 -36.32 28.94 -18.79
C VAL C 278 -37.61 29.24 -19.54
N PHE C 279 -37.69 28.76 -20.78
CA PHE C 279 -38.85 28.92 -21.66
C PHE C 279 -39.44 27.52 -21.94
N LYS C 280 -40.61 27.25 -21.39
CA LYS C 280 -41.31 25.99 -21.60
C LYS C 280 -42.51 26.23 -22.51
N ILE C 281 -42.61 25.45 -23.60
CA ILE C 281 -43.71 25.62 -24.54
C ILE C 281 -45.02 25.22 -23.87
N LYS C 282 -46.09 25.95 -24.20
CA LYS C 282 -47.40 25.70 -23.58
C LYS C 282 -48.27 24.76 -24.40
N ASN C 283 -48.14 24.77 -25.73
CA ASN C 283 -48.89 23.88 -26.60
C ASN C 283 -47.92 23.17 -27.54
N GLU C 284 -47.97 21.84 -27.56
CA GLU C 284 -47.03 21.03 -28.32
C GLU C 284 -47.34 20.98 -29.81
N ASP C 285 -48.47 21.52 -30.25
CA ASP C 285 -48.95 21.33 -31.61
C ASP C 285 -48.48 22.40 -32.59
N ILE C 286 -47.54 23.27 -32.18
CA ILE C 286 -47.11 24.36 -33.05
C ILE C 286 -46.34 23.81 -34.25
N CYS C 287 -46.31 24.61 -35.32
CA CYS C 287 -45.51 24.33 -36.51
C CYS C 287 -44.39 25.36 -36.59
N ILE C 288 -43.15 24.88 -36.55
CA ILE C 288 -42.02 25.80 -36.53
C ILE C 288 -41.90 26.54 -37.86
N ASN C 289 -42.27 25.89 -38.97
CA ASN C 289 -42.16 26.51 -40.28
C ASN C 289 -43.20 27.59 -40.53
N LYS C 290 -44.06 27.86 -39.55
CA LYS C 290 -45.15 28.83 -39.71
C LYS C 290 -44.85 30.18 -39.08
N PHE C 291 -43.66 30.38 -38.53
CA PHE C 291 -43.31 31.62 -37.85
C PHE C 291 -42.04 32.21 -38.44
N GLU C 292 -42.03 33.55 -38.56
CA GLU C 292 -40.90 34.23 -39.18
C GLU C 292 -39.67 34.28 -38.27
N THR C 293 -39.86 34.17 -36.96
CA THR C 293 -38.77 34.33 -36.02
C THR C 293 -39.11 33.61 -34.72
N LEU C 294 -38.06 33.13 -34.03
CA LEU C 294 -38.28 32.41 -32.78
C LEU C 294 -38.66 33.33 -31.63
N GLU C 295 -38.11 34.56 -31.60
CA GLU C 295 -38.49 35.50 -30.55
C GLU C 295 -39.97 35.82 -30.58
N GLU C 296 -40.59 35.75 -31.76
CA GLU C 296 -42.03 35.92 -31.85
C GLU C 296 -42.75 34.89 -30.98
N LEU C 297 -42.32 33.63 -31.07
CA LEU C 297 -42.89 32.58 -30.24
C LEU C 297 -42.55 32.78 -28.77
N LEU C 298 -41.27 33.04 -28.47
CA LEU C 298 -40.82 33.03 -27.08
C LEU C 298 -41.50 34.12 -26.25
N LYS C 299 -41.62 35.33 -26.80
CA LYS C 299 -42.22 36.44 -26.07
C LYS C 299 -43.72 36.56 -26.31
N SER C 300 -44.38 35.44 -26.62
CA SER C 300 -45.83 35.37 -26.80
C SER C 300 -46.45 34.60 -25.64
N SER C 301 -47.74 34.34 -25.75
CA SER C 301 -48.45 33.52 -24.78
C SER C 301 -48.28 32.02 -25.02
N LYS C 302 -47.57 31.64 -26.09
CA LYS C 302 -47.33 30.23 -26.38
C LYS C 302 -46.18 29.65 -25.59
N PHE C 303 -45.43 30.48 -24.87
CA PHE C 303 -44.32 30.02 -24.05
C PHE C 303 -44.43 30.62 -22.66
N GLU C 304 -44.17 29.80 -21.65
CA GLU C 304 -44.04 30.29 -20.28
C GLU C 304 -42.57 30.53 -19.98
N HIS C 305 -42.29 31.62 -19.26
CA HIS C 305 -40.95 31.95 -18.84
C HIS C 305 -40.87 31.95 -17.31
N PHE C 306 -39.75 31.47 -16.78
CA PHE C 306 -39.46 31.65 -15.37
C PHE C 306 -37.96 31.61 -15.14
N ASN C 307 -37.57 31.93 -13.91
CA ASN C 307 -36.17 32.02 -13.52
C ASN C 307 -35.81 30.86 -12.60
N ILE C 308 -34.60 30.33 -12.78
CA ILE C 308 -34.08 29.25 -11.95
C ILE C 308 -32.72 29.66 -11.42
N ASN C 309 -32.52 29.53 -10.11
CA ASN C 309 -31.22 29.80 -9.52
C ASN C 309 -30.29 28.62 -9.80
N GLN C 310 -29.24 28.86 -10.57
CA GLN C 310 -28.32 27.78 -10.94
C GLN C 310 -27.62 27.21 -9.70
N ARG C 311 -27.26 28.09 -8.76
CA ARG C 311 -26.59 27.62 -7.54
C ARG C 311 -27.47 26.69 -6.72
N LEU C 312 -28.79 26.81 -6.86
CA LEU C 312 -29.74 26.03 -6.08
C LEU C 312 -30.14 24.73 -6.76
N LEU C 313 -29.44 24.32 -7.81
CA LEU C 313 -29.73 23.08 -8.51
C LEU C 313 -29.03 21.90 -7.84
N SER C 314 -29.72 20.76 -7.86
CA SER C 314 -29.20 19.50 -7.37
C SER C 314 -28.95 18.57 -8.57
N ASP C 315 -28.68 17.29 -8.27
CA ASP C 315 -28.47 16.31 -9.33
C ASP C 315 -29.67 16.21 -10.27
N GLU C 316 -30.86 16.57 -9.79
CA GLU C 316 -32.04 16.69 -10.64
C GLU C 316 -32.41 18.15 -10.81
N TRP C 317 -32.75 18.54 -12.04
CA TRP C 317 -33.11 19.92 -12.36
C TRP C 317 -34.62 20.02 -12.40
N ILE C 318 -35.20 20.60 -11.35
CA ILE C 318 -36.64 20.80 -11.27
C ILE C 318 -36.92 22.17 -11.87
N LEU C 319 -37.12 22.19 -13.20
CA LEU C 319 -37.37 23.44 -13.93
C LEU C 319 -38.87 23.71 -13.93
N VAL C 320 -39.35 24.26 -12.82
CA VAL C 320 -40.76 24.58 -12.62
C VAL C 320 -40.87 25.98 -12.04
N ASN C 321 -42.09 26.51 -12.09
CA ASN C 321 -42.39 27.82 -11.51
C ASN C 321 -42.55 27.69 -10.00
N LYS C 322 -42.93 28.78 -9.33
CA LYS C 322 -42.94 28.79 -7.87
C LYS C 322 -44.10 27.98 -7.31
N ASP C 323 -45.28 28.07 -7.92
CA ASP C 323 -46.43 27.32 -7.42
C ASP C 323 -46.18 25.82 -7.48
N ASP C 324 -45.64 25.36 -8.62
CA ASP C 324 -45.32 23.93 -8.75
C ASP C 324 -44.26 23.51 -7.74
N GLU C 325 -43.25 24.36 -7.51
CA GLU C 325 -42.20 24.02 -6.57
C GLU C 325 -42.76 23.88 -5.15
N THR C 326 -43.60 24.82 -4.72
CA THR C 326 -44.19 24.73 -3.39
C THR C 326 -45.10 23.52 -3.26
N PHE C 327 -45.88 23.23 -4.30
CA PHE C 327 -46.75 22.06 -4.29
C PHE C 327 -45.94 20.76 -4.17
N TYR C 328 -44.90 20.64 -4.99
CA TYR C 328 -44.05 19.46 -4.96
C TYR C 328 -43.37 19.30 -3.61
N ASN C 329 -42.85 20.40 -3.04
CA ASN C 329 -42.17 20.30 -1.76
C ASN C 329 -43.15 19.97 -0.63
N LYS C 330 -44.38 20.49 -0.70
CA LYS C 330 -45.37 20.15 0.30
C LYS C 330 -45.67 18.66 0.29
N ILE C 331 -45.89 18.10 -0.91
CA ILE C 331 -46.15 16.65 -1.00
C ILE C 331 -44.94 15.88 -0.51
N GLN C 332 -43.73 16.33 -0.88
CA GLN C 332 -42.51 15.64 -0.48
C GLN C 332 -42.36 15.60 1.03
N GLU C 333 -42.63 16.71 1.70
CA GLU C 333 -42.51 16.76 3.16
C GLU C 333 -43.59 15.93 3.83
N LYS C 334 -44.83 16.00 3.33
CA LYS C 334 -45.95 15.38 4.03
C LYS C 334 -45.91 13.86 4.03
N CYS C 335 -45.21 13.25 3.07
CA CYS C 335 -45.27 11.80 2.88
C CYS C 335 -44.07 11.12 3.51
N LYS C 336 -44.34 10.06 4.29
CA LYS C 336 -43.30 9.28 4.95
C LYS C 336 -42.78 8.15 4.07
N TYR C 337 -43.67 7.46 3.36
CA TYR C 337 -43.30 6.31 2.56
C TYR C 337 -43.00 6.70 1.12
N SER C 338 -42.41 5.76 0.39
CA SER C 338 -42.30 5.82 -1.06
C SER C 338 -42.66 4.45 -1.62
N LEU C 339 -42.93 4.41 -2.92
CA LEU C 339 -43.27 3.13 -3.54
C LEU C 339 -42.13 2.14 -3.46
N GLU C 340 -40.88 2.62 -3.52
CA GLU C 340 -39.73 1.73 -3.41
C GLU C 340 -39.68 1.04 -2.04
N ASP C 341 -40.16 1.71 -1.00
CA ASP C 341 -40.10 1.14 0.35
C ASP C 341 -41.05 -0.03 0.52
N ILE C 342 -42.22 0.02 -0.11
CA ILE C 342 -43.31 -0.90 0.18
C ILE C 342 -43.57 -1.90 -0.93
N ALA C 343 -42.89 -1.79 -2.07
CA ALA C 343 -43.26 -2.59 -3.23
C ALA C 343 -42.03 -3.14 -3.92
N ILE C 344 -42.26 -4.24 -4.66
CA ILE C 344 -41.27 -4.89 -5.50
C ILE C 344 -41.70 -4.69 -6.95
N SER C 345 -40.80 -4.13 -7.75
CA SER C 345 -41.09 -3.73 -9.11
C SER C 345 -40.31 -4.58 -10.10
N PHE C 346 -40.88 -4.76 -11.30
CA PHE C 346 -40.17 -5.52 -12.32
C PHE C 346 -40.70 -5.20 -13.72
N GLN C 347 -39.77 -5.29 -14.68
CA GLN C 347 -40.02 -5.22 -16.11
C GLN C 347 -40.58 -6.55 -16.61
N GLY C 348 -41.23 -6.49 -17.77
CA GLY C 348 -41.91 -7.64 -18.32
C GLY C 348 -40.99 -8.57 -19.07
N ILE C 349 -41.62 -9.59 -19.68
CA ILE C 349 -40.90 -10.56 -20.49
C ILE C 349 -40.22 -9.87 -21.66
N ILE C 350 -39.03 -10.33 -22.02
CA ILE C 350 -38.36 -9.90 -23.25
C ILE C 350 -38.01 -11.16 -24.01
N THR C 351 -38.86 -11.54 -24.97
CA THR C 351 -38.63 -12.77 -25.74
C THR C 351 -37.38 -12.65 -26.61
N GLY C 352 -37.09 -11.46 -27.11
CA GLY C 352 -36.05 -11.27 -28.09
C GLY C 352 -36.50 -11.39 -29.52
N CYS C 353 -37.63 -12.05 -29.75
CA CYS C 353 -38.29 -12.06 -31.06
C CYS C 353 -39.76 -12.39 -30.82
N ASP C 354 -40.60 -11.34 -30.80
CA ASP C 354 -42.01 -11.55 -30.47
C ASP C 354 -42.74 -12.37 -31.53
N LYS C 355 -42.32 -12.27 -32.79
CA LYS C 355 -43.02 -12.96 -33.87
C LYS C 355 -42.93 -14.48 -33.75
N ALA C 356 -42.03 -15.00 -32.91
CA ALA C 356 -41.84 -16.43 -32.78
C ALA C 356 -42.55 -17.04 -31.58
N PHE C 357 -42.97 -16.23 -30.60
CA PHE C 357 -43.55 -16.75 -29.38
C PHE C 357 -44.97 -16.27 -29.11
N ILE C 358 -45.43 -15.22 -29.78
CA ILE C 358 -46.74 -14.60 -29.51
C ILE C 358 -47.68 -14.95 -30.65
N LEU C 359 -48.87 -15.45 -30.30
CA LEU C 359 -49.87 -15.79 -31.28
C LEU C 359 -51.20 -15.12 -30.94
N SER C 360 -52.02 -14.92 -31.98
CA SER C 360 -53.37 -14.41 -31.77
C SER C 360 -54.20 -15.41 -30.98
N LYS C 361 -55.12 -14.89 -30.16
CA LYS C 361 -55.94 -15.73 -29.31
C LYS C 361 -56.75 -16.74 -30.11
N ASP C 362 -57.14 -16.38 -31.34
CA ASP C 362 -57.92 -17.24 -32.21
C ASP C 362 -57.09 -17.94 -33.29
N ASP C 363 -55.76 -17.88 -33.20
CA ASP C 363 -54.92 -18.48 -34.21
C ASP C 363 -55.06 -20.01 -34.19
N VAL C 364 -55.01 -20.61 -35.39
CA VAL C 364 -55.19 -22.05 -35.50
C VAL C 364 -54.00 -22.81 -34.94
N LYS C 365 -52.79 -22.26 -35.07
CA LYS C 365 -51.59 -22.96 -34.63
C LYS C 365 -51.57 -23.21 -33.13
N LEU C 366 -52.42 -22.54 -32.37
CA LEU C 366 -52.53 -22.84 -30.94
C LEU C 366 -53.01 -24.26 -30.68
N ASN C 367 -53.57 -24.93 -31.70
CA ASN C 367 -53.90 -26.34 -31.57
C ASN C 367 -52.65 -27.19 -31.39
N LEU C 368 -51.49 -26.70 -31.82
CA LEU C 368 -50.22 -27.41 -31.67
C LEU C 368 -49.58 -27.21 -30.30
N VAL C 369 -50.14 -26.32 -29.47
CA VAL C 369 -49.53 -25.95 -28.20
C VAL C 369 -50.44 -26.40 -27.06
N ASP C 370 -49.87 -27.16 -26.12
CA ASP C 370 -50.60 -27.52 -24.92
C ASP C 370 -50.84 -26.29 -24.05
N ASP C 371 -52.01 -26.24 -23.40
CA ASP C 371 -52.40 -25.06 -22.65
C ASP C 371 -51.51 -24.80 -21.43
N LYS C 372 -50.71 -25.78 -21.01
CA LYS C 372 -49.82 -25.54 -19.86
C LYS C 372 -48.71 -24.57 -20.21
N PHE C 373 -48.36 -24.46 -21.50
CA PHE C 373 -47.29 -23.56 -21.95
C PHE C 373 -47.80 -22.17 -22.29
N LEU C 374 -49.11 -21.97 -22.39
CA LEU C 374 -49.68 -20.73 -22.88
C LEU C 374 -50.01 -19.78 -21.74
N LYS C 375 -49.65 -18.51 -21.90
CA LYS C 375 -49.95 -17.46 -20.94
C LYS C 375 -50.70 -16.33 -21.64
N CYS C 376 -51.47 -15.56 -20.88
CA CYS C 376 -52.17 -14.41 -21.42
C CYS C 376 -51.20 -13.25 -21.63
N TRP C 377 -51.35 -12.55 -22.76
CA TRP C 377 -50.37 -11.55 -23.19
C TRP C 377 -51.09 -10.23 -23.45
N ILE C 378 -50.74 -9.20 -22.70
CA ILE C 378 -51.36 -7.88 -22.85
C ILE C 378 -50.30 -6.88 -23.31
N LYS C 379 -50.74 -5.92 -24.12
CA LYS C 379 -49.91 -4.81 -24.58
C LYS C 379 -50.26 -3.55 -23.80
N SER C 380 -49.49 -2.49 -24.06
CA SER C 380 -49.62 -1.27 -23.26
C SER C 380 -51.00 -0.62 -23.42
N LYS C 381 -51.60 -0.73 -24.60
CA LYS C 381 -52.91 -0.12 -24.83
C LYS C 381 -54.02 -0.78 -24.04
N ASN C 382 -53.78 -1.96 -23.46
CA ASN C 382 -54.79 -2.66 -22.69
C ASN C 382 -54.93 -2.12 -21.26
N ILE C 383 -54.01 -1.28 -20.81
CA ILE C 383 -54.03 -0.78 -19.43
C ILE C 383 -54.91 0.45 -19.37
N ASN C 384 -55.94 0.39 -18.52
CA ASN C 384 -56.84 1.50 -18.24
C ASN C 384 -56.59 2.00 -16.81
N LYS C 385 -57.31 3.05 -16.43
CA LYS C 385 -56.99 3.76 -15.20
C LYS C 385 -57.24 2.93 -13.94
N TYR C 386 -58.08 1.89 -14.01
CA TYR C 386 -58.27 1.04 -12.84
C TYR C 386 -58.20 -0.45 -13.15
N ILE C 387 -58.53 -0.86 -14.37
CA ILE C 387 -58.64 -2.26 -14.74
C ILE C 387 -57.93 -2.50 -16.06
N VAL C 388 -57.77 -3.77 -16.41
CA VAL C 388 -57.07 -4.19 -17.62
C VAL C 388 -58.08 -4.79 -18.59
N ASP C 389 -57.94 -4.44 -19.87
CA ASP C 389 -58.77 -5.04 -20.90
C ASP C 389 -58.45 -6.52 -21.03
N LYS C 390 -59.42 -7.27 -21.55
CA LYS C 390 -59.22 -8.70 -21.79
C LYS C 390 -58.10 -8.91 -22.80
N SER C 391 -57.28 -9.93 -22.57
CA SER C 391 -56.11 -10.18 -23.40
C SER C 391 -56.52 -10.83 -24.72
N GLU C 392 -55.97 -10.31 -25.82
CA GLU C 392 -56.23 -10.83 -27.15
C GLU C 392 -55.07 -11.65 -27.71
N TYR C 393 -54.05 -11.93 -26.90
CA TYR C 393 -52.86 -12.61 -27.39
C TYR C 393 -52.42 -13.68 -26.39
N ARG C 394 -51.72 -14.69 -26.91
CA ARG C 394 -51.15 -15.76 -26.11
C ARG C 394 -49.64 -15.79 -26.28
N LEU C 395 -48.94 -16.06 -25.19
CA LEU C 395 -47.50 -16.21 -25.15
C LEU C 395 -47.16 -17.69 -24.98
N ILE C 396 -46.27 -18.20 -25.82
CA ILE C 396 -45.72 -19.54 -25.66
C ILE C 396 -44.51 -19.42 -24.73
N TYR C 397 -44.68 -19.88 -23.50
CA TYR C 397 -43.60 -19.80 -22.50
C TYR C 397 -42.67 -20.99 -22.72
N SER C 398 -41.83 -20.87 -23.76
CA SER C 398 -41.03 -22.00 -24.23
C SER C 398 -39.96 -22.43 -23.23
N ASN C 399 -39.70 -21.65 -22.18
CA ASN C 399 -38.76 -22.08 -21.16
C ASN C 399 -39.26 -23.29 -20.38
N ASP C 400 -40.54 -23.62 -20.50
CA ASP C 400 -41.12 -24.78 -19.84
C ASP C 400 -41.04 -26.03 -20.71
N ILE C 401 -40.41 -25.96 -21.87
CA ILE C 401 -40.11 -27.13 -22.69
C ILE C 401 -38.69 -27.56 -22.31
N ASP C 402 -38.57 -28.75 -21.71
CA ASP C 402 -37.30 -29.16 -21.11
C ASP C 402 -36.21 -29.33 -22.15
N ASN C 403 -36.39 -30.25 -23.10
CA ASN C 403 -35.45 -30.46 -24.18
C ASN C 403 -36.19 -30.47 -25.51
N GLU C 404 -35.43 -30.50 -26.59
CA GLU C 404 -36.00 -30.37 -27.93
C GLU C 404 -36.80 -31.61 -28.34
N ASN C 405 -36.52 -32.77 -27.74
CA ASN C 405 -37.14 -34.01 -28.20
C ASN C 405 -38.50 -34.26 -27.57
N THR C 406 -38.84 -33.57 -26.48
CA THR C 406 -40.10 -33.85 -25.79
C THR C 406 -41.30 -33.43 -26.63
N ASN C 407 -41.37 -32.15 -27.02
CA ASN C 407 -42.45 -31.62 -27.85
C ASN C 407 -41.83 -30.83 -29.00
N LYS C 408 -41.48 -31.52 -30.08
CA LYS C 408 -40.78 -30.89 -31.20
C LYS C 408 -41.73 -30.26 -32.21
N ARG C 409 -43.03 -30.53 -32.14
CA ARG C 409 -43.97 -29.94 -33.09
C ARG C 409 -44.01 -28.42 -32.94
N ILE C 410 -44.04 -27.94 -31.71
CA ILE C 410 -44.06 -26.50 -31.46
C ILE C 410 -42.81 -25.85 -32.03
N LEU C 411 -41.65 -26.46 -31.80
CA LEU C 411 -40.40 -25.89 -32.30
C LEU C 411 -40.36 -25.89 -33.81
N ASP C 412 -40.83 -26.96 -34.45
CA ASP C 412 -40.73 -27.05 -35.90
C ASP C 412 -41.74 -26.13 -36.60
N GLU C 413 -42.94 -25.97 -36.05
CA GLU C 413 -43.99 -25.30 -36.80
C GLU C 413 -44.28 -23.86 -36.35
N ILE C 414 -43.79 -23.45 -35.19
CA ILE C 414 -44.09 -22.10 -34.70
C ILE C 414 -42.80 -21.32 -34.45
N ILE C 415 -42.01 -21.78 -33.48
CA ILE C 415 -40.83 -21.03 -33.06
C ILE C 415 -39.74 -21.10 -34.14
N GLY C 416 -39.50 -22.29 -34.67
CA GLY C 416 -38.38 -22.51 -35.58
C GLY C 416 -38.47 -21.69 -36.85
N LEU C 417 -39.65 -21.17 -37.17
CA LEU C 417 -39.78 -20.31 -38.35
C LEU C 417 -38.91 -19.07 -38.26
N TYR C 418 -38.44 -18.73 -37.06
CA TYR C 418 -37.53 -17.60 -36.88
C TYR C 418 -36.20 -18.03 -36.29
N LYS C 419 -35.85 -19.31 -36.44
CA LYS C 419 -34.70 -19.90 -35.75
C LYS C 419 -33.44 -19.08 -35.98
N THR C 420 -33.16 -18.72 -37.23
CA THR C 420 -31.97 -17.94 -37.55
C THR C 420 -31.89 -16.70 -36.67
N LYS C 421 -32.96 -15.92 -36.64
CA LYS C 421 -32.96 -14.72 -35.81
C LYS C 421 -32.74 -15.07 -34.35
N LEU C 422 -33.43 -16.11 -33.87
CA LEU C 422 -33.27 -16.51 -32.48
C LEU C 422 -31.85 -16.93 -32.18
N GLU C 423 -31.13 -17.45 -33.19
CA GLU C 423 -29.77 -17.89 -32.95
C GLU C 423 -28.78 -16.74 -32.87
N ASN C 424 -29.17 -15.53 -33.27
CA ASN C 424 -28.24 -14.41 -33.25
C ASN C 424 -28.32 -13.60 -31.96
N ARG C 425 -29.21 -13.95 -31.05
CA ARG C 425 -29.30 -13.24 -29.78
C ARG C 425 -28.03 -13.49 -28.96
N ARG C 426 -27.69 -12.51 -28.12
CA ARG C 426 -26.41 -12.53 -27.43
C ARG C 426 -26.27 -13.76 -26.54
N GLU C 427 -27.31 -14.09 -25.78
CA GLU C 427 -27.23 -15.21 -24.86
C GLU C 427 -27.30 -16.57 -25.55
N CYS C 428 -27.65 -16.60 -26.84
CA CYS C 428 -27.59 -17.83 -27.62
C CYS C 428 -26.23 -18.02 -28.28
N LYS C 429 -25.61 -16.93 -28.73
CA LYS C 429 -24.26 -17.02 -29.29
C LYS C 429 -23.24 -17.42 -28.23
N SER C 430 -23.51 -17.10 -26.96
CA SER C 430 -22.64 -17.50 -25.87
C SER C 430 -23.02 -18.85 -25.27
N GLY C 431 -24.13 -19.45 -25.70
CA GLY C 431 -24.46 -20.81 -25.35
C GLY C 431 -25.24 -21.00 -24.07
N ILE C 432 -25.45 -19.94 -23.28
CA ILE C 432 -26.18 -20.10 -22.02
C ILE C 432 -27.69 -20.12 -22.20
N ARG C 433 -28.17 -19.83 -23.41
CA ARG C 433 -29.60 -19.87 -23.71
C ARG C 433 -29.82 -20.73 -24.94
N LYS C 434 -30.77 -21.65 -24.85
CA LYS C 434 -31.14 -22.46 -26.01
C LYS C 434 -31.84 -21.58 -27.04
N TRP C 435 -31.80 -22.02 -28.30
CA TRP C 435 -32.29 -21.18 -29.39
C TRP C 435 -33.80 -20.95 -29.30
N TYR C 436 -34.54 -21.88 -28.70
CA TYR C 436 -35.99 -21.77 -28.62
C TYR C 436 -36.50 -21.16 -27.33
N GLU C 437 -35.61 -20.79 -26.41
CA GLU C 437 -36.03 -20.24 -25.13
C GLU C 437 -36.18 -18.73 -25.21
N LEU C 438 -36.97 -18.18 -24.28
CA LEU C 438 -37.14 -16.74 -24.18
C LEU C 438 -35.84 -16.10 -23.70
N GLN C 439 -35.50 -14.95 -24.29
CA GLN C 439 -34.22 -14.31 -23.98
C GLN C 439 -34.18 -13.84 -22.53
N TRP C 440 -35.27 -13.22 -22.04
CA TRP C 440 -35.39 -12.81 -20.65
C TRP C 440 -36.78 -13.22 -20.18
N GLY C 441 -36.88 -14.45 -19.67
CA GLY C 441 -38.17 -15.01 -19.25
C GLY C 441 -38.61 -14.66 -17.86
N ARG C 442 -37.77 -13.98 -17.07
CA ARG C 442 -38.09 -13.56 -15.72
C ARG C 442 -38.52 -14.75 -14.86
N GLU C 443 -39.30 -14.52 -13.82
CA GLU C 443 -39.81 -15.57 -12.94
C GLU C 443 -41.33 -15.56 -12.98
N LYS C 444 -41.93 -16.69 -13.37
CA LYS C 444 -43.38 -16.75 -13.53
C LYS C 444 -44.12 -16.43 -12.24
N LEU C 445 -43.49 -16.68 -11.09
CA LEU C 445 -44.15 -16.45 -9.82
C LEU C 445 -44.38 -14.97 -9.54
N PHE C 446 -43.77 -14.07 -10.29
CA PHE C 446 -44.04 -12.65 -10.14
C PHE C 446 -45.25 -12.20 -10.94
N PHE C 447 -45.43 -12.75 -12.15
CA PHE C 447 -46.58 -12.38 -12.98
C PHE C 447 -47.86 -13.07 -12.54
N GLU C 448 -47.76 -14.30 -12.04
CA GLU C 448 -48.94 -15.12 -11.73
C GLU C 448 -49.41 -14.87 -10.29
N ARG C 449 -49.82 -13.63 -10.05
CA ARG C 449 -50.29 -13.20 -8.74
C ARG C 449 -51.04 -11.89 -8.92
N LYS C 450 -51.66 -11.43 -7.84
CA LYS C 450 -52.32 -10.13 -7.83
C LYS C 450 -51.27 -9.02 -7.78
N LYS C 451 -51.33 -8.11 -8.75
CA LYS C 451 -50.29 -7.09 -8.89
C LYS C 451 -50.88 -5.86 -9.54
N ILE C 452 -50.06 -4.80 -9.65
CA ILE C 452 -50.44 -3.56 -10.30
C ILE C 452 -49.58 -3.42 -11.55
N MET C 453 -50.21 -3.03 -12.65
CA MET C 453 -49.54 -2.88 -13.94
C MET C 453 -49.81 -1.48 -14.48
N TYR C 454 -48.86 -0.99 -15.27
CA TYR C 454 -49.03 0.31 -15.92
C TYR C 454 -48.19 0.37 -17.19
N PRO C 455 -48.64 1.10 -18.21
CA PRO C 455 -47.88 1.16 -19.47
C PRO C 455 -46.60 1.97 -19.32
N TYR C 456 -45.61 1.60 -20.13
CA TYR C 456 -44.28 2.23 -20.00
C TYR C 456 -44.25 3.64 -20.57
N LYS C 457 -45.10 3.93 -21.56
CA LYS C 457 -45.25 5.26 -22.12
C LYS C 457 -46.73 5.58 -22.19
N SER C 458 -47.12 6.75 -21.67
CA SER C 458 -48.53 7.10 -21.59
C SER C 458 -48.67 8.60 -21.51
N ASN C 459 -49.91 9.07 -21.71
CA ASN C 459 -50.25 10.47 -21.54
C ASN C 459 -50.64 10.82 -20.11
N GLU C 460 -50.93 9.83 -19.27
CA GLU C 460 -51.45 10.09 -17.94
C GLU C 460 -51.19 8.88 -17.06
N ASN C 461 -51.51 9.03 -15.77
CA ASN C 461 -51.34 7.95 -14.80
C ASN C 461 -52.41 6.88 -15.03
N ARG C 462 -51.98 5.68 -15.39
CA ARG C 462 -52.88 4.55 -15.62
C ARG C 462 -52.35 3.35 -14.84
N PHE C 463 -52.77 3.23 -13.58
CA PHE C 463 -52.33 2.15 -12.69
C PHE C 463 -53.49 1.18 -12.47
N ALA C 464 -53.42 0.01 -13.09
CA ALA C 464 -54.49 -0.96 -13.03
C ALA C 464 -54.12 -2.13 -12.12
N ILE C 465 -55.14 -2.78 -11.57
CA ILE C 465 -54.98 -4.01 -10.82
C ILE C 465 -55.22 -5.18 -11.76
N ASP C 466 -54.29 -6.14 -11.78
CA ASP C 466 -54.41 -7.32 -12.61
C ASP C 466 -54.88 -8.49 -11.76
N TYR C 467 -56.04 -9.03 -12.09
CA TYR C 467 -56.59 -10.21 -11.42
C TYR C 467 -56.39 -11.49 -12.23
N ASP C 468 -55.84 -11.41 -13.44
CA ASP C 468 -55.90 -12.50 -14.41
C ASP C 468 -54.54 -13.07 -14.78
N ASN C 469 -53.50 -12.83 -13.97
CA ASN C 469 -52.17 -13.37 -14.20
C ASN C 469 -51.66 -13.05 -15.60
N ASN C 470 -51.71 -11.76 -15.96
CA ASN C 470 -51.31 -11.34 -17.28
C ASN C 470 -49.80 -11.20 -17.39
N PHE C 471 -49.25 -11.70 -18.48
CA PHE C 471 -47.86 -11.48 -18.86
C PHE C 471 -47.79 -10.37 -19.90
N SER C 472 -46.64 -9.73 -19.99
CA SER C 472 -46.47 -8.61 -20.90
C SER C 472 -45.00 -8.46 -21.28
N SER C 473 -44.77 -7.73 -22.37
CA SER C 473 -43.42 -7.39 -22.79
C SER C 473 -42.93 -6.20 -21.95
N ALA C 474 -41.84 -5.58 -22.37
CA ALA C 474 -41.27 -4.47 -21.61
C ALA C 474 -42.08 -3.18 -21.75
N ASP C 475 -43.16 -3.18 -22.52
CA ASP C 475 -43.99 -1.99 -22.64
C ASP C 475 -44.99 -1.85 -21.50
N VAL C 476 -45.05 -2.82 -20.59
CA VAL C 476 -45.87 -2.75 -19.39
C VAL C 476 -44.99 -3.11 -18.20
N TYR C 477 -45.08 -2.32 -17.13
CA TYR C 477 -44.32 -2.56 -15.91
C TYR C 477 -45.28 -3.04 -14.82
N SER C 478 -44.74 -3.82 -13.87
CA SER C 478 -45.56 -4.36 -12.80
C SER C 478 -44.89 -4.15 -11.46
N PHE C 479 -45.70 -4.15 -10.40
CA PHE C 479 -45.17 -4.24 -9.05
C PHE C 479 -46.22 -4.86 -8.12
N PHE C 480 -45.75 -5.29 -6.96
CA PHE C 480 -46.63 -5.86 -5.94
C PHE C 480 -46.14 -5.46 -4.56
N ILE C 481 -47.05 -5.50 -3.59
CA ILE C 481 -46.76 -5.00 -2.25
C ILE C 481 -45.96 -6.02 -1.47
N LYS C 482 -44.94 -5.53 -0.75
CA LYS C 482 -44.14 -6.39 0.12
C LYS C 482 -45.01 -7.00 1.21
N GLU C 483 -44.66 -8.24 1.58
CA GLU C 483 -45.47 -8.98 2.56
C GLU C 483 -45.56 -8.25 3.90
N GLU C 484 -44.50 -7.54 4.29
CA GLU C 484 -44.51 -6.84 5.56
C GLU C 484 -45.35 -5.58 5.54
N TYR C 485 -45.81 -5.13 4.38
CA TYR C 485 -46.61 -3.92 4.27
C TYR C 485 -48.06 -4.16 3.89
N LEU C 486 -48.48 -5.42 3.73
CA LEU C 486 -49.85 -5.69 3.32
C LEU C 486 -50.88 -5.27 4.37
N ASP C 487 -50.46 -5.01 5.60
CA ASP C 487 -51.36 -4.53 6.64
C ASP C 487 -51.43 -3.01 6.73
N LYS C 488 -50.53 -2.30 6.05
CA LYS C 488 -50.59 -0.85 5.99
C LYS C 488 -51.13 -0.33 4.67
N PHE C 489 -50.93 -1.06 3.57
CA PHE C 489 -51.36 -0.63 2.24
C PHE C 489 -52.07 -1.77 1.54
N SER C 490 -53.07 -1.40 0.74
CA SER C 490 -53.78 -2.34 -0.12
C SER C 490 -53.61 -1.91 -1.58
N TYR C 491 -53.92 -2.84 -2.48
CA TYR C 491 -53.86 -2.51 -3.91
C TYR C 491 -54.93 -1.49 -4.28
N GLU C 492 -56.12 -1.60 -3.66
CA GLU C 492 -57.20 -0.67 -3.98
C GLU C 492 -56.86 0.76 -3.56
N TYR C 493 -56.34 0.93 -2.35
CA TYR C 493 -55.93 2.27 -1.90
C TYR C 493 -54.83 2.84 -2.78
N LEU C 494 -53.86 2.00 -3.16
CA LEU C 494 -52.76 2.47 -4.00
C LEU C 494 -53.27 2.93 -5.35
N VAL C 495 -54.13 2.14 -6.00
CA VAL C 495 -54.60 2.57 -7.31
C VAL C 495 -55.56 3.75 -7.17
N GLY C 496 -56.21 3.89 -6.01
CA GLY C 496 -57.03 5.08 -5.80
C GLY C 496 -56.20 6.35 -5.78
N ILE C 497 -55.10 6.34 -5.02
CA ILE C 497 -54.34 7.59 -4.91
C ILE C 497 -53.41 7.79 -6.11
N LEU C 498 -52.99 6.73 -6.78
CA LEU C 498 -52.05 6.87 -7.89
C LEU C 498 -52.72 7.42 -9.15
N ASN C 499 -54.01 7.15 -9.34
CA ASN C 499 -54.73 7.63 -10.50
C ASN C 499 -55.42 8.98 -10.27
N SER C 500 -55.23 9.58 -9.09
CA SER C 500 -55.87 10.84 -8.80
C SER C 500 -55.20 11.99 -9.55
N SER C 501 -55.93 13.10 -9.65
CA SER C 501 -55.39 14.29 -10.30
C SER C 501 -54.17 14.82 -9.57
N VAL C 502 -54.20 14.79 -8.24
CA VAL C 502 -53.08 15.25 -7.44
C VAL C 502 -51.80 14.51 -7.84
N TYR C 503 -51.88 13.18 -7.91
CA TYR C 503 -50.69 12.40 -8.24
C TYR C 503 -50.35 12.45 -9.72
N ASP C 504 -51.32 12.68 -10.60
CA ASP C 504 -50.99 12.90 -12.00
C ASP C 504 -50.11 14.13 -12.16
N LYS C 505 -50.51 15.25 -11.55
CA LYS C 505 -49.69 16.45 -11.60
C LYS C 505 -48.35 16.24 -10.89
N TYR C 506 -48.39 15.56 -9.73
CA TYR C 506 -47.19 15.33 -8.94
C TYR C 506 -46.15 14.53 -9.71
N PHE C 507 -46.58 13.48 -10.41
CA PHE C 507 -45.63 12.71 -11.21
C PHE C 507 -45.15 13.51 -12.40
N LYS C 508 -46.05 14.20 -13.11
CA LYS C 508 -45.62 14.92 -14.30
C LYS C 508 -44.72 16.12 -13.98
N ILE C 509 -44.60 16.51 -12.71
CA ILE C 509 -43.65 17.55 -12.35
C ILE C 509 -42.22 17.15 -12.76
N THR C 510 -41.83 15.90 -12.50
CA THR C 510 -40.45 15.46 -12.72
C THR C 510 -40.31 14.43 -13.84
N ALA C 511 -41.40 13.98 -14.44
CA ALA C 511 -41.32 12.87 -15.37
C ALA C 511 -40.60 13.26 -16.66
N LYS C 512 -40.19 12.24 -17.41
CA LYS C 512 -39.44 12.40 -18.64
C LYS C 512 -40.42 12.53 -19.81
N LYS C 513 -40.43 13.70 -20.44
CA LYS C 513 -41.32 13.93 -21.59
C LYS C 513 -40.65 13.41 -22.85
N MET C 514 -41.26 12.41 -23.49
CA MET C 514 -40.63 11.72 -24.61
C MET C 514 -41.03 12.32 -25.95
N SER C 515 -42.32 12.31 -26.27
CA SER C 515 -42.85 12.84 -27.51
C SER C 515 -44.14 13.57 -27.19
N LYS C 516 -44.90 13.91 -28.22
CA LYS C 516 -46.14 14.65 -28.00
C LYS C 516 -47.13 13.80 -27.22
N ASN C 517 -47.55 14.31 -26.06
CA ASN C 517 -48.52 13.65 -25.18
C ASN C 517 -48.02 12.30 -24.67
N ILE C 518 -46.70 12.13 -24.52
CA ILE C 518 -46.13 10.87 -24.03
C ILE C 518 -45.12 11.17 -22.94
N TYR C 519 -45.35 10.63 -21.76
CA TYR C 519 -44.37 10.62 -20.68
C TYR C 519 -43.83 9.21 -20.51
N ASP C 520 -42.59 9.13 -20.03
CA ASP C 520 -41.99 7.84 -19.67
C ASP C 520 -42.48 7.45 -18.29
N TYR C 521 -43.09 6.27 -18.18
CA TYR C 521 -43.48 5.70 -16.90
C TYR C 521 -42.60 4.47 -16.68
N TYR C 522 -41.40 4.71 -16.14
CA TYR C 522 -40.43 3.67 -15.82
C TYR C 522 -40.20 3.63 -14.32
N PRO C 523 -39.77 2.48 -13.78
CA PRO C 523 -39.60 2.39 -12.31
C PRO C 523 -38.58 3.38 -11.75
N ASN C 524 -37.59 3.80 -12.54
CA ASN C 524 -36.58 4.72 -12.02
C ASN C 524 -37.18 6.05 -11.60
N LYS C 525 -38.35 6.41 -12.11
CA LYS C 525 -39.13 7.53 -11.59
C LYS C 525 -40.33 7.09 -10.77
N VAL C 526 -41.07 6.08 -11.25
CA VAL C 526 -42.34 5.69 -10.63
C VAL C 526 -42.11 5.19 -9.20
N MET C 527 -41.03 4.44 -8.98
CA MET C 527 -40.79 3.88 -7.65
C MET C 527 -40.43 4.95 -6.62
N LYS C 528 -40.03 6.14 -7.06
CA LYS C 528 -39.70 7.24 -6.16
C LYS C 528 -40.92 8.05 -5.74
N ILE C 529 -42.11 7.72 -6.27
CA ILE C 529 -43.32 8.40 -5.84
C ILE C 529 -43.54 8.17 -4.35
N ARG C 530 -43.81 9.25 -3.62
CA ARG C 530 -43.99 9.16 -2.18
C ARG C 530 -45.47 8.96 -1.84
N ILE C 531 -45.72 8.18 -0.78
CA ILE C 531 -47.07 7.79 -0.38
C ILE C 531 -47.27 8.23 1.07
N PHE C 532 -48.53 8.36 1.46
CA PHE C 532 -48.90 8.77 2.81
C PHE C 532 -49.95 7.81 3.37
N ARG C 533 -50.07 7.84 4.70
CA ARG C 533 -51.05 7.03 5.42
C ARG C 533 -51.61 7.85 6.57
N ASP C 534 -52.93 8.02 6.59
CA ASP C 534 -53.57 8.83 7.63
C ASP C 534 -55.04 8.40 7.76
N ASN C 535 -55.84 9.23 8.44
CA ASN C 535 -57.20 8.87 8.82
C ASN C 535 -58.17 8.85 7.65
N ASN C 536 -57.77 9.32 6.48
CA ASN C 536 -58.62 9.28 5.28
C ASN C 536 -58.47 7.98 4.51
N TYR C 537 -57.71 7.03 5.04
CA TYR C 537 -57.38 5.80 4.33
C TYR C 537 -58.65 5.00 3.98
N GLU C 538 -59.54 4.83 4.95
CA GLU C 538 -60.70 3.98 4.75
C GLU C 538 -61.62 4.52 3.68
N GLU C 539 -61.87 5.83 3.67
CA GLU C 539 -62.80 6.40 2.69
C GLU C 539 -62.20 6.39 1.29
N ILE C 540 -60.90 6.68 1.17
CA ILE C 540 -60.23 6.63 -0.13
C ILE C 540 -60.29 5.20 -0.69
N GLU C 541 -59.99 4.21 0.16
CA GLU C 541 -60.05 2.83 -0.28
C GLU C 541 -61.47 2.42 -0.67
N ASN C 542 -62.47 2.87 0.10
CA ASN C 542 -63.85 2.54 -0.22
C ASN C 542 -64.26 3.13 -1.56
N LEU C 543 -63.89 4.39 -1.81
CA LEU C 543 -64.21 5.02 -3.09
C LEU C 543 -63.54 4.29 -4.25
N SER C 544 -62.26 3.91 -4.07
CA SER C 544 -61.58 3.17 -5.13
C SER C 544 -62.26 1.83 -5.39
N LYS C 545 -62.68 1.15 -4.32
CA LYS C 545 -63.38 -0.12 -4.48
C LYS C 545 -64.69 0.06 -5.24
N GLN C 546 -65.44 1.13 -4.93
CA GLN C 546 -66.66 1.41 -5.66
C GLN C 546 -66.38 1.68 -7.13
N ILE C 547 -65.31 2.43 -7.42
CA ILE C 547 -64.96 2.73 -8.80
C ILE C 547 -64.63 1.45 -9.56
N ILE C 548 -63.86 0.54 -8.93
CA ILE C 548 -63.55 -0.74 -9.55
C ILE C 548 -64.82 -1.53 -9.80
N SER C 549 -65.74 -1.53 -8.82
CA SER C 549 -67.00 -2.28 -9.00
C SER C 549 -67.81 -1.73 -10.16
N ILE C 550 -67.90 -0.41 -10.28
CA ILE C 550 -68.65 0.18 -11.40
C ILE C 550 -67.98 -0.15 -12.73
N LEU C 551 -66.65 -0.05 -12.79
CA LEU C 551 -65.95 -0.25 -14.05
C LEU C 551 -66.06 -1.67 -14.58
N LEU C 552 -66.38 -2.64 -13.72
CA LEU C 552 -66.58 -4.02 -14.16
C LEU C 552 -68.02 -4.35 -14.48
N ASN C 553 -68.98 -3.52 -14.04
CA ASN C 553 -70.38 -3.79 -14.28
C ASN C 553 -70.71 -3.68 -15.77
N LYS C 554 -71.79 -4.37 -16.17
CA LYS C 554 -72.22 -4.31 -17.56
C LYS C 554 -72.66 -2.89 -17.94
N SER C 555 -73.36 -2.21 -17.04
CA SER C 555 -73.83 -0.84 -17.27
C SER C 555 -72.92 0.10 -16.48
N ILE C 556 -72.00 0.75 -17.18
CA ILE C 556 -71.05 1.66 -16.56
C ILE C 556 -71.59 3.08 -16.64
N ASP C 557 -71.78 3.71 -15.49
CA ASP C 557 -72.25 5.09 -15.40
C ASP C 557 -71.03 5.97 -15.13
N LYS C 558 -70.51 6.61 -16.18
CA LYS C 558 -69.26 7.36 -16.05
C LYS C 558 -69.40 8.57 -15.14
N GLY C 559 -70.61 9.14 -15.03
CA GLY C 559 -70.80 10.27 -14.14
C GLY C 559 -70.63 9.91 -12.68
N LYS C 560 -71.16 8.75 -12.28
CA LYS C 560 -70.95 8.26 -10.92
C LYS C 560 -69.46 8.05 -10.65
N VAL C 561 -68.75 7.50 -11.63
CA VAL C 561 -67.31 7.29 -11.49
C VAL C 561 -66.59 8.63 -11.30
N GLU C 562 -66.97 9.64 -12.10
CA GLU C 562 -66.31 10.94 -11.97
C GLU C 562 -66.58 11.58 -10.62
N LYS C 563 -67.82 11.48 -10.13
CA LYS C 563 -68.11 12.04 -8.81
C LYS C 563 -67.33 11.35 -7.70
N LEU C 564 -67.23 10.01 -7.77
CA LEU C 564 -66.42 9.29 -6.81
C LEU C 564 -64.96 9.73 -6.87
N GLN C 565 -64.44 9.91 -8.10
CA GLN C 565 -63.06 10.34 -8.28
C GLN C 565 -62.84 11.71 -7.66
N ILE C 566 -63.79 12.64 -7.85
CA ILE C 566 -63.64 13.98 -7.30
C ILE C 566 -63.66 13.94 -5.77
N LYS C 567 -64.55 13.13 -5.19
CA LYS C 567 -64.58 13.00 -3.73
C LYS C 567 -63.25 12.48 -3.21
N MET C 568 -62.69 11.47 -3.88
CA MET C 568 -61.39 10.94 -3.47
C MET C 568 -60.30 12.00 -3.60
N ASP C 569 -60.33 12.80 -4.68
CA ASP C 569 -59.34 13.84 -4.87
C ASP C 569 -59.42 14.88 -3.75
N ASN C 570 -60.63 15.24 -3.33
CA ASN C 570 -60.78 16.16 -2.21
C ASN C 570 -60.19 15.57 -0.94
N LEU C 571 -60.42 14.28 -0.70
CA LEU C 571 -59.82 13.65 0.48
C LEU C 571 -58.31 13.68 0.43
N ILE C 572 -57.73 13.39 -0.74
CA ILE C 572 -56.27 13.38 -0.88
C ILE C 572 -55.70 14.78 -0.66
N MET C 573 -56.36 15.80 -1.22
CA MET C 573 -55.90 17.18 -1.01
C MET C 573 -55.99 17.57 0.45
N ASP C 574 -57.05 17.14 1.15
CA ASP C 574 -57.14 17.39 2.58
C ASP C 574 -56.00 16.71 3.34
N SER C 575 -55.69 15.46 2.98
CA SER C 575 -54.64 14.72 3.66
C SER C 575 -53.27 15.35 3.46
N LEU C 576 -52.96 15.77 2.24
CA LEU C 576 -51.64 16.33 1.95
C LEU C 576 -51.54 17.81 2.29
N GLY C 577 -52.62 18.44 2.71
CA GLY C 577 -52.62 19.87 2.90
C GLY C 577 -52.58 20.67 1.63
N ILE C 578 -52.60 20.00 0.47
CA ILE C 578 -52.56 20.67 -0.82
C ILE C 578 -53.84 21.47 -1.01
#